data_7H43
# 
_entry.id   7H43 
# 
_audit_conform.dict_name       mmcif_pdbx.dic 
_audit_conform.dict_version    5.397 
_audit_conform.dict_location   http://mmcif.pdb.org/dictionaries/ascii/mmcif_pdbx.dic 
# 
loop_
_database_2.database_id 
_database_2.database_code 
_database_2.pdbx_database_accession 
_database_2.pdbx_DOI 
PDB   7H43         pdb_00007h43 10.2210/pdb7h43/pdb 
WWPDB D_1001406998 ?            ?                   
# 
loop_
_pdbx_audit_revision_history.ordinal 
_pdbx_audit_revision_history.data_content_type 
_pdbx_audit_revision_history.major_revision 
_pdbx_audit_revision_history.minor_revision 
_pdbx_audit_revision_history.revision_date 
1 'Structure model' 1 0 2024-04-24 
2 'Structure model' 1 1 2024-10-16 
# 
_pdbx_audit_revision_details.ordinal             1 
_pdbx_audit_revision_details.revision_ordinal    1 
_pdbx_audit_revision_details.data_content_type   'Structure model' 
_pdbx_audit_revision_details.provider            repository 
_pdbx_audit_revision_details.type                'Initial release' 
_pdbx_audit_revision_details.description         ? 
_pdbx_audit_revision_details.details             ? 
# 
loop_
_pdbx_audit_revision_group.ordinal 
_pdbx_audit_revision_group.revision_ordinal 
_pdbx_audit_revision_group.data_content_type 
_pdbx_audit_revision_group.group 
1 2 'Structure model' 'Database references' 
2 2 'Structure model' 'Structure summary'   
# 
loop_
_pdbx_audit_revision_category.ordinal 
_pdbx_audit_revision_category.revision_ordinal 
_pdbx_audit_revision_category.data_content_type 
_pdbx_audit_revision_category.category 
1 2 'Structure model' citation           
2 2 'Structure model' citation_author    
3 2 'Structure model' pdbx_entry_details 
# 
loop_
_pdbx_audit_revision_item.ordinal 
_pdbx_audit_revision_item.revision_ordinal 
_pdbx_audit_revision_item.data_content_type 
_pdbx_audit_revision_item.item 
1 2 'Structure model' '_citation.country'                 
2 2 'Structure model' '_citation.journal_abbrev'          
3 2 'Structure model' '_citation.journal_id_CSD'          
4 2 'Structure model' '_citation.journal_id_ISSN'         
5 2 'Structure model' '_citation.pdbx_database_id_DOI'    
6 2 'Structure model' '_citation.pdbx_database_id_PubMed' 
7 2 'Structure model' '_citation.title'                   
8 2 'Structure model' '_citation.year'                    
# 
_pdbx_database_status.entry_id                        7H43 
_pdbx_database_status.status_code                     REL 
_pdbx_database_status.status_code_sf                  REL 
_pdbx_database_status.status_code_mr                  ? 
_pdbx_database_status.status_code_cs                  ? 
_pdbx_database_status.recvd_initial_deposition_date   2024-04-04 
_pdbx_database_status.status_code_nmr_data            ? 
_pdbx_database_status.deposit_site                    RCSB 
_pdbx_database_status.process_site                    RCSB 
_pdbx_database_status.SG_entry                        ? 
_pdbx_database_status.pdb_format_compatible           Y 
_pdbx_database_status.methods_development_category    ? 
# 
_pdbx_contact_author.id                 1 
_pdbx_contact_author.email              frank.von-delft@diamond.ac.uk 
_pdbx_contact_author.name_first         Frank 
_pdbx_contact_author.name_last          'von Delft' 
_pdbx_contact_author.role               'principal investigator/group leader' 
_pdbx_contact_author.identifier_ORCID   0000-0003-0378-0017 
_pdbx_contact_author.name_mi            ? 
# 
loop_
_audit_author.name 
_audit_author.pdbx_ordinal 
'Lithgo, R.M.'        1  
'Fairhead, M.'        2  
'Koekemoer, L.'       3  
'Balcomb, B.H.'       4  
'Capkin, E.'          5  
'Chandran, A.V.'      6  
'Golding, M.'         7  
'Godoy, A.S.'         8  
'Aschenbrenner, J.C.' 9  
'Marples, P.G.'       10 
'Ni, X.'              11 
'Thompson, W.'        12 
'Tomlinson, C.W.E.'   13 
'Wild, C.'            14 
'Winokan, M.'         15 
'Xavier, M.-A.E.'     16 
'Fearon, D.'          17 
'von Delft, F.'       18 
# 
_citation.id                        primary 
_citation.title                     
;Crystallographic Fragment Screen of Coxsackievirus A16 2A Protease identifies new opportunities for the development of broad-spectrum anti-enterovirals.
;
_citation.journal_abbrev            Biorxiv 
_citation.journal_volume            ? 
_citation.page_first                ? 
_citation.page_last                 ? 
_citation.year                      2024 
_citation.journal_id_ASTM           ? 
_citation.country                   US 
_citation.journal_id_ISSN           2692-8205 
_citation.journal_id_CSD            ? 
_citation.book_publisher            ? 
_citation.pdbx_database_id_PubMed   38746446 
_citation.pdbx_database_id_DOI      10.1101/2024.04.29.591684 
# 
loop_
_citation_author.citation_id 
_citation_author.name 
_citation_author.identifier_ORCID 
_citation_author.ordinal 
primary 'Lithgo, R.M.'        0000-0002-4706-9916 1  
primary 'Tomlinson, C.W.E.'   0000-0002-1845-6028 2  
primary 'Fairhead, M.'        0000-0001-5361-3933 3  
primary 'Winokan, M.'         ?                   4  
primary 'Thompson, W.'        0000-0003-1474-7810 5  
primary 'Wild, C.'            0000-0003-0654-8141 6  
primary 'Aschenbrenner, J.C.' 0000-0002-4318-0481 7  
primary 'Balcomb, B.H.'       0000-0001-7599-8467 8  
primary 'Marples, P.G.'       0000-0002-8787-7969 9  
primary 'Chandran, A.V.'      0000-0001-9942-2614 10 
primary 'Golding, M.'         0009-0004-7472-8333 11 
primary 'Koekemoer, L.'       0000-0001-9226-9127 12 
primary 'Williams, E.P.'      0000-0002-1331-9518 13 
primary 'Wang, S.'            ?                   14 
primary 'Ni, X.'              0000-0002-7769-8297 15 
primary 'MacLean, E.'         0000-0003-1680-4292 16 
primary 'Giroud, C.'          0000-0002-1629-1581 17 
primary 'Godoy, A.S.'         0000-0002-0613-9164 18 
primary 'Xavier, M.A.'        0000-0002-1709-9479 19 
primary 'Walsh, M.'           0000-0001-5683-1151 20 
primary 'Fearon, D.'          0000-0003-3529-7863 21 
primary 'von Delft, F.'       0000-0003-0378-0017 22 
# 
loop_
_entity.id 
_entity.type 
_entity.src_method 
_entity.pdbx_description 
_entity.formula_weight 
_entity.pdbx_number_of_molecules 
_entity.pdbx_ec 
_entity.pdbx_mutation 
_entity.pdbx_fragment 
_entity.details 
1 polymer     man 'Protease 2A'                                                      16493.311 1   3.4.22.29 ? ? ? 
2 non-polymer man '(2R)-3-(3,5-dimethyl-1,2-oxazol-4-yl)-N,N,2-trimethylpropanamide' 210.273   1   ?         ? ? ? 
3 non-polymer syn 'ZINC ION'                                                         65.409    1   ?         ? ? ? 
4 non-polymer syn 'DIMETHYL SULFOXIDE'                                               78.133    5   ?         ? ? ? 
5 non-polymer syn 'SULFATE ION'                                                      96.063    1   ?         ? ? ? 
6 water       nat water                                                              18.015    235 ?         ? ? ? 
# 
_entity_name_com.entity_id   1 
_entity_name_com.name        'P2A,Picornain 2A,Protein 2A' 
# 
_entity_poly.entity_id                      1 
_entity_poly.type                           'polypeptide(L)' 
_entity_poly.nstd_linkage                   no 
_entity_poly.nstd_monomer                   no 
_entity_poly.pdbx_seq_one_letter_code       
;QEQTGGSGAIYVGNYRVVNRHLATHNDWANLVWEDSSRDLLVSSTTAQGCDTIARCDCQTGVYYCSSRRKHYPVSFSKPS
LIFVEASEYYPARYQSHLMLAVGHSEPGDCGGILRCQHGVVGIVSTGGNGLVGFADVRDLLWLDEEAMEQ
;
_entity_poly.pdbx_seq_one_letter_code_can   
;QEQTGGSGAIYVGNYRVVNRHLATHNDWANLVWEDSSRDLLVSSTTAQGCDTIARCDCQTGVYYCSSRRKHYPVSFSKPS
LIFVEASEYYPARYQSHLMLAVGHSEPGDCGGILRCQHGVVGIVSTGGNGLVGFADVRDLLWLDEEAMEQ
;
_entity_poly.pdbx_strand_id                 A 
_entity_poly.pdbx_target_identifier         ? 
# 
loop_
_pdbx_entity_nonpoly.entity_id 
_pdbx_entity_nonpoly.name 
_pdbx_entity_nonpoly.comp_id 
2 '(2R)-3-(3,5-dimethyl-1,2-oxazol-4-yl)-N,N,2-trimethylpropanamide' LJ6 
3 'ZINC ION'                                                         ZN  
4 'DIMETHYL SULFOXIDE'                                               DMS 
5 'SULFATE ION'                                                      SO4 
6 water                                                              HOH 
# 
loop_
_entity_poly_seq.entity_id 
_entity_poly_seq.num 
_entity_poly_seq.mon_id 
_entity_poly_seq.hetero 
1 1   GLN n 
1 2   GLU n 
1 3   GLN n 
1 4   THR n 
1 5   GLY n 
1 6   GLY n 
1 7   SER n 
1 8   GLY n 
1 9   ALA n 
1 10  ILE n 
1 11  TYR n 
1 12  VAL n 
1 13  GLY n 
1 14  ASN n 
1 15  TYR n 
1 16  ARG n 
1 17  VAL n 
1 18  VAL n 
1 19  ASN n 
1 20  ARG n 
1 21  HIS n 
1 22  LEU n 
1 23  ALA n 
1 24  THR n 
1 25  HIS n 
1 26  ASN n 
1 27  ASP n 
1 28  TRP n 
1 29  ALA n 
1 30  ASN n 
1 31  LEU n 
1 32  VAL n 
1 33  TRP n 
1 34  GLU n 
1 35  ASP n 
1 36  SER n 
1 37  SER n 
1 38  ARG n 
1 39  ASP n 
1 40  LEU n 
1 41  LEU n 
1 42  VAL n 
1 43  SER n 
1 44  SER n 
1 45  THR n 
1 46  THR n 
1 47  ALA n 
1 48  GLN n 
1 49  GLY n 
1 50  CYS n 
1 51  ASP n 
1 52  THR n 
1 53  ILE n 
1 54  ALA n 
1 55  ARG n 
1 56  CYS n 
1 57  ASP n 
1 58  CYS n 
1 59  GLN n 
1 60  THR n 
1 61  GLY n 
1 62  VAL n 
1 63  TYR n 
1 64  TYR n 
1 65  CYS n 
1 66  SER n 
1 67  SER n 
1 68  ARG n 
1 69  ARG n 
1 70  LYS n 
1 71  HIS n 
1 72  TYR n 
1 73  PRO n 
1 74  VAL n 
1 75  SER n 
1 76  PHE n 
1 77  SER n 
1 78  LYS n 
1 79  PRO n 
1 80  SER n 
1 81  LEU n 
1 82  ILE n 
1 83  PHE n 
1 84  VAL n 
1 85  GLU n 
1 86  ALA n 
1 87  SER n 
1 88  GLU n 
1 89  TYR n 
1 90  TYR n 
1 91  PRO n 
1 92  ALA n 
1 93  ARG n 
1 94  TYR n 
1 95  GLN n 
1 96  SER n 
1 97  HIS n 
1 98  LEU n 
1 99  MET n 
1 100 LEU n 
1 101 ALA n 
1 102 VAL n 
1 103 GLY n 
1 104 HIS n 
1 105 SER n 
1 106 GLU n 
1 107 PRO n 
1 108 GLY n 
1 109 ASP n 
1 110 CYS n 
1 111 GLY n 
1 112 GLY n 
1 113 ILE n 
1 114 LEU n 
1 115 ARG n 
1 116 CYS n 
1 117 GLN n 
1 118 HIS n 
1 119 GLY n 
1 120 VAL n 
1 121 VAL n 
1 122 GLY n 
1 123 ILE n 
1 124 VAL n 
1 125 SER n 
1 126 THR n 
1 127 GLY n 
1 128 GLY n 
1 129 ASN n 
1 130 GLY n 
1 131 LEU n 
1 132 VAL n 
1 133 GLY n 
1 134 PHE n 
1 135 ALA n 
1 136 ASP n 
1 137 VAL n 
1 138 ARG n 
1 139 ASP n 
1 140 LEU n 
1 141 LEU n 
1 142 TRP n 
1 143 LEU n 
1 144 ASP n 
1 145 GLU n 
1 146 GLU n 
1 147 ALA n 
1 148 MET n 
1 149 GLU n 
1 150 GLN n 
# 
loop_
_entity_src_gen.entity_id 
_entity_src_gen.pdbx_src_id 
_entity_src_gen.pdbx_alt_source_flag 
_entity_src_gen.pdbx_seq_type 
_entity_src_gen.pdbx_beg_seq_num 
_entity_src_gen.pdbx_end_seq_num 
_entity_src_gen.gene_src_common_name 
_entity_src_gen.gene_src_genus 
_entity_src_gen.pdbx_gene_src_gene 
_entity_src_gen.gene_src_species 
_entity_src_gen.gene_src_strain 
_entity_src_gen.gene_src_tissue 
_entity_src_gen.gene_src_tissue_fraction 
_entity_src_gen.gene_src_details 
_entity_src_gen.pdbx_gene_src_fragment 
_entity_src_gen.pdbx_gene_src_scientific_name 
_entity_src_gen.pdbx_gene_src_ncbi_taxonomy_id 
_entity_src_gen.pdbx_gene_src_variant 
_entity_src_gen.pdbx_gene_src_cell_line 
_entity_src_gen.pdbx_gene_src_atcc 
_entity_src_gen.pdbx_gene_src_organ 
_entity_src_gen.pdbx_gene_src_organelle 
_entity_src_gen.pdbx_gene_src_cell 
_entity_src_gen.pdbx_gene_src_cellular_location 
_entity_src_gen.host_org_common_name 
_entity_src_gen.pdbx_host_org_scientific_name 
_entity_src_gen.pdbx_host_org_ncbi_taxonomy_id 
_entity_src_gen.host_org_genus 
_entity_src_gen.pdbx_host_org_gene 
_entity_src_gen.pdbx_host_org_organ 
_entity_src_gen.host_org_species 
_entity_src_gen.pdbx_host_org_tissue 
_entity_src_gen.pdbx_host_org_tissue_fraction 
_entity_src_gen.pdbx_host_org_strain 
_entity_src_gen.pdbx_host_org_variant 
_entity_src_gen.pdbx_host_org_cell_line 
_entity_src_gen.pdbx_host_org_atcc 
_entity_src_gen.pdbx_host_org_culture_collection 
_entity_src_gen.pdbx_host_org_cell 
_entity_src_gen.pdbx_host_org_organelle 
_entity_src_gen.pdbx_host_org_cellular_location 
_entity_src_gen.pdbx_host_org_vector_type 
_entity_src_gen.pdbx_host_org_vector 
_entity_src_gen.host_org_details 
_entity_src_gen.expression_system_id 
_entity_src_gen.plasmid_name 
_entity_src_gen.plasmid_details 
_entity_src_gen.pdbx_description 
1 1 sample 'Biological sequence' 1 150 ? ? ? ? ? ? ? ? ? 'Coxsackievirus A16' 31704 ? ? ? ? ? ? ? ? 'Escherichia coli' 562 ? ? ? ? 
? ? ? ? ? ? ? ? ? ? ? ? ? ? ? ? ? 
2 1 sample ?                     ? ?   ? ? ? ? ? ? ? ? ? 'Coxsackievirus A16' 31704 ? ? ? ? ? ? ? ? 'Escherichia coli' 562 ? ? ? ? 
? ? ? ? ? ? ? ? ? ? ? ? ? ? ? ? ? 
# 
loop_
_chem_comp.id 
_chem_comp.type 
_chem_comp.mon_nstd_flag 
_chem_comp.name 
_chem_comp.pdbx_synonyms 
_chem_comp.formula 
_chem_comp.formula_weight 
ALA 'L-peptide linking' y ALANINE                                                            ? 'C3 H7 N O2'     89.093  
ARG 'L-peptide linking' y ARGININE                                                           ? 'C6 H15 N4 O2 1' 175.209 
ASN 'L-peptide linking' y ASPARAGINE                                                         ? 'C4 H8 N2 O3'    132.118 
ASP 'L-peptide linking' y 'ASPARTIC ACID'                                                    ? 'C4 H7 N O4'     133.103 
CYS 'L-peptide linking' y CYSTEINE                                                           ? 'C3 H7 N O2 S'   121.158 
DMS non-polymer         . 'DIMETHYL SULFOXIDE'                                               ? 'C2 H6 O S'      78.133  
GLN 'L-peptide linking' y GLUTAMINE                                                          ? 'C5 H10 N2 O3'   146.144 
GLU 'L-peptide linking' y 'GLUTAMIC ACID'                                                    ? 'C5 H9 N O4'     147.129 
GLY 'peptide linking'   y GLYCINE                                                            ? 'C2 H5 N O2'     75.067  
HIS 'L-peptide linking' y HISTIDINE                                                          ? 'C6 H10 N3 O2 1' 156.162 
HOH non-polymer         . WATER                                                              ? 'H2 O'           18.015  
ILE 'L-peptide linking' y ISOLEUCINE                                                         ? 'C6 H13 N O2'    131.173 
LEU 'L-peptide linking' y LEUCINE                                                            ? 'C6 H13 N O2'    131.173 
LJ6 non-polymer         . '(2R)-3-(3,5-dimethyl-1,2-oxazol-4-yl)-N,N,2-trimethylpropanamide' ? 'C11 H18 N2 O2'  210.273 
LYS 'L-peptide linking' y LYSINE                                                             ? 'C6 H15 N2 O2 1' 147.195 
MET 'L-peptide linking' y METHIONINE                                                         ? 'C5 H11 N O2 S'  149.211 
PHE 'L-peptide linking' y PHENYLALANINE                                                      ? 'C9 H11 N O2'    165.189 
PRO 'L-peptide linking' y PROLINE                                                            ? 'C5 H9 N O2'     115.130 
SER 'L-peptide linking' y SERINE                                                             ? 'C3 H7 N O3'     105.093 
SO4 non-polymer         . 'SULFATE ION'                                                      ? 'O4 S -2'        96.063  
THR 'L-peptide linking' y THREONINE                                                          ? 'C4 H9 N O3'     119.119 
TRP 'L-peptide linking' y TRYPTOPHAN                                                         ? 'C11 H12 N2 O2'  204.225 
TYR 'L-peptide linking' y TYROSINE                                                           ? 'C9 H11 N O3'    181.189 
VAL 'L-peptide linking' y VALINE                                                             ? 'C5 H11 N O2'    117.146 
ZN  non-polymer         . 'ZINC ION'                                                         ? 'Zn 2'           65.409  
# 
loop_
_pdbx_poly_seq_scheme.asym_id 
_pdbx_poly_seq_scheme.entity_id 
_pdbx_poly_seq_scheme.seq_id 
_pdbx_poly_seq_scheme.mon_id 
_pdbx_poly_seq_scheme.ndb_seq_num 
_pdbx_poly_seq_scheme.pdb_seq_num 
_pdbx_poly_seq_scheme.auth_seq_num 
_pdbx_poly_seq_scheme.pdb_mon_id 
_pdbx_poly_seq_scheme.auth_mon_id 
_pdbx_poly_seq_scheme.pdb_strand_id 
_pdbx_poly_seq_scheme.pdb_ins_code 
_pdbx_poly_seq_scheme.hetero 
A 1 1   GLN 1   1   ?   ?   ?   A . n 
A 1 2   GLU 2   2   ?   ?   ?   A . n 
A 1 3   GLN 3   3   ?   ?   ?   A . n 
A 1 4   THR 4   4   ?   ?   ?   A . n 
A 1 5   GLY 5   5   ?   ?   ?   A . n 
A 1 6   GLY 6   6   ?   ?   ?   A . n 
A 1 7   SER 7   7   7   SER SER A . n 
A 1 8   GLY 8   8   8   GLY GLY A . n 
A 1 9   ALA 9   9   9   ALA ALA A . n 
A 1 10  ILE 10  10  10  ILE ILE A . n 
A 1 11  TYR 11  11  11  TYR TYR A . n 
A 1 12  VAL 12  12  12  VAL VAL A . n 
A 1 13  GLY 13  13  13  GLY GLY A . n 
A 1 14  ASN 14  14  14  ASN ASN A . n 
A 1 15  TYR 15  15  15  TYR TYR A . n 
A 1 16  ARG 16  16  16  ARG ARG A . n 
A 1 17  VAL 17  17  17  VAL VAL A . n 
A 1 18  VAL 18  18  18  VAL VAL A . n 
A 1 19  ASN 19  19  19  ASN ASN A . n 
A 1 20  ARG 20  20  20  ARG ARG A . n 
A 1 21  HIS 21  21  21  HIS HIS A . n 
A 1 22  LEU 22  22  22  LEU LEU A . n 
A 1 23  ALA 23  23  23  ALA ALA A . n 
A 1 24  THR 24  24  24  THR THR A . n 
A 1 25  HIS 25  25  25  HIS HIS A . n 
A 1 26  ASN 26  26  26  ASN ASN A . n 
A 1 27  ASP 27  27  27  ASP ASP A . n 
A 1 28  TRP 28  28  28  TRP TRP A . n 
A 1 29  ALA 29  29  29  ALA ALA A . n 
A 1 30  ASN 30  30  30  ASN ASN A . n 
A 1 31  LEU 31  31  31  LEU LEU A . n 
A 1 32  VAL 32  32  32  VAL VAL A . n 
A 1 33  TRP 33  33  33  TRP TRP A . n 
A 1 34  GLU 34  34  34  GLU GLU A . n 
A 1 35  ASP 35  35  35  ASP ASP A . n 
A 1 36  SER 36  36  36  SER SER A . n 
A 1 37  SER 37  37  37  SER SER A . n 
A 1 38  ARG 38  38  38  ARG ARG A . n 
A 1 39  ASP 39  39  39  ASP ASP A . n 
A 1 40  LEU 40  40  40  LEU LEU A . n 
A 1 41  LEU 41  41  41  LEU LEU A . n 
A 1 42  VAL 42  42  42  VAL VAL A . n 
A 1 43  SER 43  43  43  SER SER A . n 
A 1 44  SER 44  44  44  SER SER A . n 
A 1 45  THR 45  45  45  THR THR A . n 
A 1 46  THR 46  46  46  THR THR A . n 
A 1 47  ALA 47  47  47  ALA ALA A . n 
A 1 48  GLN 48  48  48  GLN GLN A . n 
A 1 49  GLY 49  49  49  GLY GLY A . n 
A 1 50  CYS 50  50  50  CYS CYS A . n 
A 1 51  ASP 51  51  51  ASP ASP A . n 
A 1 52  THR 52  52  52  THR THR A . n 
A 1 53  ILE 53  53  53  ILE ILE A . n 
A 1 54  ALA 54  54  54  ALA ALA A . n 
A 1 55  ARG 55  55  55  ARG ARG A . n 
A 1 56  CYS 56  56  56  CYS CYS A . n 
A 1 57  ASP 57  57  57  ASP ASP A . n 
A 1 58  CYS 58  58  58  CYS CYS A . n 
A 1 59  GLN 59  59  59  GLN GLN A . n 
A 1 60  THR 60  60  60  THR THR A . n 
A 1 61  GLY 61  61  61  GLY GLY A . n 
A 1 62  VAL 62  62  62  VAL VAL A . n 
A 1 63  TYR 63  63  63  TYR TYR A . n 
A 1 64  TYR 64  64  64  TYR TYR A . n 
A 1 65  CYS 65  65  65  CYS CYS A . n 
A 1 66  SER 66  66  66  SER SER A . n 
A 1 67  SER 67  67  67  SER SER A . n 
A 1 68  ARG 68  68  68  ARG ARG A . n 
A 1 69  ARG 69  69  69  ARG ARG A . n 
A 1 70  LYS 70  70  70  LYS LYS A . n 
A 1 71  HIS 71  71  71  HIS HIS A . n 
A 1 72  TYR 72  72  72  TYR TYR A . n 
A 1 73  PRO 73  73  73  PRO PRO A . n 
A 1 74  VAL 74  74  74  VAL VAL A . n 
A 1 75  SER 75  75  75  SER SER A . n 
A 1 76  PHE 76  76  76  PHE PHE A . n 
A 1 77  SER 77  77  77  SER SER A . n 
A 1 78  LYS 78  78  78  LYS LYS A . n 
A 1 79  PRO 79  79  79  PRO PRO A . n 
A 1 80  SER 80  80  80  SER SER A . n 
A 1 81  LEU 81  81  81  LEU LEU A . n 
A 1 82  ILE 82  82  82  ILE ILE A . n 
A 1 83  PHE 83  83  83  PHE PHE A . n 
A 1 84  VAL 84  84  84  VAL VAL A . n 
A 1 85  GLU 85  85  85  GLU GLU A . n 
A 1 86  ALA 86  86  86  ALA ALA A . n 
A 1 87  SER 87  87  87  SER SER A . n 
A 1 88  GLU 88  88  88  GLU GLU A . n 
A 1 89  TYR 89  89  89  TYR TYR A . n 
A 1 90  TYR 90  90  90  TYR TYR A . n 
A 1 91  PRO 91  91  91  PRO PRO A . n 
A 1 92  ALA 92  92  92  ALA ALA A . n 
A 1 93  ARG 93  93  93  ARG ARG A . n 
A 1 94  TYR 94  94  94  TYR TYR A . n 
A 1 95  GLN 95  95  95  GLN GLN A . n 
A 1 96  SER 96  96  96  SER SER A . n 
A 1 97  HIS 97  97  97  HIS HIS A . n 
A 1 98  LEU 98  98  98  LEU LEU A . n 
A 1 99  MET 99  99  99  MET MET A . n 
A 1 100 LEU 100 100 100 LEU LEU A . n 
A 1 101 ALA 101 101 101 ALA ALA A . n 
A 1 102 VAL 102 102 102 VAL VAL A . n 
A 1 103 GLY 103 103 103 GLY GLY A . n 
A 1 104 HIS 104 104 104 HIS HIS A . n 
A 1 105 SER 105 105 105 SER SER A . n 
A 1 106 GLU 106 106 106 GLU GLU A . n 
A 1 107 PRO 107 107 107 PRO PRO A . n 
A 1 108 GLY 108 108 108 GLY GLY A . n 
A 1 109 ASP 109 109 109 ASP ASP A . n 
A 1 110 CYS 110 110 110 CYS CYS A . n 
A 1 111 GLY 111 111 111 GLY GLY A . n 
A 1 112 GLY 112 112 112 GLY GLY A . n 
A 1 113 ILE 113 113 113 ILE ILE A . n 
A 1 114 LEU 114 114 114 LEU LEU A . n 
A 1 115 ARG 115 115 115 ARG ARG A . n 
A 1 116 CYS 116 116 116 CYS CYS A . n 
A 1 117 GLN 117 117 117 GLN GLN A . n 
A 1 118 HIS 118 118 118 HIS HIS A . n 
A 1 119 GLY 119 119 119 GLY GLY A . n 
A 1 120 VAL 120 120 120 VAL VAL A . n 
A 1 121 VAL 121 121 121 VAL VAL A . n 
A 1 122 GLY 122 122 122 GLY GLY A . n 
A 1 123 ILE 123 123 123 ILE ILE A . n 
A 1 124 VAL 124 124 124 VAL VAL A . n 
A 1 125 SER 125 125 125 SER SER A . n 
A 1 126 THR 126 126 126 THR THR A . n 
A 1 127 GLY 127 127 127 GLY GLY A . n 
A 1 128 GLY 128 128 128 GLY GLY A . n 
A 1 129 ASN 129 129 129 ASN ASN A . n 
A 1 130 GLY 130 130 130 GLY GLY A . n 
A 1 131 LEU 131 131 131 LEU LEU A . n 
A 1 132 VAL 132 132 132 VAL VAL A . n 
A 1 133 GLY 133 133 133 GLY GLY A . n 
A 1 134 PHE 134 134 134 PHE PHE A . n 
A 1 135 ALA 135 135 135 ALA ALA A . n 
A 1 136 ASP 136 136 136 ASP ASP A . n 
A 1 137 VAL 137 137 137 VAL VAL A . n 
A 1 138 ARG 138 138 138 ARG ARG A . n 
A 1 139 ASP 139 139 139 ASP ASP A . n 
A 1 140 LEU 140 140 140 LEU LEU A . n 
A 1 141 LEU 141 141 141 LEU LEU A . n 
A 1 142 TRP 142 142 142 TRP TRP A . n 
A 1 143 LEU 143 143 143 LEU LEU A . n 
A 1 144 ASP 144 144 144 ASP ASP A . n 
A 1 145 GLU 145 145 145 GLU GLU A . n 
A 1 146 GLU 146 146 146 GLU GLU A . n 
A 1 147 ALA 147 147 ?   ?   ?   A . n 
A 1 148 MET 148 148 ?   ?   ?   A . n 
A 1 149 GLU 149 149 ?   ?   ?   A . n 
A 1 150 GLN 150 150 ?   ?   ?   A . n 
# 
loop_
_pdbx_nonpoly_scheme.asym_id 
_pdbx_nonpoly_scheme.entity_id 
_pdbx_nonpoly_scheme.mon_id 
_pdbx_nonpoly_scheme.ndb_seq_num 
_pdbx_nonpoly_scheme.pdb_seq_num 
_pdbx_nonpoly_scheme.auth_seq_num 
_pdbx_nonpoly_scheme.pdb_mon_id 
_pdbx_nonpoly_scheme.auth_mon_id 
_pdbx_nonpoly_scheme.pdb_strand_id 
_pdbx_nonpoly_scheme.pdb_ins_code 
B 2 LJ6 1   201 147 LJ6 LIG A . 
C 3 ZN  1   202 1   ZN  ZN  A . 
D 4 DMS 1   203 -1  DMS DMS A . 
E 4 DMS 1   204 0   DMS DMS A . 
F 4 DMS 1   205 1   DMS DMS A . 
G 4 DMS 1   206 3   DMS DMS A . 
H 4 DMS 1   207 6   DMS DMS A . 
I 5 SO4 1   208 1   SO4 SO4 A . 
J 6 HOH 1   301 137 HOH HOH A . 
J 6 HOH 2   302 227 HOH HOH A . 
J 6 HOH 3   303 238 HOH HOH A . 
J 6 HOH 4   304 215 HOH HOH A . 
J 6 HOH 5   305 3   HOH HOH A . 
J 6 HOH 6   306 250 HOH HOH A . 
J 6 HOH 7   307 94  HOH HOH A . 
J 6 HOH 8   308 150 HOH HOH A . 
J 6 HOH 9   309 245 HOH HOH A . 
J 6 HOH 10  310 34  HOH HOH A . 
J 6 HOH 11  311 186 HOH HOH A . 
J 6 HOH 12  312 248 HOH HOH A . 
J 6 HOH 13  313 131 HOH HOH A . 
J 6 HOH 14  314 107 HOH HOH A . 
J 6 HOH 15  315 249 HOH HOH A . 
J 6 HOH 16  316 193 HOH HOH A . 
J 6 HOH 17  317 181 HOH HOH A . 
J 6 HOH 18  318 217 HOH HOH A . 
J 6 HOH 19  319 191 HOH HOH A . 
J 6 HOH 20  320 77  HOH HOH A . 
J 6 HOH 21  321 133 HOH HOH A . 
J 6 HOH 22  322 116 HOH HOH A . 
J 6 HOH 23  323 152 HOH HOH A . 
J 6 HOH 24  324 72  HOH HOH A . 
J 6 HOH 25  325 68  HOH HOH A . 
J 6 HOH 26  326 103 HOH HOH A . 
J 6 HOH 27  327 57  HOH HOH A . 
J 6 HOH 28  328 148 HOH HOH A . 
J 6 HOH 29  329 30  HOH HOH A . 
J 6 HOH 30  330 4   HOH HOH A . 
J 6 HOH 31  331 46  HOH HOH A . 
J 6 HOH 32  332 88  HOH HOH A . 
J 6 HOH 33  333 104 HOH HOH A . 
J 6 HOH 34  334 182 HOH HOH A . 
J 6 HOH 35  335 173 HOH HOH A . 
J 6 HOH 36  336 16  HOH HOH A . 
J 6 HOH 37  337 21  HOH HOH A . 
J 6 HOH 38  338 37  HOH HOH A . 
J 6 HOH 39  339 59  HOH HOH A . 
J 6 HOH 40  340 205 HOH HOH A . 
J 6 HOH 41  341 211 HOH HOH A . 
J 6 HOH 42  342 184 HOH HOH A . 
J 6 HOH 43  343 60  HOH HOH A . 
J 6 HOH 44  344 234 HOH HOH A . 
J 6 HOH 45  345 13  HOH HOH A . 
J 6 HOH 46  346 178 HOH HOH A . 
J 6 HOH 47  347 97  HOH HOH A . 
J 6 HOH 48  348 2   HOH HOH A . 
J 6 HOH 49  349 216 HOH HOH A . 
J 6 HOH 50  350 183 HOH HOH A . 
J 6 HOH 51  351 24  HOH HOH A . 
J 6 HOH 52  352 47  HOH HOH A . 
J 6 HOH 53  353 109 HOH HOH A . 
J 6 HOH 54  354 81  HOH HOH A . 
J 6 HOH 55  355 33  HOH HOH A . 
J 6 HOH 56  356 147 HOH HOH A . 
J 6 HOH 57  357 161 HOH HOH A . 
J 6 HOH 58  358 195 HOH HOH A . 
J 6 HOH 59  359 7   HOH HOH A . 
J 6 HOH 60  360 168 HOH HOH A . 
J 6 HOH 61  361 219 HOH HOH A . 
J 6 HOH 62  362 43  HOH HOH A . 
J 6 HOH 63  363 29  HOH HOH A . 
J 6 HOH 64  364 124 HOH HOH A . 
J 6 HOH 65  365 53  HOH HOH A . 
J 6 HOH 66  366 70  HOH HOH A . 
J 6 HOH 67  367 180 HOH HOH A . 
J 6 HOH 68  368 28  HOH HOH A . 
J 6 HOH 69  369 36  HOH HOH A . 
J 6 HOH 70  370 67  HOH HOH A . 
J 6 HOH 71  371 45  HOH HOH A . 
J 6 HOH 72  372 197 HOH HOH A . 
J 6 HOH 73  373 79  HOH HOH A . 
J 6 HOH 74  374 19  HOH HOH A . 
J 6 HOH 75  375 14  HOH HOH A . 
J 6 HOH 76  376 25  HOH HOH A . 
J 6 HOH 77  377 63  HOH HOH A . 
J 6 HOH 78  378 39  HOH HOH A . 
J 6 HOH 79  379 119 HOH HOH A . 
J 6 HOH 80  380 167 HOH HOH A . 
J 6 HOH 81  381 27  HOH HOH A . 
J 6 HOH 82  382 71  HOH HOH A . 
J 6 HOH 83  383 121 HOH HOH A . 
J 6 HOH 84  384 52  HOH HOH A . 
J 6 HOH 85  385 9   HOH HOH A . 
J 6 HOH 86  386 90  HOH HOH A . 
J 6 HOH 87  387 111 HOH HOH A . 
J 6 HOH 88  388 179 HOH HOH A . 
J 6 HOH 89  389 169 HOH HOH A . 
J 6 HOH 90  390 138 HOH HOH A . 
J 6 HOH 91  391 26  HOH HOH A . 
J 6 HOH 92  392 113 HOH HOH A . 
J 6 HOH 93  393 144 HOH HOH A . 
J 6 HOH 94  394 15  HOH HOH A . 
J 6 HOH 95  395 78  HOH HOH A . 
J 6 HOH 96  396 12  HOH HOH A . 
J 6 HOH 97  397 120 HOH HOH A . 
J 6 HOH 98  398 100 HOH HOH A . 
J 6 HOH 99  399 106 HOH HOH A . 
J 6 HOH 100 400 50  HOH HOH A . 
J 6 HOH 101 401 91  HOH HOH A . 
J 6 HOH 102 402 62  HOH HOH A . 
J 6 HOH 103 403 82  HOH HOH A . 
J 6 HOH 104 404 174 HOH HOH A . 
J 6 HOH 105 405 141 HOH HOH A . 
J 6 HOH 106 406 177 HOH HOH A . 
J 6 HOH 107 407 112 HOH HOH A . 
J 6 HOH 108 408 84  HOH HOH A . 
J 6 HOH 109 409 48  HOH HOH A . 
J 6 HOH 110 410 55  HOH HOH A . 
J 6 HOH 111 411 17  HOH HOH A . 
J 6 HOH 112 412 42  HOH HOH A . 
J 6 HOH 113 413 5   HOH HOH A . 
J 6 HOH 114 414 66  HOH HOH A . 
J 6 HOH 115 415 49  HOH HOH A . 
J 6 HOH 116 416 95  HOH HOH A . 
J 6 HOH 117 417 214 HOH HOH A . 
J 6 HOH 118 418 20  HOH HOH A . 
J 6 HOH 119 419 18  HOH HOH A . 
J 6 HOH 120 420 155 HOH HOH A . 
J 6 HOH 121 421 54  HOH HOH A . 
J 6 HOH 122 422 212 HOH HOH A . 
J 6 HOH 123 423 204 HOH HOH A . 
J 6 HOH 124 424 176 HOH HOH A . 
J 6 HOH 125 425 105 HOH HOH A . 
J 6 HOH 126 426 41  HOH HOH A . 
J 6 HOH 127 427 40  HOH HOH A . 
J 6 HOH 128 428 170 HOH HOH A . 
J 6 HOH 129 429 126 HOH HOH A . 
J 6 HOH 130 430 220 HOH HOH A . 
J 6 HOH 131 431 146 HOH HOH A . 
J 6 HOH 132 432 80  HOH HOH A . 
J 6 HOH 133 433 69  HOH HOH A . 
J 6 HOH 134 434 93  HOH HOH A . 
J 6 HOH 135 435 31  HOH HOH A . 
J 6 HOH 136 436 118 HOH HOH A . 
J 6 HOH 137 437 11  HOH HOH A . 
J 6 HOH 138 438 198 HOH HOH A . 
J 6 HOH 139 439 51  HOH HOH A . 
J 6 HOH 140 440 35  HOH HOH A . 
J 6 HOH 141 441 58  HOH HOH A . 
J 6 HOH 142 442 64  HOH HOH A . 
J 6 HOH 143 443 102 HOH HOH A . 
J 6 HOH 144 444 247 HOH HOH A . 
J 6 HOH 145 445 203 HOH HOH A . 
J 6 HOH 146 446 132 HOH HOH A . 
J 6 HOH 147 447 76  HOH HOH A . 
J 6 HOH 148 448 38  HOH HOH A . 
J 6 HOH 149 449 237 HOH HOH A . 
J 6 HOH 150 450 23  HOH HOH A . 
J 6 HOH 151 451 192 HOH HOH A . 
J 6 HOH 152 452 213 HOH HOH A . 
J 6 HOH 153 453 10  HOH HOH A . 
J 6 HOH 154 454 136 HOH HOH A . 
J 6 HOH 155 455 123 HOH HOH A . 
J 6 HOH 156 456 108 HOH HOH A . 
J 6 HOH 157 457 156 HOH HOH A . 
J 6 HOH 158 458 210 HOH HOH A . 
J 6 HOH 159 459 224 HOH HOH A . 
J 6 HOH 160 460 6   HOH HOH A . 
J 6 HOH 161 461 89  HOH HOH A . 
J 6 HOH 162 462 159 HOH HOH A . 
J 6 HOH 163 463 135 HOH HOH A . 
J 6 HOH 164 464 218 HOH HOH A . 
J 6 HOH 165 465 61  HOH HOH A . 
J 6 HOH 166 466 74  HOH HOH A . 
J 6 HOH 167 467 110 HOH HOH A . 
J 6 HOH 168 468 101 HOH HOH A . 
J 6 HOH 169 469 230 HOH HOH A . 
J 6 HOH 170 470 246 HOH HOH A . 
J 6 HOH 171 471 200 HOH HOH A . 
J 6 HOH 172 472 22  HOH HOH A . 
J 6 HOH 173 473 171 HOH HOH A . 
J 6 HOH 174 474 154 HOH HOH A . 
J 6 HOH 175 475 117 HOH HOH A . 
J 6 HOH 176 476 65  HOH HOH A . 
J 6 HOH 177 477 231 HOH HOH A . 
J 6 HOH 178 478 158 HOH HOH A . 
J 6 HOH 179 479 175 HOH HOH A . 
J 6 HOH 180 480 233 HOH HOH A . 
J 6 HOH 181 481 87  HOH HOH A . 
J 6 HOH 182 482 228 HOH HOH A . 
J 6 HOH 183 483 98  HOH HOH A . 
J 6 HOH 184 484 151 HOH HOH A . 
J 6 HOH 185 485 99  HOH HOH A . 
J 6 HOH 186 486 201 HOH HOH A . 
J 6 HOH 187 487 162 HOH HOH A . 
J 6 HOH 188 488 157 HOH HOH A . 
J 6 HOH 189 489 232 HOH HOH A . 
J 6 HOH 190 490 207 HOH HOH A . 
J 6 HOH 191 491 239 HOH HOH A . 
J 6 HOH 192 492 134 HOH HOH A . 
J 6 HOH 193 493 190 HOH HOH A . 
J 6 HOH 194 494 140 HOH HOH A . 
J 6 HOH 195 495 83  HOH HOH A . 
J 6 HOH 196 496 229 HOH HOH A . 
J 6 HOH 197 497 240 HOH HOH A . 
J 6 HOH 198 498 127 HOH HOH A . 
J 6 HOH 199 499 225 HOH HOH A . 
J 6 HOH 200 500 226 HOH HOH A . 
J 6 HOH 201 501 86  HOH HOH A . 
J 6 HOH 202 502 189 HOH HOH A . 
J 6 HOH 203 503 163 HOH HOH A . 
J 6 HOH 204 504 122 HOH HOH A . 
J 6 HOH 205 505 73  HOH HOH A . 
J 6 HOH 206 506 172 HOH HOH A . 
J 6 HOH 207 507 185 HOH HOH A . 
J 6 HOH 208 508 223 HOH HOH A . 
J 6 HOH 209 509 32  HOH HOH A . 
J 6 HOH 210 510 85  HOH HOH A . 
J 6 HOH 211 511 202 HOH HOH A . 
J 6 HOH 212 512 221 HOH HOH A . 
J 6 HOH 213 513 209 HOH HOH A . 
J 6 HOH 214 514 199 HOH HOH A . 
J 6 HOH 215 515 114 HOH HOH A . 
J 6 HOH 216 516 165 HOH HOH A . 
J 6 HOH 217 517 56  HOH HOH A . 
J 6 HOH 218 518 187 HOH HOH A . 
J 6 HOH 219 519 236 HOH HOH A . 
J 6 HOH 220 520 208 HOH HOH A . 
J 6 HOH 221 521 129 HOH HOH A . 
J 6 HOH 222 522 75  HOH HOH A . 
J 6 HOH 223 523 235 HOH HOH A . 
J 6 HOH 224 524 241 HOH HOH A . 
J 6 HOH 225 525 142 HOH HOH A . 
J 6 HOH 226 526 153 HOH HOH A . 
J 6 HOH 227 527 206 HOH HOH A . 
J 6 HOH 228 528 222 HOH HOH A . 
J 6 HOH 229 529 92  HOH HOH A . 
J 6 HOH 230 530 243 HOH HOH A . 
J 6 HOH 231 531 160 HOH HOH A . 
J 6 HOH 232 532 125 HOH HOH A . 
J 6 HOH 233 533 242 HOH HOH A . 
J 6 HOH 234 534 164 HOH HOH A . 
J 6 HOH 235 535 244 HOH HOH A . 
# 
loop_
_software.classification 
_software.name 
_software.version 
_software.citation_id 
_software.pdbx_ordinal 
refinement       REFMAC  5.8.0267 ? 1 
refinement       REFMAC5 .        ? 2 
'data scaling'   Aimless .        ? 3 
phasing          PHASER  .        ? 4 
'data reduction' XDS     .        ? 5 
# 
_cell.entry_id           7H43 
_cell.length_a           86.473 
_cell.length_b           56.354 
_cell.length_c           32.466 
_cell.angle_alpha        90.00 
_cell.angle_beta         95.41 
_cell.angle_gamma        90.00 
_cell.Z_PDB              4 
_cell.pdbx_unique_axis   ? 
# 
_symmetry.entry_id                         7H43 
_symmetry.space_group_name_H-M             'C 1 2 1' 
_symmetry.pdbx_full_space_group_name_H-M   ? 
_symmetry.cell_setting                     ? 
_symmetry.Int_Tables_number                5 
# 
_exptl.entry_id          7H43 
_exptl.method            'X-RAY DIFFRACTION' 
_exptl.crystals_number   1 
# 
_exptl_crystal.id                    1 
_exptl_crystal.density_meas          ? 
_exptl_crystal.density_Matthews      2.39 
_exptl_crystal.density_percent_sol   48.48 
_exptl_crystal.description           ? 
# 
_exptl_crystal_grow.crystal_id      1 
_exptl_crystal_grow.method          'VAPOR DIFFUSION, SITTING DROP' 
_exptl_crystal_grow.pH              6.05 
_exptl_crystal_grow.temp            293.15 
_exptl_crystal_grow.pdbx_details    '0.1 M MES, pH 6.05, 16 % PEG 20,000' 
_exptl_crystal_grow.temp_details    ? 
_exptl_crystal_grow.pdbx_pH_range   ? 
# 
_diffrn.id                     1 
_diffrn.ambient_temp           100 
_diffrn.crystal_id             1 
_diffrn.ambient_temp_details   ? 
# 
_diffrn_detector.detector               PIXEL 
_diffrn_detector.type                   'DECTRIS EIGER2 XE 16M' 
_diffrn_detector.pdbx_collection_date   2023-10-11 
_diffrn_detector.diffrn_id              1 
_diffrn_detector.details                ? 
# 
_diffrn_radiation.diffrn_id                        1 
_diffrn_radiation.wavelength_id                    1 
_diffrn_radiation.pdbx_diffrn_protocol             'SINGLE WAVELENGTH' 
_diffrn_radiation.pdbx_monochromatic_or_laue_m_l   ? 
_diffrn_radiation.monochromator                    ? 
_diffrn_radiation.pdbx_scattering_type             x-ray 
# 
_diffrn_radiation_wavelength.id           1 
_diffrn_radiation_wavelength.wavelength   0.94055 
_diffrn_radiation_wavelength.wt           1.0 
# 
_diffrn_source.diffrn_id                   1 
_diffrn_source.source                      SYNCHROTRON 
_diffrn_source.type                        'DIAMOND BEAMLINE I03' 
_diffrn_source.pdbx_wavelength_list        0.94055 
_diffrn_source.pdbx_synchrotron_site       Diamond 
_diffrn_source.pdbx_synchrotron_beamline   I03 
_diffrn_source.pdbx_wavelength             ? 
# 
_reflns.entry_id                     7H43 
_reflns.pdbx_diffrn_id               1 
_reflns.pdbx_ordinal                 1 
_reflns.d_resolution_low             47.16 
_reflns.d_resolution_high            1.13 
_reflns.number_obs                   57099 
_reflns.percent_possible_obs         98.4 
_reflns.pdbx_Rmerge_I_obs            0.095 
_reflns.pdbx_netI_over_sigmaI        13.4 
_reflns.pdbx_redundancy              6.6 
_reflns.pdbx_Rrim_I_all              0.104 
_reflns.pdbx_Rpim_I_all              0.040 
_reflns.pdbx_CC_half                 0.994 
_reflns.pdbx_number_measured_all     378598 
_reflns.pdbx_chi_squared             0.63 
_reflns.observed_criterion_sigma_I   ? 
_reflns.observed_criterion_sigma_F   ? 
_reflns.number_all                   ? 
_reflns.pdbx_Rsym_value              ? 
_reflns.B_iso_Wilson_estimate        ? 
# 
_reflns_shell.pdbx_diffrn_id              1 
_reflns_shell.pdbx_ordinal                1 
_reflns_shell.d_res_high                  1.13 
_reflns_shell.d_res_low                   1.15 
_reflns_shell.number_measured_all         11639 
_reflns_shell.number_unique_obs           2518 
_reflns_shell.Rmerge_I_obs                2.283 
_reflns_shell.pdbx_chi_squared            0.24 
_reflns_shell.pdbx_redundancy             4.6 
_reflns_shell.percent_possible_obs        84.6 
_reflns_shell.pdbx_netI_over_sigmaI_obs   0.6 
_reflns_shell.pdbx_Rrim_I_all             2.573 
_reflns_shell.pdbx_Rpim_I_all             1.159 
_reflns_shell.pdbx_CC_half                0.328 
_reflns_shell.percent_possible_all        ? 
_reflns_shell.pdbx_Rsym_value             ? 
_reflns_shell.meanI_over_sigI_obs         ? 
# 
_refine.pdbx_refine_id                           'X-RAY DIFFRACTION' 
_refine.entry_id                                 7H43 
_refine.pdbx_diffrn_id                           1 
_refine.pdbx_TLS_residual_ADP_flag               ? 
_refine.ls_number_reflns_obs                     54130 
_refine.ls_number_reflns_all                     ? 
_refine.pdbx_ls_sigma_I                          ? 
_refine.pdbx_ls_sigma_F                          ? 
_refine.pdbx_data_cutoff_high_absF               ? 
_refine.pdbx_data_cutoff_low_absF                ? 
_refine.pdbx_data_cutoff_high_rms_absF           ? 
_refine.ls_d_res_low                             47.15 
_refine.ls_d_res_high                            1.13 
_refine.ls_percent_reflns_obs                    98.00 
_refine.ls_R_factor_obs                          0.19714 
_refine.ls_R_factor_all                          ? 
_refine.ls_R_factor_R_work                       0.19669 
_refine.ls_R_factor_R_free                       0.20545 
_refine.ls_R_factor_R_free_error                 ? 
_refine.ls_R_factor_R_free_error_details         ? 
_refine.ls_percent_reflns_R_free                 4.9 
_refine.ls_number_reflns_R_free                  2782 
_refine.ls_number_parameters                     ? 
_refine.ls_number_restraints                     ? 
_refine.occupancy_min                            ? 
_refine.occupancy_max                            ? 
_refine.correlation_coeff_Fo_to_Fc               0.966 
_refine.correlation_coeff_Fo_to_Fc_free          0.965 
_refine.B_iso_mean                               16.151 
_refine.aniso_B[1][1]                            -0.21 
_refine.aniso_B[2][2]                            0.48 
_refine.aniso_B[3][3]                            -0.22 
_refine.aniso_B[1][2]                            0.00 
_refine.aniso_B[1][3]                            -0.25 
_refine.aniso_B[2][3]                            0.00 
_refine.solvent_model_details                    MASK 
_refine.solvent_model_param_ksol                 ? 
_refine.solvent_model_param_bsol                 ? 
_refine.pdbx_solvent_vdw_probe_radii             1.20 
_refine.pdbx_solvent_ion_probe_radii             0.80 
_refine.pdbx_solvent_shrinkage_radii             0.80 
_refine.pdbx_ls_cross_valid_method               THROUGHOUT 
_refine.details                                  'HYDROGENS HAVE BEEN ADDED IN THE RIDING POSITIONS' 
_refine.pdbx_starting_model                      ? 
_refine.pdbx_method_to_determine_struct          'MOLECULAR REPLACEMENT' 
_refine.pdbx_isotropic_thermal_model             ? 
_refine.pdbx_stereochemistry_target_values       'MAXIMUM LIKELIHOOD' 
_refine.pdbx_stereochem_target_val_spec_case     ? 
_refine.pdbx_R_Free_selection_details            RANDOM 
_refine.pdbx_overall_ESU_R                       0.041 
_refine.pdbx_overall_ESU_R_Free                  0.041 
_refine.overall_SU_ML                            ? 
_refine.pdbx_overall_phase_error                 ? 
_refine.overall_SU_B                             ? 
_refine.overall_SU_R_Cruickshank_DPI             ? 
_refine.pdbx_overall_SU_R_free_Cruickshank_DPI   ? 
_refine.pdbx_overall_SU_R_Blow_DPI               ? 
_refine.pdbx_overall_SU_R_free_Blow_DPI          ? 
# 
_refine_hist.pdbx_refine_id                   'X-RAY DIFFRACTION' 
_refine_hist.cycle_id                         1 
_refine_hist.pdbx_number_atoms_protein        1083 
_refine_hist.pdbx_number_atoms_nucleic_acid   0 
_refine_hist.pdbx_number_atoms_ligand         41 
_refine_hist.number_atoms_solvent             235 
_refine_hist.number_atoms_total               1359 
_refine_hist.d_res_high                       1.13 
_refine_hist.d_res_low                        47.15 
# 
loop_
_refine_ls_restr.type 
_refine_ls_restr.dev_ideal 
_refine_ls_restr.dev_ideal_target 
_refine_ls_restr.weight 
_refine_ls_restr.number 
_refine_ls_restr.pdbx_refine_id 
_refine_ls_restr.pdbx_restraint_function 
r_bond_refined_d             0.023  0.014  ? 1618 'X-RAY DIFFRACTION' ? 
r_bond_other_d               0.035  0.015  ? 1256 'X-RAY DIFFRACTION' ? 
r_angle_refined_deg          1.961  1.626  ? 1886 'X-RAY DIFFRACTION' ? 
r_angle_other_deg            2.387  1.615  ? 2890 'X-RAY DIFFRACTION' ? 
r_dihedral_angle_1_deg       6.573  5.000  ? 175  'X-RAY DIFFRACTION' ? 
r_dihedral_angle_2_deg       33.013 21.324 ? 68   'X-RAY DIFFRACTION' ? 
r_dihedral_angle_3_deg       11.293 15.000 ? 205  'X-RAY DIFFRACTION' ? 
r_dihedral_angle_4_deg       24.368 15.000 ? 9    'X-RAY DIFFRACTION' ? 
r_chiral_restr               0.092  0.200  ? 169  'X-RAY DIFFRACTION' ? 
r_gen_planes_refined         0.014  0.020  ? 1655 'X-RAY DIFFRACTION' ? 
r_gen_planes_other           0.037  0.020  ? 323  'X-RAY DIFFRACTION' ? 
r_nbd_refined                ?      ?      ? ?    'X-RAY DIFFRACTION' ? 
r_nbd_other                  ?      ?      ? ?    'X-RAY DIFFRACTION' ? 
r_nbtor_refined              ?      ?      ? ?    'X-RAY DIFFRACTION' ? 
r_nbtor_other                ?      ?      ? ?    'X-RAY DIFFRACTION' ? 
r_xyhbond_nbd_refined        ?      ?      ? ?    'X-RAY DIFFRACTION' ? 
r_xyhbond_nbd_other          ?      ?      ? ?    'X-RAY DIFFRACTION' ? 
r_metal_ion_refined          ?      ?      ? ?    'X-RAY DIFFRACTION' ? 
r_metal_ion_other            ?      ?      ? ?    'X-RAY DIFFRACTION' ? 
r_symmetry_vdw_refined       ?      ?      ? ?    'X-RAY DIFFRACTION' ? 
r_symmetry_vdw_other         ?      ?      ? ?    'X-RAY DIFFRACTION' ? 
r_symmetry_hbond_refined     ?      ?      ? ?    'X-RAY DIFFRACTION' ? 
r_symmetry_hbond_other       ?      ?      ? ?    'X-RAY DIFFRACTION' ? 
r_symmetry_metal_ion_refined ?      ?      ? ?    'X-RAY DIFFRACTION' ? 
r_symmetry_metal_ion_other   ?      ?      ? ?    'X-RAY DIFFRACTION' ? 
r_mcbond_it                  1.280  1.407  ? 800  'X-RAY DIFFRACTION' ? 
r_mcbond_other               1.285  1.398  ? 794  'X-RAY DIFFRACTION' ? 
r_mcangle_it                 2.022  2.106  ? 859  'X-RAY DIFFRACTION' ? 
r_mcangle_other              2.034  2.115  ? 860  'X-RAY DIFFRACTION' ? 
r_scbond_it                  2.058  1.693  ? 814  'X-RAY DIFFRACTION' ? 
r_scbond_other               2.056  1.694  ? 815  'X-RAY DIFFRACTION' ? 
r_scangle_it                 ?      ?      ? ?    'X-RAY DIFFRACTION' ? 
r_scangle_other              3.055  2.447  ? 1022 'X-RAY DIFFRACTION' ? 
r_long_range_B_refined       4.930  19.474 ? 1644 'X-RAY DIFFRACTION' ? 
r_long_range_B_other         4.930  19.485 ? 1645 'X-RAY DIFFRACTION' ? 
r_rigid_bond_restr           ?      ?      ? ?    'X-RAY DIFFRACTION' ? 
r_sphericity_free            ?      ?      ? ?    'X-RAY DIFFRACTION' ? 
r_sphericity_bonded          ?      ?      ? ?    'X-RAY DIFFRACTION' ? 
# 
_refine_ls_shell.pdbx_refine_id                   'X-RAY DIFFRACTION' 
_refine_ls_shell.pdbx_total_number_of_bins_used   20 
_refine_ls_shell.d_res_high                       1.130 
_refine_ls_shell.d_res_low                        1.159 
_refine_ls_shell.number_reflns_R_work             3441 
_refine_ls_shell.R_factor_R_work                  0.325 
_refine_ls_shell.percent_reflns_obs               84.03 
_refine_ls_shell.R_factor_R_free                  0.341 
_refine_ls_shell.R_factor_R_free_error            ? 
_refine_ls_shell.percent_reflns_R_free            ? 
_refine_ls_shell.number_reflns_R_free             164 
_refine_ls_shell.number_reflns_all                ? 
_refine_ls_shell.R_factor_all                     ? 
# 
_struct.entry_id                  7H43 
_struct.title                     
;Group deposition for crystallographic fragment screening of Coxsackievirus A16 (G-10) 2A protease -- Crystal structure of Coxsackievirus A16 (G-10) 2A protease in complex with Z1246465616 (A71EV2A-x0541)
;
_struct.pdbx_model_details        ? 
_struct.pdbx_CASP_flag            ? 
_struct.pdbx_model_type_details   ? 
# 
_struct_keywords.entry_id        7H43 
_struct_keywords.pdbx_keywords   HYDROLASE 
_struct_keywords.text            
;Diamond Light Source, I03, ASAP, Coxsackievirus A16, crystallographic fragment screening, PanDDA, Pandda2, XChemExplorer, viral protein, HYDROLASE
;
# 
loop_
_struct_asym.id 
_struct_asym.pdbx_blank_PDB_chainid_flag 
_struct_asym.pdbx_modified 
_struct_asym.entity_id 
_struct_asym.details 
A N N 1 ? 
B N N 2 ? 
C N N 3 ? 
D N N 4 ? 
E N N 4 ? 
F N N 4 ? 
G N N 4 ? 
H N N 4 ? 
I N N 5 ? 
J N N 6 ? 
# 
_struct_ref.id                         1 
_struct_ref.db_name                    UNP 
_struct_ref.db_code                    POLG_CX16G 
_struct_ref.pdbx_db_accession          Q65900 
_struct_ref.pdbx_db_isoform            ? 
_struct_ref.entity_id                  1 
_struct_ref.pdbx_seq_one_letter_code   
;SGAIYVGNYRVVNRHLATHNDWANLVWEDSSRDLLVSSTTAQGCDTIARCDCQTGVYYCSSRRKHYPVSFSKPSLIFVEA
SEYYPARYQSHLMLAVGHSEPGDCGGILRCQHGVVGIVSTGGNGLVGFADVRDLLWLDEEAMEQ
;
_struct_ref.pdbx_align_begin           869 
# 
_struct_ref_seq.align_id                      1 
_struct_ref_seq.ref_id                        1 
_struct_ref_seq.pdbx_PDB_id_code              7H43 
_struct_ref_seq.pdbx_strand_id                A 
_struct_ref_seq.seq_align_beg                 7 
_struct_ref_seq.pdbx_seq_align_beg_ins_code   ? 
_struct_ref_seq.seq_align_end                 150 
_struct_ref_seq.pdbx_seq_align_end_ins_code   ? 
_struct_ref_seq.pdbx_db_accession             Q65900 
_struct_ref_seq.db_align_beg                  869 
_struct_ref_seq.pdbx_db_align_beg_ins_code    ? 
_struct_ref_seq.db_align_end                  1012 
_struct_ref_seq.pdbx_db_align_end_ins_code    ? 
_struct_ref_seq.pdbx_auth_seq_align_beg       7 
_struct_ref_seq.pdbx_auth_seq_align_end       150 
# 
loop_
_struct_ref_seq_dif.align_id 
_struct_ref_seq_dif.pdbx_pdb_id_code 
_struct_ref_seq_dif.mon_id 
_struct_ref_seq_dif.pdbx_pdb_strand_id 
_struct_ref_seq_dif.seq_num 
_struct_ref_seq_dif.pdbx_pdb_ins_code 
_struct_ref_seq_dif.pdbx_seq_db_name 
_struct_ref_seq_dif.pdbx_seq_db_accession_code 
_struct_ref_seq_dif.db_mon_id 
_struct_ref_seq_dif.pdbx_seq_db_seq_num 
_struct_ref_seq_dif.details 
_struct_ref_seq_dif.pdbx_auth_seq_num 
_struct_ref_seq_dif.pdbx_ordinal 
1 7H43 GLN A 1 ? UNP Q65900 ? ? 'expression tag' 1 1 
1 7H43 GLU A 2 ? UNP Q65900 ? ? 'expression tag' 2 2 
1 7H43 GLN A 3 ? UNP Q65900 ? ? 'expression tag' 3 3 
1 7H43 THR A 4 ? UNP Q65900 ? ? 'expression tag' 4 4 
1 7H43 GLY A 5 ? UNP Q65900 ? ? 'expression tag' 5 5 
1 7H43 GLY A 6 ? UNP Q65900 ? ? 'expression tag' 6 6 
# 
_pdbx_struct_assembly.id                   1 
_pdbx_struct_assembly.details              author_and_software_defined_assembly 
_pdbx_struct_assembly.method_details       PISA 
_pdbx_struct_assembly.oligomeric_details   monomeric 
_pdbx_struct_assembly.oligomeric_count     1 
# 
loop_
_pdbx_struct_assembly_prop.biol_id 
_pdbx_struct_assembly_prop.type 
_pdbx_struct_assembly_prop.value 
_pdbx_struct_assembly_prop.details 
1 'ABSA (A^2)' 830  ? 
1 MORE         -5   ? 
1 'SSA (A^2)'  7530 ? 
# 
_pdbx_struct_assembly_gen.assembly_id       1 
_pdbx_struct_assembly_gen.oper_expression   1 
_pdbx_struct_assembly_gen.asym_id_list      A,B,C,D,E,F,G,H,I,J 
# 
_pdbx_struct_oper_list.id                   1 
_pdbx_struct_oper_list.type                 'identity operation' 
_pdbx_struct_oper_list.name                 1_555 
_pdbx_struct_oper_list.symmetry_operation   x,y,z 
_pdbx_struct_oper_list.matrix[1][1]         1.0000000000 
_pdbx_struct_oper_list.matrix[1][2]         0.0000000000 
_pdbx_struct_oper_list.matrix[1][3]         0.0000000000 
_pdbx_struct_oper_list.vector[1]            0.0000000000 
_pdbx_struct_oper_list.matrix[2][1]         0.0000000000 
_pdbx_struct_oper_list.matrix[2][2]         1.0000000000 
_pdbx_struct_oper_list.matrix[2][3]         0.0000000000 
_pdbx_struct_oper_list.vector[2]            0.0000000000 
_pdbx_struct_oper_list.matrix[3][1]         0.0000000000 
_pdbx_struct_oper_list.matrix[3][2]         0.0000000000 
_pdbx_struct_oper_list.matrix[3][3]         1.0000000000 
_pdbx_struct_oper_list.vector[3]            0.0000000000 
# 
loop_
_struct_conf.conf_type_id 
_struct_conf.id 
_struct_conf.pdbx_PDB_helix_id 
_struct_conf.beg_label_comp_id 
_struct_conf.beg_label_asym_id 
_struct_conf.beg_label_seq_id 
_struct_conf.pdbx_beg_PDB_ins_code 
_struct_conf.end_label_comp_id 
_struct_conf.end_label_asym_id 
_struct_conf.end_label_seq_id 
_struct_conf.pdbx_end_PDB_ins_code 
_struct_conf.beg_auth_comp_id 
_struct_conf.beg_auth_asym_id 
_struct_conf.beg_auth_seq_id 
_struct_conf.end_auth_comp_id 
_struct_conf.end_auth_asym_id 
_struct_conf.end_auth_seq_id 
_struct_conf.pdbx_PDB_helix_class 
_struct_conf.details 
_struct_conf.pdbx_PDB_helix_length 
HELX_P HELX_P1 AA1 HIS A 21  ? ALA A 23  ? HIS A 21  ALA A 23  5 ? 3 
HELX_P HELX_P2 AA2 THR A 24  ? ASN A 30  ? THR A 24  ASN A 30  1 ? 7 
HELX_P HELX_P3 AA3 SER A 36  ? ARG A 38  ? SER A 36  ARG A 38  5 ? 3 
HELX_P HELX_P4 AA4 SER A 66  ? ARG A 69  ? SER A 66  ARG A 69  5 ? 4 
HELX_P HELX_P5 AA5 GLU A 106 ? CYS A 110 ? GLU A 106 CYS A 110 5 ? 5 
HELX_P HELX_P6 AA6 LEU A 140 ? GLU A 145 ? LEU A 140 GLU A 145 5 ? 6 
# 
_struct_conf_type.id          HELX_P 
_struct_conf_type.criteria    ? 
_struct_conf_type.reference   ? 
# 
loop_
_struct_conn.id 
_struct_conn.conn_type_id 
_struct_conn.pdbx_leaving_atom_flag 
_struct_conn.pdbx_PDB_id 
_struct_conn.ptnr1_label_asym_id 
_struct_conn.ptnr1_label_comp_id 
_struct_conn.ptnr1_label_seq_id 
_struct_conn.ptnr1_label_atom_id 
_struct_conn.pdbx_ptnr1_label_alt_id 
_struct_conn.pdbx_ptnr1_PDB_ins_code 
_struct_conn.pdbx_ptnr1_standard_comp_id 
_struct_conn.ptnr1_symmetry 
_struct_conn.ptnr2_label_asym_id 
_struct_conn.ptnr2_label_comp_id 
_struct_conn.ptnr2_label_seq_id 
_struct_conn.ptnr2_label_atom_id 
_struct_conn.pdbx_ptnr2_label_alt_id 
_struct_conn.pdbx_ptnr2_PDB_ins_code 
_struct_conn.ptnr1_auth_asym_id 
_struct_conn.ptnr1_auth_comp_id 
_struct_conn.ptnr1_auth_seq_id 
_struct_conn.ptnr2_auth_asym_id 
_struct_conn.ptnr2_auth_comp_id 
_struct_conn.ptnr2_auth_seq_id 
_struct_conn.ptnr2_symmetry 
_struct_conn.pdbx_ptnr3_label_atom_id 
_struct_conn.pdbx_ptnr3_label_seq_id 
_struct_conn.pdbx_ptnr3_label_comp_id 
_struct_conn.pdbx_ptnr3_label_asym_id 
_struct_conn.pdbx_ptnr3_label_alt_id 
_struct_conn.pdbx_ptnr3_PDB_ins_code 
_struct_conn.details 
_struct_conn.pdbx_dist_value 
_struct_conn.pdbx_value_order 
_struct_conn.pdbx_role 
metalc1 metalc ? ? A CYS 56  SG  ? ? ? 1_555 C ZN . ZN ? ? A CYS 56  A ZN 202 1_555 ? ? ? ? ? ? ? 2.327 ? ? 
metalc2 metalc ? ? A CYS 58  SG  ? ? ? 1_555 C ZN . ZN ? ? A CYS 58  A ZN 202 1_555 ? ? ? ? ? ? ? 2.314 ? ? 
metalc3 metalc ? ? A CYS 116 SG  ? ? ? 1_555 C ZN . ZN ? ? A CYS 116 A ZN 202 1_555 ? ? ? ? ? ? ? 2.286 ? ? 
metalc4 metalc ? ? A HIS 118 ND1 ? ? ? 1_555 C ZN . ZN ? ? A HIS 118 A ZN 202 1_555 ? ? ? ? ? ? ? 2.028 ? ? 
# 
_struct_conn_type.id          metalc 
_struct_conn_type.criteria    ? 
_struct_conn_type.reference   ? 
# 
loop_
_pdbx_struct_conn_angle.id 
_pdbx_struct_conn_angle.ptnr1_label_atom_id 
_pdbx_struct_conn_angle.ptnr1_label_alt_id 
_pdbx_struct_conn_angle.ptnr1_label_asym_id 
_pdbx_struct_conn_angle.ptnr1_label_comp_id 
_pdbx_struct_conn_angle.ptnr1_label_seq_id 
_pdbx_struct_conn_angle.ptnr1_auth_atom_id 
_pdbx_struct_conn_angle.ptnr1_auth_asym_id 
_pdbx_struct_conn_angle.ptnr1_auth_comp_id 
_pdbx_struct_conn_angle.ptnr1_auth_seq_id 
_pdbx_struct_conn_angle.ptnr1_PDB_ins_code 
_pdbx_struct_conn_angle.ptnr1_symmetry 
_pdbx_struct_conn_angle.ptnr2_label_atom_id 
_pdbx_struct_conn_angle.ptnr2_label_alt_id 
_pdbx_struct_conn_angle.ptnr2_label_asym_id 
_pdbx_struct_conn_angle.ptnr2_label_comp_id 
_pdbx_struct_conn_angle.ptnr2_label_seq_id 
_pdbx_struct_conn_angle.ptnr2_auth_atom_id 
_pdbx_struct_conn_angle.ptnr2_auth_asym_id 
_pdbx_struct_conn_angle.ptnr2_auth_comp_id 
_pdbx_struct_conn_angle.ptnr2_auth_seq_id 
_pdbx_struct_conn_angle.ptnr2_PDB_ins_code 
_pdbx_struct_conn_angle.ptnr2_symmetry 
_pdbx_struct_conn_angle.ptnr3_label_atom_id 
_pdbx_struct_conn_angle.ptnr3_label_alt_id 
_pdbx_struct_conn_angle.ptnr3_label_asym_id 
_pdbx_struct_conn_angle.ptnr3_label_comp_id 
_pdbx_struct_conn_angle.ptnr3_label_seq_id 
_pdbx_struct_conn_angle.ptnr3_auth_atom_id 
_pdbx_struct_conn_angle.ptnr3_auth_asym_id 
_pdbx_struct_conn_angle.ptnr3_auth_comp_id 
_pdbx_struct_conn_angle.ptnr3_auth_seq_id 
_pdbx_struct_conn_angle.ptnr3_PDB_ins_code 
_pdbx_struct_conn_angle.ptnr3_symmetry 
_pdbx_struct_conn_angle.value 
_pdbx_struct_conn_angle.value_esd 
1 SG ? A CYS 56  ? A CYS 56  ? 1_555 ZN ? C ZN . ? A ZN 202 ? 1_555 SG  ? A CYS 58  ? A CYS 58  ? 1_555 109.1 ? 
2 SG ? A CYS 56  ? A CYS 56  ? 1_555 ZN ? C ZN . ? A ZN 202 ? 1_555 SG  ? A CYS 116 ? A CYS 116 ? 1_555 106.4 ? 
3 SG ? A CYS 58  ? A CYS 58  ? 1_555 ZN ? C ZN . ? A ZN 202 ? 1_555 SG  ? A CYS 116 ? A CYS 116 ? 1_555 118.1 ? 
4 SG ? A CYS 56  ? A CYS 56  ? 1_555 ZN ? C ZN . ? A ZN 202 ? 1_555 ND1 ? A HIS 118 ? A HIS 118 ? 1_555 105.0 ? 
5 SG ? A CYS 58  ? A CYS 58  ? 1_555 ZN ? C ZN . ? A ZN 202 ? 1_555 ND1 ? A HIS 118 ? A HIS 118 ? 1_555 101.7 ? 
6 SG ? A CYS 116 ? A CYS 116 ? 1_555 ZN ? C ZN . ? A ZN 202 ? 1_555 ND1 ? A HIS 118 ? A HIS 118 ? 1_555 115.8 ? 
# 
loop_
_struct_sheet.id 
_struct_sheet.type 
_struct_sheet.number_strands 
_struct_sheet.details 
AA1 ? 4 ? 
AA2 ? 7 ? 
# 
loop_
_struct_sheet_order.sheet_id 
_struct_sheet_order.range_id_1 
_struct_sheet_order.range_id_2 
_struct_sheet_order.offset 
_struct_sheet_order.sense 
AA1 1 2 ? anti-parallel 
AA1 2 3 ? anti-parallel 
AA1 3 4 ? anti-parallel 
AA2 1 2 ? anti-parallel 
AA2 2 3 ? anti-parallel 
AA2 3 4 ? anti-parallel 
AA2 4 5 ? anti-parallel 
AA2 5 6 ? anti-parallel 
AA2 6 7 ? anti-parallel 
# 
loop_
_struct_sheet_range.sheet_id 
_struct_sheet_range.id 
_struct_sheet_range.beg_label_comp_id 
_struct_sheet_range.beg_label_asym_id 
_struct_sheet_range.beg_label_seq_id 
_struct_sheet_range.pdbx_beg_PDB_ins_code 
_struct_sheet_range.end_label_comp_id 
_struct_sheet_range.end_label_asym_id 
_struct_sheet_range.end_label_seq_id 
_struct_sheet_range.pdbx_end_PDB_ins_code 
_struct_sheet_range.beg_auth_comp_id 
_struct_sheet_range.beg_auth_asym_id 
_struct_sheet_range.beg_auth_seq_id 
_struct_sheet_range.end_auth_comp_id 
_struct_sheet_range.end_auth_asym_id 
_struct_sheet_range.end_auth_seq_id 
AA1 1 ILE A 10  ? VAL A 12  ? ILE A 10  VAL A 12  
AA1 2 TYR A 15  ? ASN A 19  ? TYR A 15  ASN A 19  
AA1 3 LEU A 40  ? SER A 44  ? LEU A 40  SER A 44  
AA1 4 LEU A 31  ? ASP A 35  ? LEU A 31  ASP A 35  
AA2 1 LYS A 70  ? SER A 75  ? LYS A 70  SER A 75  
AA2 2 THR A 60  ? CYS A 65  ? THR A 60  CYS A 65  
AA2 3 ILE A 113 ? CYS A 116 ? ILE A 113 CYS A 116 
AA2 4 GLY A 119 ? THR A 126 ? GLY A 119 THR A 126 
AA2 5 LEU A 131 ? ASP A 136 ? LEU A 131 ASP A 136 
AA2 6 ARG A 93  ? VAL A 102 ? ARG A 93  VAL A 102 
AA2 7 SER A 80  ? VAL A 84  ? SER A 80  VAL A 84  
# 
loop_
_pdbx_struct_sheet_hbond.sheet_id 
_pdbx_struct_sheet_hbond.range_id_1 
_pdbx_struct_sheet_hbond.range_id_2 
_pdbx_struct_sheet_hbond.range_1_label_atom_id 
_pdbx_struct_sheet_hbond.range_1_label_comp_id 
_pdbx_struct_sheet_hbond.range_1_label_asym_id 
_pdbx_struct_sheet_hbond.range_1_label_seq_id 
_pdbx_struct_sheet_hbond.range_1_PDB_ins_code 
_pdbx_struct_sheet_hbond.range_1_auth_atom_id 
_pdbx_struct_sheet_hbond.range_1_auth_comp_id 
_pdbx_struct_sheet_hbond.range_1_auth_asym_id 
_pdbx_struct_sheet_hbond.range_1_auth_seq_id 
_pdbx_struct_sheet_hbond.range_2_label_atom_id 
_pdbx_struct_sheet_hbond.range_2_label_comp_id 
_pdbx_struct_sheet_hbond.range_2_label_asym_id 
_pdbx_struct_sheet_hbond.range_2_label_seq_id 
_pdbx_struct_sheet_hbond.range_2_PDB_ins_code 
_pdbx_struct_sheet_hbond.range_2_auth_atom_id 
_pdbx_struct_sheet_hbond.range_2_auth_comp_id 
_pdbx_struct_sheet_hbond.range_2_auth_asym_id 
_pdbx_struct_sheet_hbond.range_2_auth_seq_id 
AA1 1 2 N ILE A 10  ? N ILE A 10  O VAL A 17  ? O VAL A 17  
AA1 2 3 N VAL A 18  ? N VAL A 18  O LEU A 41  ? O LEU A 41  
AA1 3 4 O VAL A 42  ? O VAL A 42  N TRP A 33  ? N TRP A 33  
AA2 1 2 O LYS A 70  ? O LYS A 70  N CYS A 65  ? N CYS A 65  
AA2 2 3 N VAL A 62  ? N VAL A 62  O ARG A 115 ? O ARG A 115 
AA2 3 4 N LEU A 114 ? N LEU A 114 O VAL A 121 ? O VAL A 121 
AA2 4 5 N SER A 125 ? N SER A 125 O GLY A 133 ? O GLY A 133 
AA2 5 6 O VAL A 132 ? O VAL A 132 N ALA A 101 ? N ALA A 101 
AA2 6 7 O ARG A 93  ? O ARG A 93  N VAL A 84  ? N VAL A 84  
# 
_pdbx_entry_details.entry_id                   7H43 
_pdbx_entry_details.compound_details           ? 
_pdbx_entry_details.source_details             ? 
_pdbx_entry_details.nonpolymer_details         ? 
_pdbx_entry_details.sequence_details           ? 
_pdbx_entry_details.has_ligand_of_interest     ? 
_pdbx_entry_details.has_protein_modification   N 
# 
loop_
_pdbx_validate_close_contact.id 
_pdbx_validate_close_contact.PDB_model_num 
_pdbx_validate_close_contact.auth_atom_id_1 
_pdbx_validate_close_contact.auth_asym_id_1 
_pdbx_validate_close_contact.auth_comp_id_1 
_pdbx_validate_close_contact.auth_seq_id_1 
_pdbx_validate_close_contact.PDB_ins_code_1 
_pdbx_validate_close_contact.label_alt_id_1 
_pdbx_validate_close_contact.auth_atom_id_2 
_pdbx_validate_close_contact.auth_asym_id_2 
_pdbx_validate_close_contact.auth_comp_id_2 
_pdbx_validate_close_contact.auth_seq_id_2 
_pdbx_validate_close_contact.PDB_ins_code_2 
_pdbx_validate_close_contact.label_alt_id_2 
_pdbx_validate_close_contact.dist 
1 1 O   A HOH 312 ? ? O A HOH 457 ? ? 1.96 
2 1 OE1 A GLU 106 ? ? O A HOH 301 ? ? 2.07 
# 
loop_
_pdbx_validate_symm_contact.id 
_pdbx_validate_symm_contact.PDB_model_num 
_pdbx_validate_symm_contact.auth_atom_id_1 
_pdbx_validate_symm_contact.auth_asym_id_1 
_pdbx_validate_symm_contact.auth_comp_id_1 
_pdbx_validate_symm_contact.auth_seq_id_1 
_pdbx_validate_symm_contact.PDB_ins_code_1 
_pdbx_validate_symm_contact.label_alt_id_1 
_pdbx_validate_symm_contact.site_symmetry_1 
_pdbx_validate_symm_contact.auth_atom_id_2 
_pdbx_validate_symm_contact.auth_asym_id_2 
_pdbx_validate_symm_contact.auth_comp_id_2 
_pdbx_validate_symm_contact.auth_seq_id_2 
_pdbx_validate_symm_contact.PDB_ins_code_2 
_pdbx_validate_symm_contact.label_alt_id_2 
_pdbx_validate_symm_contact.site_symmetry_2 
_pdbx_validate_symm_contact.dist 
1 1 O3 A SO4 208 ? ? 1_555 O4 A SO4 208 ? ? 2_556 0.81 
2 1 O2 A SO4 208 ? ? 1_555 O2 A SO4 208 ? ? 2_556 1.02 
3 1 S  A SO4 208 ? ? 1_555 O3 A SO4 208 ? ? 2_556 1.72 
4 1 S  A SO4 208 ? ? 1_555 S  A SO4 208 ? ? 2_556 1.81 
5 1 S  A SO4 208 ? ? 1_555 O2 A SO4 208 ? ? 2_556 1.98 
6 1 S  A SO4 208 ? ? 1_555 O4 A SO4 208 ? ? 2_556 2.00 
7 1 O3 A SO4 208 ? ? 1_555 O3 A SO4 208 ? ? 2_556 2.19 
# 
_pdbx_validate_rmsd_bond.id                        1 
_pdbx_validate_rmsd_bond.PDB_model_num             1 
_pdbx_validate_rmsd_bond.auth_atom_id_1            CD 
_pdbx_validate_rmsd_bond.auth_asym_id_1            A 
_pdbx_validate_rmsd_bond.auth_comp_id_1            GLU 
_pdbx_validate_rmsd_bond.auth_seq_id_1             106 
_pdbx_validate_rmsd_bond.PDB_ins_code_1            ? 
_pdbx_validate_rmsd_bond.label_alt_id_1            ? 
_pdbx_validate_rmsd_bond.auth_atom_id_2            OE2 
_pdbx_validate_rmsd_bond.auth_asym_id_2            A 
_pdbx_validate_rmsd_bond.auth_comp_id_2            GLU 
_pdbx_validate_rmsd_bond.auth_seq_id_2             106 
_pdbx_validate_rmsd_bond.PDB_ins_code_2            ? 
_pdbx_validate_rmsd_bond.label_alt_id_2            ? 
_pdbx_validate_rmsd_bond.bond_value                1.184 
_pdbx_validate_rmsd_bond.bond_target_value         1.252 
_pdbx_validate_rmsd_bond.bond_deviation            -0.068 
_pdbx_validate_rmsd_bond.bond_standard_deviation   0.011 
_pdbx_validate_rmsd_bond.linker_flag               N 
# 
loop_
_pdbx_validate_rmsd_angle.id 
_pdbx_validate_rmsd_angle.PDB_model_num 
_pdbx_validate_rmsd_angle.auth_atom_id_1 
_pdbx_validate_rmsd_angle.auth_asym_id_1 
_pdbx_validate_rmsd_angle.auth_comp_id_1 
_pdbx_validate_rmsd_angle.auth_seq_id_1 
_pdbx_validate_rmsd_angle.PDB_ins_code_1 
_pdbx_validate_rmsd_angle.label_alt_id_1 
_pdbx_validate_rmsd_angle.auth_atom_id_2 
_pdbx_validate_rmsd_angle.auth_asym_id_2 
_pdbx_validate_rmsd_angle.auth_comp_id_2 
_pdbx_validate_rmsd_angle.auth_seq_id_2 
_pdbx_validate_rmsd_angle.PDB_ins_code_2 
_pdbx_validate_rmsd_angle.label_alt_id_2 
_pdbx_validate_rmsd_angle.auth_atom_id_3 
_pdbx_validate_rmsd_angle.auth_asym_id_3 
_pdbx_validate_rmsd_angle.auth_comp_id_3 
_pdbx_validate_rmsd_angle.auth_seq_id_3 
_pdbx_validate_rmsd_angle.PDB_ins_code_3 
_pdbx_validate_rmsd_angle.label_alt_id_3 
_pdbx_validate_rmsd_angle.angle_value 
_pdbx_validate_rmsd_angle.angle_target_value 
_pdbx_validate_rmsd_angle.angle_deviation 
_pdbx_validate_rmsd_angle.angle_standard_deviation 
_pdbx_validate_rmsd_angle.linker_flag 
1 1 NE A ARG 16 ? ? CZ A ARG 16 ? ? NH1 A ARG 16 ? ? 123.41 120.30 3.11 0.50 N 
2 1 NE A ARG 20 ? ? CZ A ARG 20 ? ? NH1 A ARG 20 ? ? 123.45 120.30 3.15 0.50 N 
# 
_pdbx_distant_solvent_atoms.id                                1 
_pdbx_distant_solvent_atoms.PDB_model_num                     1 
_pdbx_distant_solvent_atoms.auth_atom_id                      O 
_pdbx_distant_solvent_atoms.label_alt_id                      ? 
_pdbx_distant_solvent_atoms.auth_asym_id                      A 
_pdbx_distant_solvent_atoms.auth_comp_id                      HOH 
_pdbx_distant_solvent_atoms.auth_seq_id                       535 
_pdbx_distant_solvent_atoms.PDB_ins_code                      ? 
_pdbx_distant_solvent_atoms.neighbor_macromolecule_distance   8.01 
_pdbx_distant_solvent_atoms.neighbor_ligand_distance          . 
# 
loop_
_pdbx_unobs_or_zero_occ_residues.id 
_pdbx_unobs_or_zero_occ_residues.PDB_model_num 
_pdbx_unobs_or_zero_occ_residues.polymer_flag 
_pdbx_unobs_or_zero_occ_residues.occupancy_flag 
_pdbx_unobs_or_zero_occ_residues.auth_asym_id 
_pdbx_unobs_or_zero_occ_residues.auth_comp_id 
_pdbx_unobs_or_zero_occ_residues.auth_seq_id 
_pdbx_unobs_or_zero_occ_residues.PDB_ins_code 
_pdbx_unobs_or_zero_occ_residues.label_asym_id 
_pdbx_unobs_or_zero_occ_residues.label_comp_id 
_pdbx_unobs_or_zero_occ_residues.label_seq_id 
1  1 Y 1 A GLN 1   ? A GLN 1   
2  1 Y 1 A GLU 2   ? A GLU 2   
3  1 Y 1 A GLN 3   ? A GLN 3   
4  1 Y 1 A THR 4   ? A THR 4   
5  1 Y 1 A GLY 5   ? A GLY 5   
6  1 Y 1 A GLY 6   ? A GLY 6   
7  1 Y 1 A ALA 147 ? A ALA 147 
8  1 Y 1 A MET 148 ? A MET 148 
9  1 Y 1 A GLU 149 ? A GLU 149 
10 1 Y 1 A GLN 150 ? A GLN 150 
# 
loop_
_chem_comp_atom.comp_id 
_chem_comp_atom.atom_id 
_chem_comp_atom.type_symbol 
_chem_comp_atom.pdbx_aromatic_flag 
_chem_comp_atom.pdbx_stereo_config 
_chem_comp_atom.pdbx_ordinal 
ALA N    N  N N 1   
ALA CA   C  N S 2   
ALA C    C  N N 3   
ALA O    O  N N 4   
ALA CB   C  N N 5   
ALA OXT  O  N N 6   
ALA H    H  N N 7   
ALA H2   H  N N 8   
ALA HA   H  N N 9   
ALA HB1  H  N N 10  
ALA HB2  H  N N 11  
ALA HB3  H  N N 12  
ALA HXT  H  N N 13  
ARG N    N  N N 14  
ARG CA   C  N S 15  
ARG C    C  N N 16  
ARG O    O  N N 17  
ARG CB   C  N N 18  
ARG CG   C  N N 19  
ARG CD   C  N N 20  
ARG NE   N  N N 21  
ARG CZ   C  N N 22  
ARG NH1  N  N N 23  
ARG NH2  N  N N 24  
ARG OXT  O  N N 25  
ARG H    H  N N 26  
ARG H2   H  N N 27  
ARG HA   H  N N 28  
ARG HB2  H  N N 29  
ARG HB3  H  N N 30  
ARG HG2  H  N N 31  
ARG HG3  H  N N 32  
ARG HD2  H  N N 33  
ARG HD3  H  N N 34  
ARG HE   H  N N 35  
ARG HH11 H  N N 36  
ARG HH12 H  N N 37  
ARG HH21 H  N N 38  
ARG HH22 H  N N 39  
ARG HXT  H  N N 40  
ASN N    N  N N 41  
ASN CA   C  N S 42  
ASN C    C  N N 43  
ASN O    O  N N 44  
ASN CB   C  N N 45  
ASN CG   C  N N 46  
ASN OD1  O  N N 47  
ASN ND2  N  N N 48  
ASN OXT  O  N N 49  
ASN H    H  N N 50  
ASN H2   H  N N 51  
ASN HA   H  N N 52  
ASN HB2  H  N N 53  
ASN HB3  H  N N 54  
ASN HD21 H  N N 55  
ASN HD22 H  N N 56  
ASN HXT  H  N N 57  
ASP N    N  N N 58  
ASP CA   C  N S 59  
ASP C    C  N N 60  
ASP O    O  N N 61  
ASP CB   C  N N 62  
ASP CG   C  N N 63  
ASP OD1  O  N N 64  
ASP OD2  O  N N 65  
ASP OXT  O  N N 66  
ASP H    H  N N 67  
ASP H2   H  N N 68  
ASP HA   H  N N 69  
ASP HB2  H  N N 70  
ASP HB3  H  N N 71  
ASP HD2  H  N N 72  
ASP HXT  H  N N 73  
CYS N    N  N N 74  
CYS CA   C  N R 75  
CYS C    C  N N 76  
CYS O    O  N N 77  
CYS CB   C  N N 78  
CYS SG   S  N N 79  
CYS OXT  O  N N 80  
CYS H    H  N N 81  
CYS H2   H  N N 82  
CYS HA   H  N N 83  
CYS HB2  H  N N 84  
CYS HB3  H  N N 85  
CYS HG   H  N N 86  
CYS HXT  H  N N 87  
DMS S    S  N N 88  
DMS O    O  N N 89  
DMS C1   C  N N 90  
DMS C2   C  N N 91  
DMS H11  H  N N 92  
DMS H12  H  N N 93  
DMS H13  H  N N 94  
DMS H21  H  N N 95  
DMS H22  H  N N 96  
DMS H23  H  N N 97  
GLN N    N  N N 98  
GLN CA   C  N S 99  
GLN C    C  N N 100 
GLN O    O  N N 101 
GLN CB   C  N N 102 
GLN CG   C  N N 103 
GLN CD   C  N N 104 
GLN OE1  O  N N 105 
GLN NE2  N  N N 106 
GLN OXT  O  N N 107 
GLN H    H  N N 108 
GLN H2   H  N N 109 
GLN HA   H  N N 110 
GLN HB2  H  N N 111 
GLN HB3  H  N N 112 
GLN HG2  H  N N 113 
GLN HG3  H  N N 114 
GLN HE21 H  N N 115 
GLN HE22 H  N N 116 
GLN HXT  H  N N 117 
GLU N    N  N N 118 
GLU CA   C  N S 119 
GLU C    C  N N 120 
GLU O    O  N N 121 
GLU CB   C  N N 122 
GLU CG   C  N N 123 
GLU CD   C  N N 124 
GLU OE1  O  N N 125 
GLU OE2  O  N N 126 
GLU OXT  O  N N 127 
GLU H    H  N N 128 
GLU H2   H  N N 129 
GLU HA   H  N N 130 
GLU HB2  H  N N 131 
GLU HB3  H  N N 132 
GLU HG2  H  N N 133 
GLU HG3  H  N N 134 
GLU HE2  H  N N 135 
GLU HXT  H  N N 136 
GLY N    N  N N 137 
GLY CA   C  N N 138 
GLY C    C  N N 139 
GLY O    O  N N 140 
GLY OXT  O  N N 141 
GLY H    H  N N 142 
GLY H2   H  N N 143 
GLY HA2  H  N N 144 
GLY HA3  H  N N 145 
GLY HXT  H  N N 146 
HIS N    N  N N 147 
HIS CA   C  N S 148 
HIS C    C  N N 149 
HIS O    O  N N 150 
HIS CB   C  N N 151 
HIS CG   C  Y N 152 
HIS ND1  N  Y N 153 
HIS CD2  C  Y N 154 
HIS CE1  C  Y N 155 
HIS NE2  N  Y N 156 
HIS OXT  O  N N 157 
HIS H    H  N N 158 
HIS H2   H  N N 159 
HIS HA   H  N N 160 
HIS HB2  H  N N 161 
HIS HB3  H  N N 162 
HIS HD1  H  N N 163 
HIS HD2  H  N N 164 
HIS HE1  H  N N 165 
HIS HE2  H  N N 166 
HIS HXT  H  N N 167 
HOH O    O  N N 168 
HOH H1   H  N N 169 
HOH H2   H  N N 170 
ILE N    N  N N 171 
ILE CA   C  N S 172 
ILE C    C  N N 173 
ILE O    O  N N 174 
ILE CB   C  N S 175 
ILE CG1  C  N N 176 
ILE CG2  C  N N 177 
ILE CD1  C  N N 178 
ILE OXT  O  N N 179 
ILE H    H  N N 180 
ILE H2   H  N N 181 
ILE HA   H  N N 182 
ILE HB   H  N N 183 
ILE HG12 H  N N 184 
ILE HG13 H  N N 185 
ILE HG21 H  N N 186 
ILE HG22 H  N N 187 
ILE HG23 H  N N 188 
ILE HD11 H  N N 189 
ILE HD12 H  N N 190 
ILE HD13 H  N N 191 
ILE HXT  H  N N 192 
LEU N    N  N N 193 
LEU CA   C  N S 194 
LEU C    C  N N 195 
LEU O    O  N N 196 
LEU CB   C  N N 197 
LEU CG   C  N N 198 
LEU CD1  C  N N 199 
LEU CD2  C  N N 200 
LEU OXT  O  N N 201 
LEU H    H  N N 202 
LEU H2   H  N N 203 
LEU HA   H  N N 204 
LEU HB2  H  N N 205 
LEU HB3  H  N N 206 
LEU HG   H  N N 207 
LEU HD11 H  N N 208 
LEU HD12 H  N N 209 
LEU HD13 H  N N 210 
LEU HD21 H  N N 211 
LEU HD22 H  N N 212 
LEU HD23 H  N N 213 
LEU HXT  H  N N 214 
LJ6 N1   N  Y N 215 
LJ6 C4   C  Y N 216 
LJ6 C5   C  Y N 217 
LJ6 C6   C  N N 218 
LJ6 C7   C  Y N 219 
LJ6 C8   C  N N 220 
LJ6 C10  C  N N 221 
LJ6 C1   C  N N 222 
LJ6 C2   C  N R 223 
LJ6 C3   C  N N 224 
LJ6 O1   O  Y N 225 
LJ6 C9   C  N N 226 
LJ6 O2   O  N N 227 
LJ6 N2   N  N N 228 
LJ6 C11  C  N N 229 
LJ6 H1   H  N N 230 
LJ6 H2   H  N N 231 
LJ6 H3   H  N N 232 
LJ6 H4   H  N N 233 
LJ6 H5   H  N N 234 
LJ6 H6   H  N N 235 
LJ6 H7   H  N N 236 
LJ6 H8   H  N N 237 
LJ6 H9   H  N N 238 
LJ6 H10  H  N N 239 
LJ6 H11  H  N N 240 
LJ6 H12  H  N N 241 
LJ6 H13  H  N N 242 
LJ6 H14  H  N N 243 
LJ6 H15  H  N N 244 
LJ6 H16  H  N N 245 
LJ6 H17  H  N N 246 
LJ6 H18  H  N N 247 
LYS N    N  N N 248 
LYS CA   C  N S 249 
LYS C    C  N N 250 
LYS O    O  N N 251 
LYS CB   C  N N 252 
LYS CG   C  N N 253 
LYS CD   C  N N 254 
LYS CE   C  N N 255 
LYS NZ   N  N N 256 
LYS OXT  O  N N 257 
LYS H    H  N N 258 
LYS H2   H  N N 259 
LYS HA   H  N N 260 
LYS HB2  H  N N 261 
LYS HB3  H  N N 262 
LYS HG2  H  N N 263 
LYS HG3  H  N N 264 
LYS HD2  H  N N 265 
LYS HD3  H  N N 266 
LYS HE2  H  N N 267 
LYS HE3  H  N N 268 
LYS HZ1  H  N N 269 
LYS HZ2  H  N N 270 
LYS HZ3  H  N N 271 
LYS HXT  H  N N 272 
MET N    N  N N 273 
MET CA   C  N S 274 
MET C    C  N N 275 
MET O    O  N N 276 
MET CB   C  N N 277 
MET CG   C  N N 278 
MET SD   S  N N 279 
MET CE   C  N N 280 
MET OXT  O  N N 281 
MET H    H  N N 282 
MET H2   H  N N 283 
MET HA   H  N N 284 
MET HB2  H  N N 285 
MET HB3  H  N N 286 
MET HG2  H  N N 287 
MET HG3  H  N N 288 
MET HE1  H  N N 289 
MET HE2  H  N N 290 
MET HE3  H  N N 291 
MET HXT  H  N N 292 
PHE N    N  N N 293 
PHE CA   C  N S 294 
PHE C    C  N N 295 
PHE O    O  N N 296 
PHE CB   C  N N 297 
PHE CG   C  Y N 298 
PHE CD1  C  Y N 299 
PHE CD2  C  Y N 300 
PHE CE1  C  Y N 301 
PHE CE2  C  Y N 302 
PHE CZ   C  Y N 303 
PHE OXT  O  N N 304 
PHE H    H  N N 305 
PHE H2   H  N N 306 
PHE HA   H  N N 307 
PHE HB2  H  N N 308 
PHE HB3  H  N N 309 
PHE HD1  H  N N 310 
PHE HD2  H  N N 311 
PHE HE1  H  N N 312 
PHE HE2  H  N N 313 
PHE HZ   H  N N 314 
PHE HXT  H  N N 315 
PRO N    N  N N 316 
PRO CA   C  N S 317 
PRO C    C  N N 318 
PRO O    O  N N 319 
PRO CB   C  N N 320 
PRO CG   C  N N 321 
PRO CD   C  N N 322 
PRO OXT  O  N N 323 
PRO H    H  N N 324 
PRO HA   H  N N 325 
PRO HB2  H  N N 326 
PRO HB3  H  N N 327 
PRO HG2  H  N N 328 
PRO HG3  H  N N 329 
PRO HD2  H  N N 330 
PRO HD3  H  N N 331 
PRO HXT  H  N N 332 
SER N    N  N N 333 
SER CA   C  N S 334 
SER C    C  N N 335 
SER O    O  N N 336 
SER CB   C  N N 337 
SER OG   O  N N 338 
SER OXT  O  N N 339 
SER H    H  N N 340 
SER H2   H  N N 341 
SER HA   H  N N 342 
SER HB2  H  N N 343 
SER HB3  H  N N 344 
SER HG   H  N N 345 
SER HXT  H  N N 346 
SO4 S    S  N N 347 
SO4 O1   O  N N 348 
SO4 O2   O  N N 349 
SO4 O3   O  N N 350 
SO4 O4   O  N N 351 
THR N    N  N N 352 
THR CA   C  N S 353 
THR C    C  N N 354 
THR O    O  N N 355 
THR CB   C  N R 356 
THR OG1  O  N N 357 
THR CG2  C  N N 358 
THR OXT  O  N N 359 
THR H    H  N N 360 
THR H2   H  N N 361 
THR HA   H  N N 362 
THR HB   H  N N 363 
THR HG1  H  N N 364 
THR HG21 H  N N 365 
THR HG22 H  N N 366 
THR HG23 H  N N 367 
THR HXT  H  N N 368 
TRP N    N  N N 369 
TRP CA   C  N S 370 
TRP C    C  N N 371 
TRP O    O  N N 372 
TRP CB   C  N N 373 
TRP CG   C  Y N 374 
TRP CD1  C  Y N 375 
TRP CD2  C  Y N 376 
TRP NE1  N  Y N 377 
TRP CE2  C  Y N 378 
TRP CE3  C  Y N 379 
TRP CZ2  C  Y N 380 
TRP CZ3  C  Y N 381 
TRP CH2  C  Y N 382 
TRP OXT  O  N N 383 
TRP H    H  N N 384 
TRP H2   H  N N 385 
TRP HA   H  N N 386 
TRP HB2  H  N N 387 
TRP HB3  H  N N 388 
TRP HD1  H  N N 389 
TRP HE1  H  N N 390 
TRP HE3  H  N N 391 
TRP HZ2  H  N N 392 
TRP HZ3  H  N N 393 
TRP HH2  H  N N 394 
TRP HXT  H  N N 395 
TYR N    N  N N 396 
TYR CA   C  N S 397 
TYR C    C  N N 398 
TYR O    O  N N 399 
TYR CB   C  N N 400 
TYR CG   C  Y N 401 
TYR CD1  C  Y N 402 
TYR CD2  C  Y N 403 
TYR CE1  C  Y N 404 
TYR CE2  C  Y N 405 
TYR CZ   C  Y N 406 
TYR OH   O  N N 407 
TYR OXT  O  N N 408 
TYR H    H  N N 409 
TYR H2   H  N N 410 
TYR HA   H  N N 411 
TYR HB2  H  N N 412 
TYR HB3  H  N N 413 
TYR HD1  H  N N 414 
TYR HD2  H  N N 415 
TYR HE1  H  N N 416 
TYR HE2  H  N N 417 
TYR HH   H  N N 418 
TYR HXT  H  N N 419 
VAL N    N  N N 420 
VAL CA   C  N S 421 
VAL C    C  N N 422 
VAL O    O  N N 423 
VAL CB   C  N N 424 
VAL CG1  C  N N 425 
VAL CG2  C  N N 426 
VAL OXT  O  N N 427 
VAL H    H  N N 428 
VAL H2   H  N N 429 
VAL HA   H  N N 430 
VAL HB   H  N N 431 
VAL HG11 H  N N 432 
VAL HG12 H  N N 433 
VAL HG13 H  N N 434 
VAL HG21 H  N N 435 
VAL HG22 H  N N 436 
VAL HG23 H  N N 437 
VAL HXT  H  N N 438 
ZN  ZN   ZN N N 439 
# 
loop_
_chem_comp_bond.comp_id 
_chem_comp_bond.atom_id_1 
_chem_comp_bond.atom_id_2 
_chem_comp_bond.value_order 
_chem_comp_bond.pdbx_aromatic_flag 
_chem_comp_bond.pdbx_stereo_config 
_chem_comp_bond.pdbx_ordinal 
ALA N   CA   sing N N 1   
ALA N   H    sing N N 2   
ALA N   H2   sing N N 3   
ALA CA  C    sing N N 4   
ALA CA  CB   sing N N 5   
ALA CA  HA   sing N N 6   
ALA C   O    doub N N 7   
ALA C   OXT  sing N N 8   
ALA CB  HB1  sing N N 9   
ALA CB  HB2  sing N N 10  
ALA CB  HB3  sing N N 11  
ALA OXT HXT  sing N N 12  
ARG N   CA   sing N N 13  
ARG N   H    sing N N 14  
ARG N   H2   sing N N 15  
ARG CA  C    sing N N 16  
ARG CA  CB   sing N N 17  
ARG CA  HA   sing N N 18  
ARG C   O    doub N N 19  
ARG C   OXT  sing N N 20  
ARG CB  CG   sing N N 21  
ARG CB  HB2  sing N N 22  
ARG CB  HB3  sing N N 23  
ARG CG  CD   sing N N 24  
ARG CG  HG2  sing N N 25  
ARG CG  HG3  sing N N 26  
ARG CD  NE   sing N N 27  
ARG CD  HD2  sing N N 28  
ARG CD  HD3  sing N N 29  
ARG NE  CZ   sing N N 30  
ARG NE  HE   sing N N 31  
ARG CZ  NH1  sing N N 32  
ARG CZ  NH2  doub N N 33  
ARG NH1 HH11 sing N N 34  
ARG NH1 HH12 sing N N 35  
ARG NH2 HH21 sing N N 36  
ARG NH2 HH22 sing N N 37  
ARG OXT HXT  sing N N 38  
ASN N   CA   sing N N 39  
ASN N   H    sing N N 40  
ASN N   H2   sing N N 41  
ASN CA  C    sing N N 42  
ASN CA  CB   sing N N 43  
ASN CA  HA   sing N N 44  
ASN C   O    doub N N 45  
ASN C   OXT  sing N N 46  
ASN CB  CG   sing N N 47  
ASN CB  HB2  sing N N 48  
ASN CB  HB3  sing N N 49  
ASN CG  OD1  doub N N 50  
ASN CG  ND2  sing N N 51  
ASN ND2 HD21 sing N N 52  
ASN ND2 HD22 sing N N 53  
ASN OXT HXT  sing N N 54  
ASP N   CA   sing N N 55  
ASP N   H    sing N N 56  
ASP N   H2   sing N N 57  
ASP CA  C    sing N N 58  
ASP CA  CB   sing N N 59  
ASP CA  HA   sing N N 60  
ASP C   O    doub N N 61  
ASP C   OXT  sing N N 62  
ASP CB  CG   sing N N 63  
ASP CB  HB2  sing N N 64  
ASP CB  HB3  sing N N 65  
ASP CG  OD1  doub N N 66  
ASP CG  OD2  sing N N 67  
ASP OD2 HD2  sing N N 68  
ASP OXT HXT  sing N N 69  
CYS N   CA   sing N N 70  
CYS N   H    sing N N 71  
CYS N   H2   sing N N 72  
CYS CA  C    sing N N 73  
CYS CA  CB   sing N N 74  
CYS CA  HA   sing N N 75  
CYS C   O    doub N N 76  
CYS C   OXT  sing N N 77  
CYS CB  SG   sing N N 78  
CYS CB  HB2  sing N N 79  
CYS CB  HB3  sing N N 80  
CYS SG  HG   sing N N 81  
CYS OXT HXT  sing N N 82  
DMS S   O    doub N N 83  
DMS S   C1   sing N N 84  
DMS S   C2   sing N N 85  
DMS C1  H11  sing N N 86  
DMS C1  H12  sing N N 87  
DMS C1  H13  sing N N 88  
DMS C2  H21  sing N N 89  
DMS C2  H22  sing N N 90  
DMS C2  H23  sing N N 91  
GLN N   CA   sing N N 92  
GLN N   H    sing N N 93  
GLN N   H2   sing N N 94  
GLN CA  C    sing N N 95  
GLN CA  CB   sing N N 96  
GLN CA  HA   sing N N 97  
GLN C   O    doub N N 98  
GLN C   OXT  sing N N 99  
GLN CB  CG   sing N N 100 
GLN CB  HB2  sing N N 101 
GLN CB  HB3  sing N N 102 
GLN CG  CD   sing N N 103 
GLN CG  HG2  sing N N 104 
GLN CG  HG3  sing N N 105 
GLN CD  OE1  doub N N 106 
GLN CD  NE2  sing N N 107 
GLN NE2 HE21 sing N N 108 
GLN NE2 HE22 sing N N 109 
GLN OXT HXT  sing N N 110 
GLU N   CA   sing N N 111 
GLU N   H    sing N N 112 
GLU N   H2   sing N N 113 
GLU CA  C    sing N N 114 
GLU CA  CB   sing N N 115 
GLU CA  HA   sing N N 116 
GLU C   O    doub N N 117 
GLU C   OXT  sing N N 118 
GLU CB  CG   sing N N 119 
GLU CB  HB2  sing N N 120 
GLU CB  HB3  sing N N 121 
GLU CG  CD   sing N N 122 
GLU CG  HG2  sing N N 123 
GLU CG  HG3  sing N N 124 
GLU CD  OE1  doub N N 125 
GLU CD  OE2  sing N N 126 
GLU OE2 HE2  sing N N 127 
GLU OXT HXT  sing N N 128 
GLY N   CA   sing N N 129 
GLY N   H    sing N N 130 
GLY N   H2   sing N N 131 
GLY CA  C    sing N N 132 
GLY CA  HA2  sing N N 133 
GLY CA  HA3  sing N N 134 
GLY C   O    doub N N 135 
GLY C   OXT  sing N N 136 
GLY OXT HXT  sing N N 137 
HIS N   CA   sing N N 138 
HIS N   H    sing N N 139 
HIS N   H2   sing N N 140 
HIS CA  C    sing N N 141 
HIS CA  CB   sing N N 142 
HIS CA  HA   sing N N 143 
HIS C   O    doub N N 144 
HIS C   OXT  sing N N 145 
HIS CB  CG   sing N N 146 
HIS CB  HB2  sing N N 147 
HIS CB  HB3  sing N N 148 
HIS CG  ND1  sing Y N 149 
HIS CG  CD2  doub Y N 150 
HIS ND1 CE1  doub Y N 151 
HIS ND1 HD1  sing N N 152 
HIS CD2 NE2  sing Y N 153 
HIS CD2 HD2  sing N N 154 
HIS CE1 NE2  sing Y N 155 
HIS CE1 HE1  sing N N 156 
HIS NE2 HE2  sing N N 157 
HIS OXT HXT  sing N N 158 
HOH O   H1   sing N N 159 
HOH O   H2   sing N N 160 
ILE N   CA   sing N N 161 
ILE N   H    sing N N 162 
ILE N   H2   sing N N 163 
ILE CA  C    sing N N 164 
ILE CA  CB   sing N N 165 
ILE CA  HA   sing N N 166 
ILE C   O    doub N N 167 
ILE C   OXT  sing N N 168 
ILE CB  CG1  sing N N 169 
ILE CB  CG2  sing N N 170 
ILE CB  HB   sing N N 171 
ILE CG1 CD1  sing N N 172 
ILE CG1 HG12 sing N N 173 
ILE CG1 HG13 sing N N 174 
ILE CG2 HG21 sing N N 175 
ILE CG2 HG22 sing N N 176 
ILE CG2 HG23 sing N N 177 
ILE CD1 HD11 sing N N 178 
ILE CD1 HD12 sing N N 179 
ILE CD1 HD13 sing N N 180 
ILE OXT HXT  sing N N 181 
LEU N   CA   sing N N 182 
LEU N   H    sing N N 183 
LEU N   H2   sing N N 184 
LEU CA  C    sing N N 185 
LEU CA  CB   sing N N 186 
LEU CA  HA   sing N N 187 
LEU C   O    doub N N 188 
LEU C   OXT  sing N N 189 
LEU CB  CG   sing N N 190 
LEU CB  HB2  sing N N 191 
LEU CB  HB3  sing N N 192 
LEU CG  CD1  sing N N 193 
LEU CG  CD2  sing N N 194 
LEU CG  HG   sing N N 195 
LEU CD1 HD11 sing N N 196 
LEU CD1 HD12 sing N N 197 
LEU CD1 HD13 sing N N 198 
LEU CD2 HD21 sing N N 199 
LEU CD2 HD22 sing N N 200 
LEU CD2 HD23 sing N N 201 
LEU OXT HXT  sing N N 202 
LJ6 C1  C2   sing N N 203 
LJ6 C8  C7   sing N N 204 
LJ6 C2  C9   sing N N 205 
LJ6 C2  C3   sing N N 206 
LJ6 O2  C9   doub N N 207 
LJ6 O1  C7   sing Y N 208 
LJ6 O1  N1   sing Y N 209 
LJ6 C9  N2   sing N N 210 
LJ6 C7  C4   doub Y N 211 
LJ6 N1  C5   doub Y N 212 
LJ6 N2  C11  sing N N 213 
LJ6 N2  C10  sing N N 214 
LJ6 C4  C3   sing N N 215 
LJ6 C4  C5   sing Y N 216 
LJ6 C5  C6   sing N N 217 
LJ6 C6  H1   sing N N 218 
LJ6 C6  H2   sing N N 219 
LJ6 C6  H3   sing N N 220 
LJ6 C8  H4   sing N N 221 
LJ6 C8  H5   sing N N 222 
LJ6 C8  H6   sing N N 223 
LJ6 C10 H7   sing N N 224 
LJ6 C10 H8   sing N N 225 
LJ6 C10 H9   sing N N 226 
LJ6 C1  H10  sing N N 227 
LJ6 C1  H11  sing N N 228 
LJ6 C1  H12  sing N N 229 
LJ6 C2  H13  sing N N 230 
LJ6 C3  H14  sing N N 231 
LJ6 C3  H15  sing N N 232 
LJ6 C11 H16  sing N N 233 
LJ6 C11 H17  sing N N 234 
LJ6 C11 H18  sing N N 235 
LYS N   CA   sing N N 236 
LYS N   H    sing N N 237 
LYS N   H2   sing N N 238 
LYS CA  C    sing N N 239 
LYS CA  CB   sing N N 240 
LYS CA  HA   sing N N 241 
LYS C   O    doub N N 242 
LYS C   OXT  sing N N 243 
LYS CB  CG   sing N N 244 
LYS CB  HB2  sing N N 245 
LYS CB  HB3  sing N N 246 
LYS CG  CD   sing N N 247 
LYS CG  HG2  sing N N 248 
LYS CG  HG3  sing N N 249 
LYS CD  CE   sing N N 250 
LYS CD  HD2  sing N N 251 
LYS CD  HD3  sing N N 252 
LYS CE  NZ   sing N N 253 
LYS CE  HE2  sing N N 254 
LYS CE  HE3  sing N N 255 
LYS NZ  HZ1  sing N N 256 
LYS NZ  HZ2  sing N N 257 
LYS NZ  HZ3  sing N N 258 
LYS OXT HXT  sing N N 259 
MET N   CA   sing N N 260 
MET N   H    sing N N 261 
MET N   H2   sing N N 262 
MET CA  C    sing N N 263 
MET CA  CB   sing N N 264 
MET CA  HA   sing N N 265 
MET C   O    doub N N 266 
MET C   OXT  sing N N 267 
MET CB  CG   sing N N 268 
MET CB  HB2  sing N N 269 
MET CB  HB3  sing N N 270 
MET CG  SD   sing N N 271 
MET CG  HG2  sing N N 272 
MET CG  HG3  sing N N 273 
MET SD  CE   sing N N 274 
MET CE  HE1  sing N N 275 
MET CE  HE2  sing N N 276 
MET CE  HE3  sing N N 277 
MET OXT HXT  sing N N 278 
PHE N   CA   sing N N 279 
PHE N   H    sing N N 280 
PHE N   H2   sing N N 281 
PHE CA  C    sing N N 282 
PHE CA  CB   sing N N 283 
PHE CA  HA   sing N N 284 
PHE C   O    doub N N 285 
PHE C   OXT  sing N N 286 
PHE CB  CG   sing N N 287 
PHE CB  HB2  sing N N 288 
PHE CB  HB3  sing N N 289 
PHE CG  CD1  doub Y N 290 
PHE CG  CD2  sing Y N 291 
PHE CD1 CE1  sing Y N 292 
PHE CD1 HD1  sing N N 293 
PHE CD2 CE2  doub Y N 294 
PHE CD2 HD2  sing N N 295 
PHE CE1 CZ   doub Y N 296 
PHE CE1 HE1  sing N N 297 
PHE CE2 CZ   sing Y N 298 
PHE CE2 HE2  sing N N 299 
PHE CZ  HZ   sing N N 300 
PHE OXT HXT  sing N N 301 
PRO N   CA   sing N N 302 
PRO N   CD   sing N N 303 
PRO N   H    sing N N 304 
PRO CA  C    sing N N 305 
PRO CA  CB   sing N N 306 
PRO CA  HA   sing N N 307 
PRO C   O    doub N N 308 
PRO C   OXT  sing N N 309 
PRO CB  CG   sing N N 310 
PRO CB  HB2  sing N N 311 
PRO CB  HB3  sing N N 312 
PRO CG  CD   sing N N 313 
PRO CG  HG2  sing N N 314 
PRO CG  HG3  sing N N 315 
PRO CD  HD2  sing N N 316 
PRO CD  HD3  sing N N 317 
PRO OXT HXT  sing N N 318 
SER N   CA   sing N N 319 
SER N   H    sing N N 320 
SER N   H2   sing N N 321 
SER CA  C    sing N N 322 
SER CA  CB   sing N N 323 
SER CA  HA   sing N N 324 
SER C   O    doub N N 325 
SER C   OXT  sing N N 326 
SER CB  OG   sing N N 327 
SER CB  HB2  sing N N 328 
SER CB  HB3  sing N N 329 
SER OG  HG   sing N N 330 
SER OXT HXT  sing N N 331 
SO4 S   O1   doub N N 332 
SO4 S   O2   doub N N 333 
SO4 S   O3   sing N N 334 
SO4 S   O4   sing N N 335 
THR N   CA   sing N N 336 
THR N   H    sing N N 337 
THR N   H2   sing N N 338 
THR CA  C    sing N N 339 
THR CA  CB   sing N N 340 
THR CA  HA   sing N N 341 
THR C   O    doub N N 342 
THR C   OXT  sing N N 343 
THR CB  OG1  sing N N 344 
THR CB  CG2  sing N N 345 
THR CB  HB   sing N N 346 
THR OG1 HG1  sing N N 347 
THR CG2 HG21 sing N N 348 
THR CG2 HG22 sing N N 349 
THR CG2 HG23 sing N N 350 
THR OXT HXT  sing N N 351 
TRP N   CA   sing N N 352 
TRP N   H    sing N N 353 
TRP N   H2   sing N N 354 
TRP CA  C    sing N N 355 
TRP CA  CB   sing N N 356 
TRP CA  HA   sing N N 357 
TRP C   O    doub N N 358 
TRP C   OXT  sing N N 359 
TRP CB  CG   sing N N 360 
TRP CB  HB2  sing N N 361 
TRP CB  HB3  sing N N 362 
TRP CG  CD1  doub Y N 363 
TRP CG  CD2  sing Y N 364 
TRP CD1 NE1  sing Y N 365 
TRP CD1 HD1  sing N N 366 
TRP CD2 CE2  doub Y N 367 
TRP CD2 CE3  sing Y N 368 
TRP NE1 CE2  sing Y N 369 
TRP NE1 HE1  sing N N 370 
TRP CE2 CZ2  sing Y N 371 
TRP CE3 CZ3  doub Y N 372 
TRP CE3 HE3  sing N N 373 
TRP CZ2 CH2  doub Y N 374 
TRP CZ2 HZ2  sing N N 375 
TRP CZ3 CH2  sing Y N 376 
TRP CZ3 HZ3  sing N N 377 
TRP CH2 HH2  sing N N 378 
TRP OXT HXT  sing N N 379 
TYR N   CA   sing N N 380 
TYR N   H    sing N N 381 
TYR N   H2   sing N N 382 
TYR CA  C    sing N N 383 
TYR CA  CB   sing N N 384 
TYR CA  HA   sing N N 385 
TYR C   O    doub N N 386 
TYR C   OXT  sing N N 387 
TYR CB  CG   sing N N 388 
TYR CB  HB2  sing N N 389 
TYR CB  HB3  sing N N 390 
TYR CG  CD1  doub Y N 391 
TYR CG  CD2  sing Y N 392 
TYR CD1 CE1  sing Y N 393 
TYR CD1 HD1  sing N N 394 
TYR CD2 CE2  doub Y N 395 
TYR CD2 HD2  sing N N 396 
TYR CE1 CZ   doub Y N 397 
TYR CE1 HE1  sing N N 398 
TYR CE2 CZ   sing Y N 399 
TYR CE2 HE2  sing N N 400 
TYR CZ  OH   sing N N 401 
TYR OH  HH   sing N N 402 
TYR OXT HXT  sing N N 403 
VAL N   CA   sing N N 404 
VAL N   H    sing N N 405 
VAL N   H2   sing N N 406 
VAL CA  C    sing N N 407 
VAL CA  CB   sing N N 408 
VAL CA  HA   sing N N 409 
VAL C   O    doub N N 410 
VAL C   OXT  sing N N 411 
VAL CB  CG1  sing N N 412 
VAL CB  CG2  sing N N 413 
VAL CB  HB   sing N N 414 
VAL CG1 HG11 sing N N 415 
VAL CG1 HG12 sing N N 416 
VAL CG1 HG13 sing N N 417 
VAL CG2 HG21 sing N N 418 
VAL CG2 HG22 sing N N 419 
VAL CG2 HG23 sing N N 420 
VAL OXT HXT  sing N N 421 
# 
_pdbx_audit_support.funding_organization   
'National Institutes of Health/National Institute Of Allergy and Infectious Diseases (NIH/NIAID)' 
_pdbx_audit_support.country                'United States' 
_pdbx_audit_support.grant_number           U19AI171399 
_pdbx_audit_support.ordinal                1 
# 
_pdbx_deposit_group.group_id            G_1002288 
_pdbx_deposit_group.group_description   'Crystallographic fragment screening of Coxsackievirus A16 (G-10) 2A protease' 
_pdbx_deposit_group.group_title         
'Group deposition for crystallographic fragment screening of Coxsackievirus A16 (G-10) 2A protease' 
_pdbx_deposit_group.group_type          'changed state' 
# 
_atom_sites.entry_id                    7H43 
_atom_sites.fract_transf_matrix[1][1]   -0.00607089 
_atom_sites.fract_transf_matrix[1][2]   0.00471067 
_atom_sites.fract_transf_matrix[1][3]   -0.00871085 
_atom_sites.fract_transf_matrix[2][1]   -0.01281575 
_atom_sites.fract_transf_matrix[2][2]   -0.01203162 
_atom_sites.fract_transf_matrix[2][3]   0.00242524 
_atom_sites.fract_transf_matrix[3][1]   -0.01547853 
_atom_sites.fract_transf_matrix[3][2]   0.02006503 
_atom_sites.fract_transf_matrix[3][3]   0.01774912 
_atom_sites.fract_transf_vector[1]      0.185360 
_atom_sites.fract_transf_vector[2]      0.124043 
_atom_sites.fract_transf_vector[3]      0.450373 
# 
loop_
_atom_type.symbol 
C  
N  
O  
S  
ZN 
# 
loop_
_atom_site.group_PDB 
_atom_site.id 
_atom_site.type_symbol 
_atom_site.label_atom_id 
_atom_site.label_alt_id 
_atom_site.label_comp_id 
_atom_site.label_asym_id 
_atom_site.label_entity_id 
_atom_site.label_seq_id 
_atom_site.pdbx_PDB_ins_code 
_atom_site.Cartn_x 
_atom_site.Cartn_y 
_atom_site.Cartn_z 
_atom_site.occupancy 
_atom_site.B_iso_or_equiv 
_atom_site.pdbx_formal_charge 
_atom_site.auth_seq_id 
_atom_site.auth_comp_id 
_atom_site.auth_asym_id 
_atom_site.auth_atom_id 
_atom_site.pdbx_PDB_model_num 
ATOM   1    N  N   . SER A 1 7   ? -6.371  8.106   3.057   1.00 16.95 ? 7   SER A N   1 
ATOM   2    C  CA  . SER A 1 7   ? -6.622  7.905   1.652   1.00 15.55 ? 7   SER A CA  1 
ATOM   3    C  C   . SER A 1 7   ? -5.330  8.055   0.857   1.00 15.15 ? 7   SER A C   1 
ATOM   4    O  O   . SER A 1 7   ? -4.331  8.587   1.388   1.00 16.92 ? 7   SER A O   1 
ATOM   5    C  CB  . SER A 1 7   ? -7.677  8.867   1.161   1.00 19.92 ? 7   SER A CB  1 
ATOM   6    O  OG  . SER A 1 7   ? -7.168  10.161  1.369   1.00 23.20 ? 7   SER A OG  1 
ATOM   7    N  N   . GLY A 1 8   ? -5.342  7.581   -0.367  1.00 14.88 ? 8   GLY A N   1 
ATOM   8    C  CA  . GLY A 1 8   ? -4.235  7.721   -1.295  1.00 14.52 ? 8   GLY A CA  1 
ATOM   9    C  C   . GLY A 1 8   ? -4.122  6.559   -2.243  1.00 13.49 ? 8   GLY A C   1 
ATOM   10   O  O   . GLY A 1 8   ? -4.648  5.481   -2.001  1.00 15.86 ? 8   GLY A O   1 
ATOM   11   N  N   . ALA A 1 9   ? -3.464  6.811   -3.360  1.00 13.43 ? 9   ALA A N   1 
ATOM   12   C  CA  . ALA A 1 9   ? -3.290  5.841   -4.428  1.00 13.22 ? 9   ALA A CA  1 
ATOM   13   C  C   . ALA A 1 9   ? -1.906  5.952   -5.041  1.00 12.46 ? 9   ALA A C   1 
ATOM   14   O  O   . ALA A 1 9   ? -1.222  6.978   -4.880  1.00 14.06 ? 9   ALA A O   1 
ATOM   15   C  CB  . ALA A 1 9   ? -4.343  6.006   -5.486  1.00 14.71 ? 9   ALA A CB  1 
ATOM   16   N  N   . ILE A 1 10  ? -1.532  4.885   -5.711  1.00 12.71 ? 10  ILE A N   1 
ATOM   17   C  CA  . ILE A 1 10  ? -0.383  4.876   -6.617  1.00 13.35 ? 10  ILE A CA  1 
ATOM   18   C  C   . ILE A 1 10  ? -0.942  5.004   -8.010  1.00 14.23 ? 10  ILE A C   1 
ATOM   19   O  O   . ILE A 1 10  ? -1.813  4.216   -8.379  1.00 14.26 ? 10  ILE A O   1 
ATOM   20   C  CB  . ILE A 1 10  ? 0.478   3.598   -6.485  1.00 13.00 ? 10  ILE A CB  1 
ATOM   21   C  CG1 . ILE A 1 10  ? 0.818   3.257   -5.028  1.00 13.80 ? 10  ILE A CG1 1 
ATOM   22   C  CG2 . ILE A 1 10  ? 1.768   3.766   -7.302  1.00 13.80 ? 10  ILE A CG2 1 
ATOM   23   C  CD1 . ILE A 1 10  ? 1.371   1.871   -4.830  1.00 13.88 ? 10  ILE A CD1 1 
ATOM   24   N  N   . TYR A 1 11  ? -0.280  5.837   -8.809  1.00 16.62 ? 11  TYR A N   1 
ATOM   25   C  CA  . TYR A 1 11  ? -0.639  6.107   -10.221 1.00 17.56 ? 11  TYR A CA  1 
ATOM   26   C  C   . TYR A 1 11  ? 0.552   5.721   -11.081 1.00 17.53 ? 11  TYR A C   1 
ATOM   27   O  O   . TYR A 1 11  ? 1.434   6.552   -11.202 1.00 18.20 ? 11  TYR A O   1 
ATOM   28   C  CB  . TYR A 1 11  ? -1.109  7.555   -10.404 1.00 18.93 ? 11  TYR A CB  1 
ATOM   29   C  CG  . TYR A 1 11  ? -2.421  7.819   -9.713  1.00 18.32 ? 11  TYR A CG  1 
ATOM   30   C  CD1 . TYR A 1 11  ? -3.612  7.402   -10.287 1.00 18.23 ? 11  TYR A CD1 1 
ATOM   31   C  CD2 . TYR A 1 11  ? -2.459  8.471   -8.518  1.00 20.19 ? 11  TYR A CD2 1 
ATOM   32   C  CE1 . TYR A 1 11  ? -4.816  7.620   -9.640  1.00 17.24 ? 11  TYR A CE1 1 
ATOM   33   C  CE2 . TYR A 1 11  ? -3.643  8.688   -7.842  1.00 19.15 ? 11  TYR A CE2 1 
ATOM   34   C  CZ  . TYR A 1 11  ? -4.819  8.249   -8.412  1.00 19.24 ? 11  TYR A CZ  1 
ATOM   35   O  OH  . TYR A 1 11  ? -5.961  8.533   -7.718  1.00 19.51 ? 11  TYR A OH  1 
ATOM   36   N  N   . VAL A 1 12  ? 0.527   4.536   -11.604 1.00 16.26 ? 12  VAL A N   1 
ATOM   37   C  CA  . VAL A 1 12  ? 1.630   3.979   -12.441 1.00 17.49 ? 12  VAL A CA  1 
ATOM   38   C  C   . VAL A 1 12  ? 1.056   3.602   -13.795 1.00 19.12 ? 12  VAL A C   1 
ATOM   39   O  O   . VAL A 1 12  ? 0.134   2.791   -13.884 1.00 19.32 ? 12  VAL A O   1 
ATOM   40   C  CB  . VAL A 1 12  ? 2.378   2.799   -11.762 1.00 16.71 ? 12  VAL A CB  1 
ATOM   41   C  CG1 . VAL A 1 12  ? 1.513   1.649   -11.344 1.00 16.73 ? 12  VAL A CG1 1 
ATOM   42   C  CG2 . VAL A 1 12  ? 3.491   2.313   -12.679 1.00 16.92 ? 12  VAL A CG2 1 
ATOM   43   N  N   . GLY A 1 13  ? 1.650   4.118   -14.880 1.00 20.32 ? 13  GLY A N   1 
ATOM   44   C  CA  . GLY A 1 13  ? 1.068   3.814   -16.192 1.00 21.00 ? 13  GLY A CA  1 
ATOM   45   C  C   . GLY A 1 13  ? -0.414  4.195   -16.238 1.00 17.41 ? 13  GLY A C   1 
ATOM   46   O  O   . GLY A 1 13  ? -0.729  5.298   -15.808 1.00 19.58 ? 13  GLY A O   1 
ATOM   47   N  N   . ASN A 1 14  ? -1.223  3.261   -16.700 1.00 21.37 ? 14  ASN A N   1 
ATOM   48   C  CA  . ASN A 1 14  ? -2.692  3.433   -16.755 1.00 21.70 ? 14  ASN A CA  1 
ATOM   49   C  C   . ASN A 1 14  ? -3.344  2.614   -15.639 1.00 23.22 ? 14  ASN A C   1 
ATOM   50   O  O   . ASN A 1 14  ? -4.448  2.051   -15.852 1.00 22.21 ? 14  ASN A O   1 
ATOM   51   C  CB  . ASN A 1 14  ? -3.250  3.170   -18.157 1.00 25.05 ? 14  ASN A CB  1 
ATOM   52   C  CG  . ASN A 1 14  ? -2.962  4.322   -19.108 1.00 24.25 ? 14  ASN A CG  1 
ATOM   53   O  OD1 . ASN A 1 14  ? -3.742  5.267   -19.220 1.00 31.26 ? 14  ASN A OD1 1 
ATOM   54   N  ND2 . ASN A 1 14  ? -1.785  4.312   -19.707 1.00 21.29 ? 14  ASN A ND2 1 
ATOM   55   N  N   . TYR A 1 15  ? -2.657  2.524   -14.487 1.00 19.39 ? 15  TYR A N   1 
ATOM   56   C  CA  . TYR A 1 15  ? -3.197  1.791   -13.313 1.00 17.80 ? 15  TYR A CA  1 
ATOM   57   C  C   . TYR A 1 15  ? -3.278  2.753   -12.139 1.00 16.03 ? 15  TYR A C   1 
ATOM   58   O  O   . TYR A 1 15  ? -2.499  3.657   -11.930 1.00 16.80 ? 15  TYR A O   1 
ATOM   59   C  CB  . TYR A 1 15  ? -2.311  0.598   -12.957 1.00 18.67 ? 15  TYR A CB  1 
ATOM   60   C  CG  . TYR A 1 15  ? -2.159  -0.447  -14.020 1.00 18.09 ? 15  TYR A CG  1 
ATOM   61   C  CD1 . TYR A 1 15  ? -3.224  -1.180  -14.515 1.00 20.66 ? 15  TYR A CD1 1 
ATOM   62   C  CD2 . TYR A 1 15  ? -0.894  -0.766  -14.493 1.00 19.72 ? 15  TYR A CD2 1 
ATOM   63   C  CE1 . TYR A 1 15  ? -3.067  -2.134  -15.506 1.00 22.82 ? 15  TYR A CE1 1 
ATOM   64   C  CE2 . TYR A 1 15  ? -0.718  -1.734  -15.456 1.00 19.93 ? 15  TYR A CE2 1 
ATOM   65   C  CZ  . TYR A 1 15  ? -1.797  -2.440  -15.954 1.00 24.31 ? 15  TYR A CZ  1 
ATOM   66   O  OH  . TYR A 1 15  ? -1.590  -3.371  -16.924 1.00 28.56 ? 15  TYR A OH  1 
ATOM   67   N  N   . ARG A 1 16  ? -4.298  2.515   -11.301 1.00 15.60 ? 16  ARG A N   1 
ATOM   68   C  CA  . ARG A 1 16  ? -4.557  3.159   -10.013 1.00 15.68 ? 16  ARG A CA  1 
ATOM   69   C  C   . ARG A 1 16  ? -4.563  2.038   -8.988  1.00 14.71 ? 16  ARG A C   1 
ATOM   70   O  O   . ARG A 1 16  ? -5.361  1.102   -9.118  1.00 15.24 ? 16  ARG A O   1 
ATOM   71   C  CB  . ARG A 1 16  ? -5.882  3.923   -10.035 1.00 16.10 ? 16  ARG A CB  1 
ATOM   72   C  CG  . ARG A 1 16  ? -6.403  4.341   -8.669  1.00 15.65 ? 16  ARG A CG  1 
ATOM   73   C  CD  . ARG A 1 16  ? -7.651  5.220   -8.834  1.00 16.34 ? 16  ARG A CD  1 
ATOM   74   N  NE  . ARG A 1 16  ? -8.611  5.026   -7.775  1.00 15.03 ? 16  ARG A NE  1 
ATOM   75   C  CZ  . ARG A 1 16  ? -8.701  5.676   -6.663  1.00 15.28 ? 16  ARG A CZ  1 
ATOM   76   N  NH1 . ARG A 1 16  ? -7.807  6.557   -6.263  1.00 17.52 ? 16  ARG A NH1 1 
ATOM   77   N  NH2 . ARG A 1 16  ? -9.666  5.333   -5.819  1.00 15.99 ? 16  ARG A NH2 1 
ATOM   78   N  N   . VAL A 1 17  ? -3.642  2.125   -8.032  1.00 12.64 ? 17  VAL A N   1 
ATOM   79   C  CA  . VAL A 1 17  ? -3.497  1.106   -6.982  1.00 12.36 ? 17  VAL A CA  1 
ATOM   80   C  C   . VAL A 1 17  ? -3.989  1.730   -5.702  1.00 11.16 ? 17  VAL A C   1 
ATOM   81   O  O   . VAL A 1 17  ? -3.448  2.742   -5.261  1.00 12.47 ? 17  VAL A O   1 
ATOM   82   C  CB  . VAL A 1 17  ? -2.039  0.642   -6.819  1.00 11.60 ? 17  VAL A CB  1 
ATOM   83   C  CG1 . VAL A 1 17  ? -1.996  -0.486  -5.781  1.00 12.61 ? 17  VAL A CG1 1 
ATOM   84   C  CG2 . VAL A 1 17  ? -1.400  0.301   -8.160  1.00 12.76 ? 17  VAL A CG2 1 
ATOM   85   N  N   . VAL A 1 18  ? -5.011  1.097   -5.115  1.00 11.46 ? 18  VAL A N   1 
ATOM   86   C  CA  . VAL A 1 18  ? -5.657  1.590   -3.908  1.00 11.78 ? 18  VAL A CA  1 
ATOM   87   C  C   . VAL A 1 18  ? -5.785  0.481   -2.901  1.00 11.43 ? 18  VAL A C   1 
ATOM   88   O  O   . VAL A 1 18  ? -5.759  -0.702  -3.228  1.00 11.95 ? 18  VAL A O   1 
ATOM   89   C  CB  . VAL A 1 18  ? -7.027  2.226   -4.178  1.00 12.95 ? 18  VAL A CB  1 
ATOM   90   C  CG1 . VAL A 1 18  ? -6.821  3.534   -4.888  1.00 15.28 ? 18  VAL A CG1 1 
ATOM   91   C  CG2 . VAL A 1 18  ? -8.028  1.297   -4.850  1.00 13.02 ? 18  VAL A CG2 1 
ATOM   92   N  N   . ASN A 1 19  ? -5.999  0.896   -1.662  1.00 10.96 ? 19  ASN A N   1 
ATOM   93   C  CA  . ASN A 1 19  ? -6.396  -0.120  -0.665  1.00 11.22 ? 19  ASN A CA  1 
ATOM   94   C  C   . ASN A 1 19  ? -7.746  -0.704  -1.097  1.00 11.70 ? 19  ASN A C   1 
ATOM   95   O  O   . ASN A 1 19  ? -8.687  0.071   -1.426  1.00 11.60 ? 19  ASN A O   1 
ATOM   96   C  CB  . ASN A 1 19  ? -6.599  0.492   0.713   1.00 11.09 ? 19  ASN A CB  1 
ATOM   97   C  CG  . ASN A 1 19  ? -5.341  1.089   1.297   1.00 11.15 ? 19  ASN A CG  1 
ATOM   98   O  OD1 . ASN A 1 19  ? -5.058  2.265   1.143   1.00 12.41 ? 19  ASN A OD1 1 
ATOM   99   N  ND2 . ASN A 1 19  ? -4.557  0.283   1.979   1.00 11.66 ? 19  ASN A ND2 1 
ATOM   100  N  N   . ARG A 1 20  ? -7.898  -2.017  -1.072  1.00 10.55 ? 20  ARG A N   1 
ATOM   101  C  CA  . ARG A 1 20  ? -9.162  -2.662  -1.489  1.00 11.31 ? 20  ARG A CA  1 
ATOM   102  C  C   . ARG A 1 20  ? -10.328 -2.109  -0.701  1.00 12.15 ? 20  ARG A C   1 
ATOM   103  O  O   . ARG A 1 20  ? -11.395 -1.848  -1.301  1.00 12.43 ? 20  ARG A O   1 
ATOM   104  C  CB  . ARG A 1 20  ? -9.094  -4.170  -1.333  1.00 11.21 ? 20  ARG A CB  1 
ATOM   105  C  CG  . ARG A 1 20  ? -10.252 -4.908  -2.027  1.00 11.82 ? 20  ARG A CG  1 
ATOM   106  C  CD  . ARG A 1 20  ? -10.099 -6.385  -1.798  1.00 14.17 ? 20  ARG A CD  1 
ATOM   107  N  NE  . ARG A 1 20  ? -11.175 -7.201  -2.374  1.00 14.11 ? 20  ARG A NE  1 
ATOM   108  C  CZ  . ARG A 1 20  ? -12.336 -7.436  -1.811  1.00 14.70 ? 20  ARG A CZ  1 
ATOM   109  N  NH1 . ARG A 1 20  ? -12.743 -6.839  -0.718  1.00 17.79 ? 20  ARG A NH1 1 
ATOM   110  N  NH2 . ARG A 1 20  ? -13.170 -8.278  -2.419  1.00 17.70 ? 20  ARG A NH2 1 
ATOM   111  N  N   . HIS A 1 21  ? -10.123 -1.861  0.593   1.00 12.64 ? 21  HIS A N   1 
ATOM   112  C  CA  . HIS A 1 21  ? -11.229 -1.414  1.455   1.00 12.18 ? 21  HIS A CA  1 
ATOM   113  C  C   . HIS A 1 21  ? -11.636 -0.002  1.144   1.00 11.54 ? 21  HIS A C   1 
ATOM   114  O  O   . HIS A 1 21  ? -12.664 0.420   1.660   1.00 14.19 ? 21  HIS A O   1 
ATOM   115  C  CB  . HIS A 1 21  ? -10.936 -1.648  2.938   1.00 12.09 ? 21  HIS A CB  1 
ATOM   116  C  CG  . HIS A 1 21  ? -9.940  -0.700  3.545   1.00 11.66 ? 21  HIS A CG  1 
ATOM   117  N  ND1 . HIS A 1 21  ? -8.569  -0.946  3.512   1.00 12.10 ? 21  HIS A ND1 1 
ATOM   118  C  CD2 . HIS A 1 21  ? -10.115 0.468   4.221   1.00 11.74 ? 21  HIS A CD2 1 
ATOM   119  C  CE1 . HIS A 1 21  ? -7.955  0.044   4.131   1.00 12.31 ? 21  HIS A CE1 1 
ATOM   120  N  NE2 . HIS A 1 21  ? -8.863  0.914   4.605   1.00 12.82 ? 21  HIS A NE2 1 
ATOM   121  N  N   . LEU A 1 22  ? -10.874 0.768   0.403   1.00 11.21 ? 22  LEU A N   1 
ATOM   122  C  CA  . LEU A 1 22  ? -11.179 2.170   0.025   1.00 11.86 ? 22  LEU A CA  1 
ATOM   123  C  C   . LEU A 1 22  ? -11.533 2.272   -1.450  1.00 12.35 ? 22  LEU A C   1 
ATOM   124  O  O   . LEU A 1 22  ? -11.784 3.418   -1.934  1.00 13.32 ? 22  LEU A O   1 
ATOM   125  C  CB  . LEU A 1 22  ? -9.996  3.070   0.354   1.00 12.34 ? 22  LEU A CB  1 
ATOM   126  C  CG  . LEU A 1 22  ? -9.659  3.156   1.845   1.00 12.87 ? 22  LEU A CG  1 
ATOM   127  C  CD1 . LEU A 1 22  ? -8.491  4.095   2.087   1.00 13.77 ? 22  LEU A CD1 1 
ATOM   128  C  CD2 . LEU A 1 22  ? -10.884 3.660   2.666   1.00 13.82 ? 22  LEU A CD2 1 
ATOM   129  N  N   . ALA A 1 23  ? -11.597 1.149   -2.156  1.00 11.96 ? 23  ALA A N   1 
ATOM   130  C  CA  . ALA A 1 23  ? -11.897 1.199   -3.600  1.00 12.80 ? 23  ALA A CA  1 
ATOM   131  C  C   . ALA A 1 23  ? -13.316 1.761   -3.810  1.00 13.36 ? 23  ALA A C   1 
ATOM   132  O  O   . ALA A 1 23  ? -14.216 1.429   -3.020  1.00 13.94 ? 23  ALA A O   1 
ATOM   133  C  CB  . ALA A 1 23  ? -11.764 -0.177  -4.221  1.00 13.43 ? 23  ALA A CB  1 
ATOM   134  N  N   . THR A 1 24  ? -13.493 2.536   -4.837  1.00 13.25 ? 24  THR A N   1 
ATOM   135  C  CA  . THR A 1 24  ? -14.803 3.135   -5.152  1.00 14.29 ? 24  THR A CA  1 
ATOM   136  C  C   . THR A 1 24  ? -15.598 2.243   -6.091  1.00 13.14 ? 24  THR A C   1 
ATOM   137  O  O   . THR A 1 24  ? -15.085 1.282   -6.656  1.00 12.58 ? 24  THR A O   1 
ATOM   138  C  CB  . THR A 1 24  ? -14.592 4.502   -5.802  1.00 13.42 ? 24  THR A CB  1 
ATOM   139  O  OG1 . THR A 1 24  ? -13.940 4.322   -7.049  1.00 15.75 ? 24  THR A OG1 1 
ATOM   140  C  CG2 . THR A 1 24  ? -13.784 5.447   -4.932  1.00 15.54 ? 24  THR A CG2 1 
ATOM   141  N  N   . HIS A 1 25  ? -16.867 2.624   -6.340  1.00 14.05 ? 25  HIS A N   1 
ATOM   142  C  CA  . HIS A 1 25  ? -17.635 1.910   -7.380  1.00 14.87 ? 25  HIS A CA  1 
ATOM   143  C  C   . HIS A 1 25  ? -16.917 2.027   -8.734  1.00 14.33 ? 25  HIS A C   1 
ATOM   144  O  O   . HIS A 1 25  ? -16.863 1.021   -9.455  1.00 14.95 ? 25  HIS A O   1 
ATOM   145  C  CB  . HIS A 1 25  ? -19.070 2.480   -7.466  1.00 16.69 ? 25  HIS A CB  1 
ATOM   146  C  CG  . HIS A 1 25  ? -19.758 2.090   -8.742  1.00 19.58 ? 25  HIS A CG  1 
ATOM   147  N  ND1 . HIS A 1 25  ? -20.286 0.839   -8.973  1.00 18.34 ? 25  HIS A ND1 1 
ATOM   148  C  CD2 . HIS A 1 25  ? -19.864 2.750   -9.935  1.00 20.97 ? 25  HIS A CD2 1 
ATOM   149  C  CE1 . HIS A 1 25  ? -20.816 0.781   -10.173 1.00 20.60 ? 25  HIS A CE1 1 
ATOM   150  N  NE2 . HIS A 1 25  ? -20.490 1.918   -10.824 1.00 22.72 ? 25  HIS A NE2 1 
ATOM   151  N  N   . ASN A 1 26  ? -16.369 3.197   -9.056  1.00 14.57 ? 26  ASN A N   1 
ATOM   152  C  CA  . ASN A 1 26  ? -15.695 3.369   -10.355 1.00 16.24 ? 26  ASN A CA  1 
ATOM   153  C  C   . ASN A 1 26  ? -14.492 2.422   -10.420 1.00 14.15 ? 26  ASN A C   1 
ATOM   154  O  O   . ASN A 1 26  ? -14.179 1.852   -11.451 1.00 14.95 ? 26  ASN A O   1 
ATOM   155  C  CB  . ASN A 1 26  ? -15.215 4.801   -10.581 1.00 18.48 ? 26  ASN A CB  1 
ATOM   156  C  CG  . ASN A 1 26  ? -14.601 4.968   -11.957 1.00 23.19 ? 26  ASN A CG  1 
ATOM   157  O  OD1 . ASN A 1 26  ? -15.325 4.999   -12.955 1.00 27.41 ? 26  ASN A OD1 1 
ATOM   158  N  ND2 . ASN A 1 26  ? -13.279 5.018   -12.047 1.00 24.12 ? 26  ASN A ND2 1 
ATOM   159  N  N   . ASP A 1 27  ? -13.786 2.236   -9.299  1.00 13.97 ? 27  ASP A N   1 
ATOM   160  C  CA  . ASP A 1 27  ? -12.656 1.287   -9.300  1.00 12.73 ? 27  ASP A CA  1 
ATOM   161  C  C   . ASP A 1 27  ? -13.156 -0.093  -9.663  1.00 11.60 ? 27  ASP A C   1 
ATOM   162  O  O   . ASP A 1 27  ? -12.526 -0.811  -10.467 1.00 12.58 ? 27  ASP A O   1 
ATOM   163  C  CB  . ASP A 1 27  ? -11.933 1.243   -7.945  1.00 12.50 ? 27  ASP A CB  1 
ATOM   164  C  CG  . ASP A 1 27  ? -11.116 2.483   -7.640  1.00 13.61 ? 27  ASP A CG  1 
ATOM   165  O  OD1 . ASP A 1 27  ? -10.449 2.987   -8.583  1.00 15.50 ? 27  ASP A OD1 1 
ATOM   166  O  OD2 . ASP A 1 27  ? -11.104 2.944   -6.490  1.00 13.52 ? 27  ASP A OD2 1 
ATOM   167  N  N   . TRP A 1 28  ? -14.198 -0.566  -8.975  1.00 12.54 ? 28  TRP A N   1 
ATOM   168  C  CA  . TRP A 1 28  ? -14.756 -1.901  -9.214  1.00 12.33 ? 28  TRP A CA  1 
ATOM   169  C  C   . TRP A 1 28  ? -15.291 -2.033  -10.640 1.00 11.92 ? 28  TRP A C   1 
ATOM   170  O  O   . TRP A 1 28  ? -15.166 -3.082  -11.195 1.00 13.51 ? 28  TRP A O   1 
ATOM   171  C  CB  . TRP A 1 28  ? -15.853 -2.223  -8.194  1.00 12.43 ? 28  TRP A CB  1 
ATOM   172  C  CG  . TRP A 1 28  ? -15.325 -2.639  -6.842  1.00 12.33 ? 28  TRP A CG  1 
ATOM   173  C  CD1 . TRP A 1 28  ? -15.215 -1.895  -5.700  1.00 13.14 ? 28  TRP A CD1 1 
ATOM   174  C  CD2 . TRP A 1 28  ? -14.772 -3.922  -6.542  1.00 11.82 ? 28  TRP A CD2 1 
ATOM   175  N  NE1 . TRP A 1 28  ? -14.669 -2.672  -4.710  1.00 11.67 ? 28  TRP A NE1 1 
ATOM   176  C  CE2 . TRP A 1 28  ? -14.388 -3.915  -5.188  1.00 11.09 ? 28  TRP A CE2 1 
ATOM   177  C  CE3 . TRP A 1 28  ? -14.586 -5.090  -7.300  1.00 12.51 ? 28  TRP A CE3 1 
ATOM   178  C  CZ2 . TRP A 1 28  ? -13.891 -5.056  -4.568  1.00 12.40 ? 28  TRP A CZ2 1 
ATOM   179  C  CZ3 . TRP A 1 28  ? -14.108 -6.208  -6.683  1.00 12.48 ? 28  TRP A CZ3 1 
ATOM   180  C  CH2 . TRP A 1 28  ? -13.695 -6.169  -5.344  1.00 13.00 ? 28  TRP A CH2 1 
ATOM   181  N  N   . ALA A 1 29  ? -15.810 -0.957  -11.211 1.00 12.72 ? 29  ALA A N   1 
ATOM   182  C  CA  . ALA A 1 29  ? -16.378 -0.969  -12.581 1.00 14.42 ? 29  ALA A CA  1 
ATOM   183  C  C   . ALA A 1 29  ? -15.269 -0.984  -13.617 1.00 15.90 ? 29  ALA A C   1 
ATOM   184  O  O   . ALA A 1 29  ? -15.571 -1.218  -14.822 1.00 17.49 ? 29  ALA A O   1 
ATOM   185  C  CB  . ALA A 1 29  ? -17.290 0.221   -12.760 1.00 15.05 ? 29  ALA A CB  1 
ATOM   186  N  N   . ASN A 1 30  ? -14.042 -0.634  -13.214 1.00 16.53 ? 30  ASN A N   1 
ATOM   187  C  CA  . ASN A 1 30  ? -12.869 -0.600  -14.126 1.00 16.49 ? 30  ASN A CA  1 
ATOM   188  C  C   . ASN A 1 30  ? -11.781 -1.508  -13.551 1.00 16.67 ? 30  ASN A C   1 
ATOM   189  O  O   . ASN A 1 30  ? -10.565 -1.132  -13.609 1.00 17.26 ? 30  ASN A O   1 
ATOM   190  C  CB  . ASN A 1 30  ? -12.423 0.846   -14.265 1.00 17.89 ? 30  ASN A CB  1 
ATOM   191  C  CG  . ASN A 1 30  ? -13.436 1.651   -15.063 1.00 20.12 ? 30  ASN A CG  1 
ATOM   192  O  OD1 . ASN A 1 30  ? -13.495 1.557   -16.289 1.00 24.10 ? 30  ASN A OD1 1 
ATOM   193  N  ND2 . ASN A 1 30  ? -14.225 2.439   -14.381 1.00 20.41 ? 30  ASN A ND2 1 
ATOM   194  N  N   . LEU A 1 31  ? -12.145 -2.631  -12.978 1.00 16.63 ? 31  LEU A N   1 
ATOM   195  C  CA  . LEU A 1 31  ? -11.240 -3.482  -12.174 1.00 15.42 ? 31  LEU A CA  1 
ATOM   196  C  C   . LEU A 1 31  ? -10.202 -4.109  -13.093 1.00 16.31 ? 31  LEU A C   1 
ATOM   197  O  O   . LEU A 1 31  ? -10.559 -4.641  -14.189 1.00 18.04 ? 31  LEU A O   1 
ATOM   198  C  CB  . LEU A 1 31  ? -12.054 -4.595  -11.549 1.00 15.20 ? 31  LEU A CB  1 
ATOM   199  C  CG  . LEU A 1 31  ? -11.264 -5.540  -10.645 1.00 14.23 ? 31  LEU A CG  1 
ATOM   200  C  CD1 . LEU A 1 31  ? -10.620 -4.816  -9.494  1.00 16.44 ? 31  LEU A CD1 1 
ATOM   201  C  CD2 . LEU A 1 31  ? -12.115 -6.693  -10.150 1.00 15.71 ? 31  LEU A CD2 1 
ATOM   202  N  N   . VAL A 1 32  ? -8.945  -4.077  -12.667 1.00 15.35 ? 32  VAL A N   1 
ATOM   203  C  CA  . VAL A 1 32  ? -7.871  -4.916  -13.257 1.00 16.39 ? 32  VAL A CA  1 
ATOM   204  C  C   . VAL A 1 32  ? -7.596  -6.147  -12.397 1.00 16.74 ? 32  VAL A C   1 
ATOM   205  O  O   . VAL A 1 32  ? -7.469  -7.278  -12.912 1.00 18.52 ? 32  VAL A O   1 
ATOM   206  C  CB  . VAL A 1 32  ? -6.651  -4.015  -13.475 1.00 17.26 ? 32  VAL A CB  1 
ATOM   207  C  CG1 . VAL A 1 32  ? -5.454  -4.816  -13.959 1.00 17.69 ? 32  VAL A CG1 1 
ATOM   208  C  CG2 . VAL A 1 32  ? -6.973  -2.883  -14.429 1.00 18.72 ? 32  VAL A CG2 1 
ATOM   209  N  N   . TRP A 1 33  ? -7.459  -5.977  -11.090 1.00 15.04 ? 33  TRP A N   1 
ATOM   210  C  CA  . TRP A 1 33  ? -6.998  -7.055  -10.206 1.00 15.35 ? 33  TRP A CA  1 
ATOM   211  C  C   . TRP A 1 33  ? -7.340  -6.663  -8.773  1.00 13.91 ? 33  TRP A C   1 
ATOM   212  O  O   . TRP A 1 33  ? -7.245  -5.444  -8.466  1.00 14.51 ? 33  TRP A O   1 
ATOM   213  C  CB  . TRP A 1 33  ? -5.493  -7.300  -10.419 1.00 17.53 ? 33  TRP A CB  1 
ATOM   214  C  CG  . TRP A 1 33  ? -4.853  -8.201  -9.430  1.00 16.48 ? 33  TRP A CG  1 
ATOM   215  C  CD1 . TRP A 1 33  ? -4.802  -9.552  -9.459  1.00 18.09 ? 33  TRP A CD1 1 
ATOM   216  C  CD2 . TRP A 1 33  ? -4.161  -7.816  -8.225  1.00 15.22 ? 33  TRP A CD2 1 
ATOM   217  N  NE1 . TRP A 1 33  ? -4.124  -10.035 -8.361  1.00 19.52 ? 33  TRP A NE1 1 
ATOM   218  C  CE2 . TRP A 1 33  ? -3.705  -8.987  -7.588  1.00 17.05 ? 33  TRP A CE2 1 
ATOM   219  C  CE3 . TRP A 1 33  ? -3.884  -6.597  -7.633  1.00 14.77 ? 33  TRP A CE3 1 
ATOM   220  C  CZ2 . TRP A 1 33  ? -2.915  -8.971  -6.436  1.00 17.54 ? 33  TRP A CZ2 1 
ATOM   221  C  CZ3 . TRP A 1 33  ? -3.117  -6.561  -6.483  1.00 15.44 ? 33  TRP A CZ3 1 
ATOM   222  C  CH2 . TRP A 1 33  ? -2.678  -7.738  -5.885  1.00 15.68 ? 33  TRP A CH2 1 
ATOM   223  N  N   . GLU A 1 34  ? -7.739  -7.611  -7.958  1.00 14.20 ? 34  GLU A N   1 
ATOM   224  C  CA  . GLU A 1 34  ? -7.938  -7.310  -6.530  1.00 14.64 ? 34  GLU A CA  1 
ATOM   225  C  C   . GLU A 1 34  ? -7.645  -8.530  -5.680  1.00 14.65 ? 34  GLU A C   1 
ATOM   226  O  O   . GLU A 1 34  ? -7.712  -9.672  -6.201  1.00 16.26 ? 34  GLU A O   1 
ATOM   227  C  CB  . GLU A 1 34  ? -9.338  -6.780  -6.244  1.00 14.98 ? 34  GLU A CB  1 
ATOM   228  C  CG  . GLU A 1 34  ? -10.416 -7.754  -6.719  1.00 14.67 ? 34  GLU A CG  1 
ATOM   229  C  CD  . GLU A 1 34  ? -10.818 -8.884  -5.778  1.00 15.72 ? 34  GLU A CD  1 
ATOM   230  O  OE1 . GLU A 1 34  ? -11.396 -9.880  -6.281  1.00 17.35 ? 34  GLU A OE1 1 
ATOM   231  O  OE2 . GLU A 1 34  ? -10.571 -8.806  -4.590  1.00 16.84 ? 34  GLU A OE2 1 
ATOM   232  N  N   . ASP A 1 35  ? -7.182  -8.319  -4.454  1.00 14.77 ? 35  ASP A N   1 
ATOM   233  C  CA  . ASP A 1 35  ? -6.812  -9.415  -3.541  1.00 15.17 ? 35  ASP A CA  1 
ATOM   234  C  C   . ASP A 1 35  ? -7.140  -8.937  -2.130  1.00 14.80 ? 35  ASP A C   1 
ATOM   235  O  O   . ASP A 1 35  ? -6.429  -8.054  -1.604  1.00 14.74 ? 35  ASP A O   1 
ATOM   236  C  CB  . ASP A 1 35  ? -5.337  -9.757  -3.777  1.00 16.51 ? 35  ASP A CB  1 
ATOM   237  C  CG  . ASP A 1 35  ? -4.830  -10.877 -2.904  1.00 16.89 ? 35  ASP A CG  1 
ATOM   238  O  OD1 . ASP A 1 35  ? -5.205  -10.941 -1.737  1.00 18.57 ? 35  ASP A OD1 1 
ATOM   239  O  OD2 . ASP A 1 35  ? -4.002  -11.662 -3.448  1.00 21.49 ? 35  ASP A OD2 1 
ATOM   240  N  N   A SER A 1 36  ? -8.175  -9.470  -1.488  0.25 15.87 ? 36  SER A N   1 
ATOM   241  N  N   B SER A 1 36  ? -8.175  -9.470  -1.488  0.25 15.87 ? 36  SER A N   1 
ATOM   242  C  CA  A SER A 1 36  ? -8.592  -9.097  -0.117  0.25 15.45 ? 36  SER A CA  1 
ATOM   243  C  CA  B SER A 1 36  ? -8.588  -9.089  -0.121  0.25 16.76 ? 36  SER A CA  1 
ATOM   244  C  C   A SER A 1 36  ? -7.475  -9.411  0.873   0.25 14.99 ? 36  SER A C   1 
ATOM   245  C  C   B SER A 1 36  ? -7.475  -9.411  0.873   0.25 14.99 ? 36  SER A C   1 
ATOM   246  O  O   A SER A 1 36  ? -7.235  -8.596  1.775   0.25 15.11 ? 36  SER A O   1 
ATOM   247  O  O   B SER A 1 36  ? -7.235  -8.596  1.775   0.25 15.11 ? 36  SER A O   1 
ATOM   248  C  CB  A SER A 1 36  ? -9.838  -9.843  0.306   0.25 15.57 ? 36  SER A CB  1 
ATOM   249  C  CB  B SER A 1 36  ? -9.827  -9.836  0.262   0.25 18.65 ? 36  SER A CB  1 
ATOM   250  O  OG  A SER A 1 36  ? -10.176 -9.563  1.651   0.25 14.36 ? 36  SER A OG  1 
ATOM   251  O  OG  B SER A 1 36  ? -9.845  -11.073 -0.427  0.25 21.07 ? 36  SER A OG  1 
ATOM   252  N  N   . SER A 1 37  ? -6.807  -10.542 0.684   1.00 16.23 ? 37  SER A N   1 
ATOM   253  C  CA  . SER A 1 37  ? -5.762  -10.938 1.653   1.00 15.84 ? 37  SER A CA  1 
ATOM   254  C  C   . SER A 1 37  ? -4.636  -9.911  1.687   1.00 14.89 ? 37  SER A C   1 
ATOM   255  O  O   . SER A 1 37  ? -4.008  -9.778  2.729   1.00 16.30 ? 37  SER A O   1 
ATOM   256  C  CB  . SER A 1 37  ? -5.211  -12.294 1.412   1.00 17.05 ? 37  SER A CB  1 
ATOM   257  O  OG  . SER A 1 37  ? -4.397  -12.337 0.297   1.00 20.23 ? 37  SER A OG  1 
ATOM   258  N  N   . ARG A 1 38  ? -4.413  -9.189  0.592   1.00 13.29 ? 38  ARG A N   1 
ATOM   259  C  CA  . ARG A 1 38  ? -3.353  -8.137  0.512   1.00 12.70 ? 38  ARG A CA  1 
ATOM   260  C  C   . ARG A 1 38  ? -3.906  -6.729  0.774   1.00 12.30 ? 38  ARG A C   1 
ATOM   261  O  O   . ARG A 1 38  ? -3.108  -5.789  0.822   1.00 12.47 ? 38  ARG A O   1 
ATOM   262  C  CB  . ARG A 1 38  ? -2.729  -8.214  -0.876  1.00 13.33 ? 38  ARG A CB  1 
ATOM   263  C  CG  . ARG A 1 38  ? -1.996  -9.511  -1.154  1.00 13.83 ? 38  ARG A CG  1 
ATOM   264  C  CD  . ARG A 1 38  ? -1.357  -9.446  -2.522  1.00 13.48 ? 38  ARG A CD  1 
ATOM   265  N  NE  . ARG A 1 38  ? -0.279  -8.480  -2.641  1.00 12.44 ? 38  ARG A NE  1 
ATOM   266  C  CZ  . ARG A 1 38  ? 0.811   -8.667  -3.375  1.00 12.97 ? 38  ARG A CZ  1 
ATOM   267  N  NH1 . ARG A 1 38  ? 0.949   -9.727  -4.169  1.00 14.27 ? 38  ARG A NH1 1 
ATOM   268  N  NH2 . ARG A 1 38  ? 1.789   -7.775  -3.359  1.00 13.37 ? 38  ARG A NH2 1 
ATOM   269  N  N   . ASP A 1 39  ? -5.210  -6.572  0.857   1.00 12.08 ? 39  ASP A N   1 
ATOM   270  C  CA  . ASP A 1 39  ? -5.855  -5.239  0.934   1.00 11.71 ? 39  ASP A CA  1 
ATOM   271  C  C   . ASP A 1 39  ? -5.514  -4.398  -0.289  1.00 10.49 ? 39  ASP A C   1 
ATOM   272  O  O   . ASP A 1 39  ? -5.326  -3.200  -0.108  1.00 11.81 ? 39  ASP A O   1 
ATOM   273  C  CB  . ASP A 1 39  ? -5.543  -4.465  2.233   1.00 11.96 ? 39  ASP A CB  1 
ATOM   274  C  CG  . ASP A 1 39  ? -6.318  -3.180  2.409   1.00 12.83 ? 39  ASP A CG  1 
ATOM   275  O  OD1 . ASP A 1 39  ? -7.493  -3.136  2.004   1.00 13.20 ? 39  ASP A OD1 1 
ATOM   276  O  OD2 . ASP A 1 39  ? -5.740  -2.232  2.929   1.00 12.41 ? 39  ASP A OD2 1 
ATOM   277  N  N   . LEU A 1 40  ? -5.426  -5.004  -1.482  1.00 11.07 ? 40  LEU A N   1 
ATOM   278  C  CA  . LEU A 1 40  ? -5.120  -4.224  -2.695  1.00 11.25 ? 40  LEU A CA  1 
ATOM   279  C  C   . LEU A 1 40  ? -6.203  -4.373  -3.765  1.00 10.89 ? 40  LEU A C   1 
ATOM   280  O  O   . LEU A 1 40  ? -6.757  -5.477  -3.940  1.00 11.88 ? 40  LEU A O   1 
ATOM   281  C  CB  . LEU A 1 40  ? -3.784  -4.653  -3.301  1.00 11.38 ? 40  LEU A CB  1 
ATOM   282  C  CG  . LEU A 1 40  ? -2.526  -4.243  -2.523  1.00 11.73 ? 40  LEU A CG  1 
ATOM   283  C  CD1 . LEU A 1 40  ? -1.287  -4.752  -3.278  1.00 12.57 ? 40  LEU A CD1 1 
ATOM   284  C  CD2 . LEU A 1 40  ? -2.429  -2.741  -2.352  1.00 12.40 ? 40  LEU A CD2 1 
ATOM   285  N  N   . LEU A 1 41  ? -6.375  -3.307  -4.528  1.00 10.72 ? 41  LEU A N   1 
ATOM   286  C  CA  . LEU A 1 41  ? -7.192  -3.303  -5.733  1.00 11.21 ? 41  LEU A CA  1 
ATOM   287  C  C   . LEU A 1 41  ? -6.525  -2.366  -6.728  1.00 11.68 ? 41  LEU A C   1 
ATOM   288  O  O   . LEU A 1 41  ? -6.054  -1.297  -6.359  1.00 11.89 ? 41  LEU A O   1 
ATOM   289  C  CB  . LEU A 1 41  ? -8.607  -2.848  -5.372  1.00 11.83 ? 41  LEU A CB  1 
ATOM   290  C  CG  . LEU A 1 41  ? -9.620  -2.886  -6.528  1.00 12.30 ? 41  LEU A CG  1 
ATOM   291  C  CD1 . LEU A 1 41  ? -11.016 -3.297  -6.103  1.00 11.71 ? 41  LEU A CD1 1 
ATOM   292  C  CD2 . LEU A 1 41  ? -9.653  -1.562  -7.248  1.00 12.41 ? 41  LEU A CD2 1 
ATOM   293  N  N   . VAL A 1 42  ? -6.565  -2.823  -7.966  1.00 11.88 ? 42  VAL A N   1 
ATOM   294  C  CA  . VAL A 1 42  ? -6.009  -2.033  -9.086  1.00 13.02 ? 42  VAL A CA  1 
ATOM   295  C  C   . VAL A 1 42  ? -7.137  -1.842  -10.111 1.00 13.21 ? 42  VAL A C   1 
ATOM   296  O  O   . VAL A 1 42  ? -7.766  -2.846  -10.511 1.00 14.28 ? 42  VAL A O   1 
ATOM   297  C  CB  . VAL A 1 42  ? -4.805  -2.741  -9.710  1.00 13.85 ? 42  VAL A CB  1 
ATOM   298  C  CG1 . VAL A 1 42  ? -4.262  -1.911  -10.858 1.00 15.25 ? 42  VAL A CG1 1 
ATOM   299  C  CG2 . VAL A 1 42  ? -3.726  -2.950  -8.669  1.00 13.76 ? 42  VAL A CG2 1 
ATOM   300  N  N   . SER A 1 43  ? -7.321  -0.603  -10.526 1.00 13.64 ? 43  SER A N   1 
ATOM   301  C  CA  . SER A 1 43  ? -8.277  -0.227  -11.591 1.00 14.12 ? 43  SER A CA  1 
ATOM   302  C  C   . SER A 1 43  ? -7.515  0.437   -12.731 1.00 17.04 ? 43  SER A C   1 
ATOM   303  O  O   . SER A 1 43  ? -6.375  0.972   -12.545 1.00 16.82 ? 43  SER A O   1 
ATOM   304  C  CB  . SER A 1 43  ? -9.368  0.667   -11.002 1.00 13.78 ? 43  SER A CB  1 
ATOM   305  O  OG  . SER A 1 43  ? -8.887  1.862   -10.472 1.00 15.00 ? 43  SER A OG  1 
ATOM   306  N  N   . SER A 1 44  ? -8.193  0.560   -13.867 1.00 17.08 ? 44  SER A N   1 
ATOM   307  C  CA  . SER A 1 44  ? -7.636  1.228   -15.076 1.00 19.56 ? 44  SER A CA  1 
ATOM   308  C  C   . SER A 1 44  ? -7.915  2.722   -15.073 1.00 19.83 ? 44  SER A C   1 
ATOM   309  O  O   . SER A 1 44  ? -8.972  3.117   -14.580 1.00 22.20 ? 44  SER A O   1 
ATOM   310  C  CB  . SER A 1 44  ? -8.163  0.578   -16.281 1.00 20.96 ? 44  SER A CB  1 
ATOM   311  O  OG  . SER A 1 44  ? -9.563  0.800   -16.355 1.00 23.44 ? 44  SER A OG  1 
ATOM   312  N  N   . THR A 1 45  ? -6.996  3.549   -15.596 1.00 20.90 ? 45  THR A N   1 
ATOM   313  C  CA  . THR A 1 45  ? -7.099  5.029   -15.635 1.00 22.94 ? 45  THR A CA  1 
ATOM   314  C  C   . THR A 1 45  ? -7.083  5.510   -17.097 1.00 27.87 ? 45  THR A C   1 
ATOM   315  O  O   . THR A 1 45  ? -6.544  4.803   -17.946 1.00 25.19 ? 45  THR A O   1 
ATOM   316  C  CB  . THR A 1 45  ? -5.962  5.733   -14.883 1.00 24.21 ? 45  THR A CB  1 
ATOM   317  O  OG1 . THR A 1 45  ? -4.760  5.433   -15.585 1.00 26.40 ? 45  THR A OG1 1 
ATOM   318  C  CG2 . THR A 1 45  ? -5.817  5.233   -13.467 1.00 24.05 ? 45  THR A CG2 1 
ATOM   319  N  N   . THR A 1 46  ? -7.591  6.706   -17.348 1.00 30.01 ? 46  THR A N   1 
ATOM   320  C  CA  . THR A 1 46  ? -7.551  7.269   -18.715 1.00 31.30 ? 46  THR A CA  1 
ATOM   321  C  C   . THR A 1 46  ? -6.204  7.976   -18.897 1.00 30.46 ? 46  THR A C   1 
ATOM   322  O  O   . THR A 1 46  ? -5.580  7.723   -19.924 1.00 35.80 ? 46  THR A O   1 
ATOM   323  C  CB  . THR A 1 46  ? -8.822  8.079   -18.972 1.00 29.42 ? 46  THR A CB  1 
ATOM   324  O  OG1 . THR A 1 46  ? -9.026  9.047   -17.948 1.00 33.88 ? 46  THR A OG1 1 
ATOM   325  C  CG2 . THR A 1 46  ? -10.042 7.189   -18.995 1.00 32.86 ? 46  THR A CG2 1 
ATOM   326  N  N   . ALA A 1 47  ? -5.772  8.790   -17.927 1.00 30.80 ? 47  ALA A N   1 
ATOM   327  C  CA  . ALA A 1 47  ? -4.488  9.534   -17.965 1.00 26.66 ? 47  ALA A CA  1 
ATOM   328  C  C   . ALA A 1 47  ? -3.373  8.677   -17.361 1.00 27.23 ? 47  ALA A C   1 
ATOM   329  O  O   . ALA A 1 47  ? -3.647  7.941   -16.383 1.00 25.85 ? 47  ALA A O   1 
ATOM   330  C  CB  . ALA A 1 47  ? -4.646  10.840  -17.240 1.00 28.34 ? 47  ALA A CB  1 
ATOM   331  N  N   . GLN A 1 48  ? -2.167  8.738   -17.939 1.00 24.31 ? 48  GLN A N   1 
ATOM   332  C  CA  . GLN A 1 48  ? -0.950  8.118   -17.348 1.00 23.52 ? 48  GLN A CA  1 
ATOM   333  C  C   . GLN A 1 48  ? -0.529  8.825   -16.054 1.00 18.26 ? 48  GLN A C   1 
ATOM   334  O  O   . GLN A 1 48  ? -0.774  10.032  -15.843 1.00 23.07 ? 48  GLN A O   1 
ATOM   335  C  CB  . GLN A 1 48  ? 0.178   8.109   -18.371 1.00 25.02 ? 48  GLN A CB  1 
ATOM   336  C  CG  . GLN A 1 48  ? -0.100  7.159   -19.516 1.00 31.86 ? 48  GLN A CG  1 
ATOM   337  C  CD  . GLN A 1 48  ? 1.160   6.949   -20.305 1.00 41.89 ? 48  GLN A CD  1 
ATOM   338  O  OE1 . GLN A 1 48  ? 1.414   7.641   -21.282 1.00 51.67 ? 48  GLN A OE1 1 
ATOM   339  N  NE2 . GLN A 1 48  ? 1.991   6.029   -19.843 1.00 49.12 ? 48  GLN A NE2 1 
ATOM   340  N  N   . GLY A 1 49  ? 0.034   8.024   -15.137 1.00 21.91 ? 49  GLY A N   1 
ATOM   341  C  CA  . GLY A 1 49  ? 0.408   8.484   -13.793 1.00 21.44 ? 49  GLY A CA  1 
ATOM   342  C  C   . GLY A 1 49  ? 1.891   8.756   -13.631 1.00 17.29 ? 49  GLY A C   1 
ATOM   343  O  O   . GLY A 1 49  ? 2.707   8.389   -14.489 1.00 20.95 ? 49  GLY A O   1 
ATOM   344  N  N   . CYS A 1 50  ? 2.202   9.442   -12.548 1.00 18.67 ? 50  CYS A N   1 
ATOM   345  C  CA  . CYS A 1 50  ? 3.504   10.060  -12.283 1.00 18.53 ? 50  CYS A CA  1 
ATOM   346  C  C   . CYS A 1 50  ? 4.391   9.071   -11.503 1.00 17.74 ? 50  CYS A C   1 
ATOM   347  O  O   . CYS A 1 50  ? 5.551   9.359   -11.432 1.00 19.14 ? 50  CYS A O   1 
ATOM   348  C  CB  . CYS A 1 50  ? 3.366   11.367  -11.499 1.00 20.10 ? 50  CYS A CB  1 
ATOM   349  S  SG  . CYS A 1 50  ? 2.690   12.804  -12.400 1.00 23.76 ? 50  CYS A SG  1 
ATOM   350  N  N   . ASP A 1 51  ? 3.889   7.946   -10.998 1.00 17.48 ? 51  ASP A N   1 
ATOM   351  C  CA  . ASP A 1 51  ? 4.689   7.110   -10.054 1.00 15.66 ? 51  ASP A CA  1 
ATOM   352  C  C   . ASP A 1 51  ? 5.452   6.010   -10.769 1.00 15.55 ? 51  ASP A C   1 
ATOM   353  O  O   . ASP A 1 51  ? 4.990   5.430   -11.746 1.00 17.53 ? 51  ASP A O   1 
ATOM   354  C  CB  . ASP A 1 51  ? 3.809   6.558   -8.932  1.00 16.24 ? 51  ASP A CB  1 
ATOM   355  C  CG  . ASP A 1 51  ? 3.132   7.603   -8.110  1.00 16.20 ? 51  ASP A CG  1 
ATOM   356  O  OD1 . ASP A 1 51  ? 3.739   8.615   -7.762  1.00 21.26 ? 51  ASP A OD1 1 
ATOM   357  O  OD2 . ASP A 1 51  ? 1.956   7.384   -7.747  1.00 18.28 ? 51  ASP A OD2 1 
ATOM   358  N  N   . THR A 1 52  ? 6.607   5.658   -10.183 1.00 14.77 ? 52  THR A N   1 
ATOM   359  C  CA  . THR A 1 52  ? 7.480   4.544   -10.575 1.00 15.13 ? 52  THR A CA  1 
ATOM   360  C  C   . THR A 1 52  ? 7.466   3.526   -9.433  1.00 12.46 ? 52  THR A C   1 
ATOM   361  O  O   . THR A 1 52  ? 7.611   3.925   -8.272  1.00 14.41 ? 52  THR A O   1 
ATOM   362  C  CB  . THR A 1 52  ? 8.922   5.001   -10.824 1.00 15.97 ? 52  THR A CB  1 
ATOM   363  O  OG1 . THR A 1 52  ? 8.893   5.935   -11.917 1.00 19.69 ? 52  THR A OG1 1 
ATOM   364  C  CG2 . THR A 1 52  ? 9.867   3.885   -11.211 1.00 17.52 ? 52  THR A CG2 1 
ATOM   365  N  N   . ILE A 1 53  ? 7.284   2.266   -9.760  1.00 12.58 ? 53  ILE A N   1 
ATOM   366  C  CA  . ILE A 1 53  ? 7.301   1.188   -8.746  1.00 11.70 ? 53  ILE A CA  1 
ATOM   367  C  C   . ILE A 1 53  ? 8.742   0.745   -8.519  1.00 12.28 ? 53  ILE A C   1 
ATOM   368  O  O   . ILE A 1 53  ? 9.507   0.510   -9.485  1.00 12.42 ? 53  ILE A O   1 
ATOM   369  C  CB  . ILE A 1 53  ? 6.407   0.009   -9.143  1.00 12.42 ? 53  ILE A CB  1 
ATOM   370  C  CG1 . ILE A 1 53  ? 4.992   0.457   -9.552  1.00 13.36 ? 53  ILE A CG1 1 
ATOM   371  C  CG2 . ILE A 1 53  ? 6.367   -1.028  -8.039  1.00 12.79 ? 53  ILE A CG2 1 
ATOM   372  C  CD1 . ILE A 1 53  ? 4.241   1.204   -8.501  1.00 13.83 ? 53  ILE A CD1 1 
ATOM   373  N  N   . ALA A 1 54  ? 9.144   0.658   -7.258  1.00 11.52 ? 54  ALA A N   1 
ATOM   374  C  CA  . ALA A 1 54  ? 10.426  0.079   -6.862  1.00 11.17 ? 54  ALA A CA  1 
ATOM   375  C  C   . ALA A 1 54  ? 10.472  -1.392  -7.260  1.00 10.18 ? 54  ALA A C   1 
ATOM   376  O  O   . ALA A 1 54  ? 9.474   -2.107  -7.106  1.00 10.71 ? 54  ALA A O   1 
ATOM   377  C  CB  . ALA A 1 54  ? 10.589  0.223   -5.379  1.00 11.17 ? 54  ALA A CB  1 
ATOM   378  N  N   . ARG A 1 55  ? 11.651  -1.859  -7.716  1.00 11.63 ? 55  ARG A N   1 
ATOM   379  C  CA  . ARG A 1 55  ? 11.911  -3.287  -7.996  1.00 11.25 ? 55  ARG A CA  1 
ATOM   380  C  C   . ARG A 1 55  ? 13.202  -3.613  -7.269  1.00 10.70 ? 55  ARG A C   1 
ATOM   381  O  O   . ARG A 1 55  ? 14.271  -3.316  -7.804  1.00 12.50 ? 55  ARG A O   1 
ATOM   382  C  CB  . ARG A 1 55  ? 11.961  -3.572  -9.502  1.00 12.08 ? 55  ARG A CB  1 
ATOM   383  C  CG  . ARG A 1 55  ? 10.706  -3.162  -10.271 1.00 13.06 ? 55  ARG A CG  1 
ATOM   384  C  CD  . ARG A 1 55  ? 9.444   -3.934  -9.880  1.00 13.05 ? 55  ARG A CD  1 
ATOM   385  N  NE  . ARG A 1 55  ? 8.281   -3.411  -10.642 1.00 14.29 ? 55  ARG A NE  1 
ATOM   386  C  CZ  . ARG A 1 55  ? 7.013   -3.641  -10.284 1.00 14.61 ? 55  ARG A CZ  1 
ATOM   387  N  NH1 . ARG A 1 55  ? 6.712   -4.379  -9.262  1.00 14.03 ? 55  ARG A NH1 1 
ATOM   388  N  NH2 . ARG A 1 55  ? 5.999   -3.118  -10.983 1.00 16.31 ? 55  ARG A NH2 1 
ATOM   389  N  N   . CYS A 1 56  ? 13.094  -4.135  -6.082  1.00 9.99  ? 56  CYS A N   1 
ATOM   390  C  CA  . CYS A 1 56  ? 14.195  -4.175  -5.120  1.00 9.91  ? 56  CYS A CA  1 
ATOM   391  C  C   . CYS A 1 56  ? 13.781  -4.937  -3.872  1.00 10.75 ? 56  CYS A C   1 
ATOM   392  O  O   . CYS A 1 56  ? 12.601  -5.303  -3.705  1.00 11.02 ? 56  CYS A O   1 
ATOM   393  C  CB  . CYS A 1 56  ? 14.573  -2.753  -4.712  1.00 9.63  ? 56  CYS A CB  1 
ATOM   394  S  SG  . CYS A 1 56  ? 13.323  -1.959  -3.676  1.00 11.06 ? 56  CYS A SG  1 
ATOM   395  N  N   A ASP A 1 57  ? 14.727  -5.192  -2.959  0.13 11.43 ? 57  ASP A N   1 
ATOM   396  N  N   B ASP A 1 57  ? 14.787  -5.063  -3.009  0.13 11.67 ? 57  ASP A N   1 
ATOM   397  C  CA  A ASP A 1 57  ? 14.411  -5.737  -1.615  0.13 12.44 ? 57  ASP A CA  1 
ATOM   398  C  CA  B ASP A 1 57  ? 14.746  -5.759  -1.714  0.13 12.42 ? 57  ASP A CA  1 
ATOM   399  C  C   A ASP A 1 57  ? 14.884  -4.743  -0.547  0.13 12.29 ? 57  ASP A C   1 
ATOM   400  C  C   B ASP A 1 57  ? 14.936  -4.748  -0.567  0.13 12.58 ? 57  ASP A C   1 
ATOM   401  O  O   A ASP A 1 57  ? 15.339  -5.161  0.504   0.13 12.93 ? 57  ASP A O   1 
ATOM   402  O  O   B ASP A 1 57  ? 15.232  -5.175  0.540   0.13 13.31 ? 57  ASP A O   1 
ATOM   403  C  CB  A ASP A 1 57  ? 14.979  -7.145  -1.377  0.13 12.97 ? 57  ASP A CB  1 
ATOM   404  C  CB  B ASP A 1 57  ? 15.813  -6.860  -1.720  0.13 14.11 ? 57  ASP A CB  1 
ATOM   405  C  CG  A ASP A 1 57  ? 16.492  -7.204  -1.366  0.13 15.08 ? 57  ASP A CG  1 
ATOM   406  C  CG  B ASP A 1 57  ? 15.641  -7.914  -0.645  0.13 16.43 ? 57  ASP A CG  1 
ATOM   407  O  OD1 A ASP A 1 57  ? 17.123  -6.172  -1.594  0.13 14.10 ? 57  ASP A OD1 1 
ATOM   408  O  OD1 B ASP A 1 57  ? 14.492  -8.280  -0.352  0.13 19.85 ? 57  ASP A OD1 1 
ATOM   409  O  OD2 A ASP A 1 57  ? 17.011  -8.335  -1.161  0.13 17.90 ? 57  ASP A OD2 1 
ATOM   410  O  OD2 B ASP A 1 57  ? 16.680  -8.378  -0.120  0.13 20.25 ? 57  ASP A OD2 1 
ATOM   411  N  N   . CYS A 1 58  ? 14.789  -3.445  -0.793  1.00 11.64 ? 58  CYS A N   1 
ATOM   412  C  CA  . CYS A 1 58  ? 15.063  -2.468  0.283   1.00 11.29 ? 58  CYS A CA  1 
ATOM   413  C  C   . CYS A 1 58  ? 14.190  -2.748  1.510   1.00 10.56 ? 58  CYS A C   1 
ATOM   414  O  O   . CYS A 1 58  ? 13.037  -3.194  1.400   1.00 11.39 ? 58  CYS A O   1 
ATOM   415  C  CB  . CYS A 1 58  ? 14.748  -1.049  -0.151  1.00 12.19 ? 58  CYS A CB  1 
ATOM   416  S  SG  . CYS A 1 58  ? 15.872  -0.383  -1.371  1.00 12.58 ? 58  CYS A SG  1 
ATOM   417  N  N   . GLN A 1 59  ? 14.786  -2.410  2.654   1.00 11.51 ? 59  GLN A N   1 
ATOM   418  C  CA  . GLN A 1 59  ? 14.111  -2.443  3.965   1.00 11.78 ? 59  GLN A CA  1 
ATOM   419  C  C   . GLN A 1 59  ? 14.237  -1.103  4.634   1.00 10.83 ? 59  GLN A C   1 
ATOM   420  O  O   . GLN A 1 59  ? 13.946  -1.024  5.834   1.00 12.03 ? 59  GLN A O   1 
ATOM   421  C  CB  . GLN A 1 59  ? 14.669  -3.541  4.883   1.00 12.68 ? 59  GLN A CB  1 
ATOM   422  C  CG  . GLN A 1 59  ? 14.176  -4.922  4.485   1.00 14.90 ? 59  GLN A CG  1 
ATOM   423  C  CD  . GLN A 1 59  ? 14.584  -5.942  5.538   1.00 15.31 ? 59  GLN A CD  1 
ATOM   424  O  OE1 . GLN A 1 59  ? 15.536  -6.705  5.357   1.00 16.00 ? 59  GLN A OE1 1 
ATOM   425  N  NE2 . GLN A 1 59  ? 13.866  -6.000  6.650   1.00 15.34 ? 59  GLN A NE2 1 
ATOM   426  N  N   . THR A 1 60  ? 14.600  -0.057  3.913   1.00 10.93 ? 60  THR A N   1 
ATOM   427  C  CA  . THR A 1 60  ? 14.509  1.312   4.438   1.00 11.62 ? 60  THR A CA  1 
ATOM   428  C  C   . THR A 1 60  ? 13.818  2.195   3.422   1.00 10.76 ? 60  THR A C   1 
ATOM   429  O  O   . THR A 1 60  ? 13.982  2.012   2.210   1.00 12.68 ? 60  THR A O   1 
ATOM   430  C  CB  . THR A 1 60  ? 15.849  1.881   4.857   1.00 13.66 ? 60  THR A CB  1 
ATOM   431  O  OG1 . THR A 1 60  ? 16.612  2.063   3.695   1.00 18.17 ? 60  THR A OG1 1 
ATOM   432  C  CG2 . THR A 1 60  ? 16.526  1.019   5.882   1.00 15.12 ? 60  THR A CG2 1 
ATOM   433  N  N   . GLY A 1 61  ? 13.083  3.169   3.905   1.00 10.13 ? 61  GLY A N   1 
ATOM   434  C  CA  . GLY A 1 61  ? 12.345  4.065   3.033   1.00 10.82 ? 61  GLY A CA  1 
ATOM   435  C  C   . GLY A 1 61  ? 11.723  5.189   3.837   1.00 9.67  ? 61  GLY A C   1 
ATOM   436  O  O   . GLY A 1 61  ? 12.117  5.423   4.989   1.00 11.26 ? 61  GLY A O   1 
ATOM   437  N  N   . VAL A 1 62  ? 10.798  5.878   3.213   1.00 8.99  ? 62  VAL A N   1 
ATOM   438  C  CA  . VAL A 1 62  ? 10.114  7.030   3.835   1.00 9.89  ? 62  VAL A CA  1 
ATOM   439  C  C   . VAL A 1 62  ? 8.648   6.834   3.542   1.00 10.50 ? 62  VAL A C   1 
ATOM   440  O  O   . VAL A 1 62  ? 8.281   6.575   2.388   1.00 10.91 ? 62  VAL A O   1 
ATOM   441  C  CB  . VAL A 1 62  ? 10.635  8.342   3.235   1.00 10.35 ? 62  VAL A CB  1 
ATOM   442  C  CG1 . VAL A 1 62  ? 9.816   9.503   3.758   1.00 11.75 ? 62  VAL A CG1 1 
ATOM   443  C  CG2 . VAL A 1 62  ? 12.080  8.552   3.621   1.00 11.14 ? 62  VAL A CG2 1 
ATOM   444  N  N   . TYR A 1 63  ? 7.770   7.060   4.523   1.00 10.47 ? 63  TYR A N   1 
ATOM   445  C  CA  . TYR A 1 63  ? 6.315   6.964   4.241   1.00 9.26  ? 63  TYR A CA  1 
ATOM   446  C  C   . TYR A 1 63  ? 5.569   8.215   4.687   1.00 10.21 ? 63  TYR A C   1 
ATOM   447  O  O   . TYR A 1 63  ? 6.059   8.955   5.563   1.00 10.98 ? 63  TYR A O   1 
ATOM   448  C  CB  . TYR A 1 63  ? 5.664   5.771   4.937   1.00 10.48 ? 63  TYR A CB  1 
ATOM   449  C  CG  . TYR A 1 63  ? 5.252   5.959   6.382   1.00 10.76 ? 63  TYR A CG  1 
ATOM   450  C  CD1 . TYR A 1 63  ? 6.200   5.922   7.391   1.00 10.86 ? 63  TYR A CD1 1 
ATOM   451  C  CD2 . TYR A 1 63  ? 3.921   6.164   6.755   1.00 11.17 ? 63  TYR A CD2 1 
ATOM   452  C  CE1 . TYR A 1 63  ? 5.832   6.068   8.725   1.00 12.50 ? 63  TYR A CE1 1 
ATOM   453  C  CE2 . TYR A 1 63  ? 3.562   6.312   8.092   1.00 11.07 ? 63  TYR A CE2 1 
ATOM   454  C  CZ  . TYR A 1 63  ? 4.526   6.276   9.087   1.00 11.63 ? 63  TYR A CZ  1 
ATOM   455  O  OH  . TYR A 1 63  ? 4.166   6.433   10.408  1.00 12.63 ? 63  TYR A OH  1 
ATOM   456  N  N   . TYR A 1 64  ? 4.482   8.487   4.029   1.00 10.49 ? 64  TYR A N   1 
ATOM   457  C  CA  . TYR A 1 64  ? 3.613   9.625   4.384   1.00 10.32 ? 64  TYR A CA  1 
ATOM   458  C  C   . TYR A 1 64  ? 2.551   9.197   5.374   1.00 10.12 ? 64  TYR A C   1 
ATOM   459  O  O   . TYR A 1 64  ? 1.745   8.296   5.129   1.00 10.49 ? 64  TYR A O   1 
ATOM   460  C  CB  . TYR A 1 64  ? 2.968   10.205  3.130   1.00 11.06 ? 64  TYR A CB  1 
ATOM   461  C  CG  . TYR A 1 64  ? 2.107   11.387  3.493   1.00 13.01 ? 64  TYR A CG  1 
ATOM   462  C  CD1 . TYR A 1 64  ? 2.714   12.508  4.045   1.00 12.81 ? 64  TYR A CD1 1 
ATOM   463  C  CD2 . TYR A 1 64  ? 0.743   11.391  3.276   1.00 12.66 ? 64  TYR A CD2 1 
ATOM   464  C  CE1 . TYR A 1 64  ? 1.949   13.598  4.458   1.00 14.47 ? 64  TYR A CE1 1 
ATOM   465  C  CE2 . TYR A 1 64  ? -0.030  12.475  3.681   1.00 14.09 ? 64  TYR A CE2 1 
ATOM   466  C  CZ  . TYR A 1 64  ? 0.585   13.580  4.221   1.00 14.32 ? 64  TYR A CZ  1 
ATOM   467  O  OH  . TYR A 1 64  ? -0.191  14.642  4.630   1.00 15.56 ? 64  TYR A OH  1 
ATOM   468  N  N   . CYS A 1 65  ? 2.478   9.961   6.433   1.00 10.91 ? 65  CYS A N   1 
ATOM   469  C  CA  . CYS A 1 65  ? 1.493   9.840   7.524   1.00 11.02 ? 65  CYS A CA  1 
ATOM   470  C  C   . CYS A 1 65  ? 0.538   11.037  7.532   1.00 11.50 ? 65  CYS A C   1 
ATOM   471  O  O   . CYS A 1 65  ? 0.884   12.101  8.112   1.00 11.67 ? 65  CYS A O   1 
ATOM   472  C  CB  . CYS A 1 65  ? 2.213   9.733   8.847   1.00 10.76 ? 65  CYS A CB  1 
ATOM   473  S  SG  . CYS A 1 65  ? 1.129   9.569   10.273  1.00 12.10 ? 65  CYS A SG  1 
ATOM   474  N  N   . SER A 1 66  ? -0.644  10.856  6.986   1.00 11.24 ? 66  SER A N   1 
ATOM   475  C  CA  . SER A 1 66  ? -1.643  11.939  6.899   1.00 12.20 ? 66  SER A CA  1 
ATOM   476  C  C   . SER A 1 66  ? -2.056  12.450  8.271   1.00 11.26 ? 66  SER A C   1 
ATOM   477  O  O   . SER A 1 66  ? -2.269  13.672  8.419   1.00 12.28 ? 66  SER A O   1 
ATOM   478  C  CB  . SER A 1 66  ? -2.819  11.538  6.047   1.00 13.25 ? 66  SER A CB  1 
ATOM   479  O  OG  . SER A 1 66  ? -3.686  10.622  6.661   1.00 19.11 ? 66  SER A OG  1 
ATOM   480  N  N   . SER A 1 67  ? -2.087  11.612  9.283   1.00 10.48 ? 67  SER A N   1 
ATOM   481  C  CA  . SER A 1 67  ? -2.591  11.991  10.622  1.00 11.56 ? 67  SER A CA  1 
ATOM   482  C  C   . SER A 1 67  ? -1.494  12.772  11.359  1.00 11.11 ? 67  SER A C   1 
ATOM   483  O  O   . SER A 1 67  ? -1.789  13.260  12.497  1.00 11.54 ? 67  SER A O   1 
ATOM   484  C  CB  . SER A 1 67  ? -3.033  10.838  11.397  1.00 11.65 ? 67  SER A CB  1 
ATOM   485  O  OG  . SER A 1 67  ? -1.976  9.901   11.695  1.00 11.97 ? 67  SER A OG  1 
ATOM   486  N  N   . ARG A 1 68  ? -0.325  13.019  10.752  1.00 11.21 ? 68  ARG A N   1 
ATOM   487  C  CA  . ARG A 1 68  ? 0.727   13.886  11.281  1.00 11.14 ? 68  ARG A CA  1 
ATOM   488  C  C   . ARG A 1 68  ? 1.113   14.930  10.256  1.00 11.38 ? 68  ARG A C   1 
ATOM   489  O  O   . ARG A 1 68  ? 1.997   15.753  10.573  1.00 13.56 ? 68  ARG A O   1 
ATOM   490  C  CB  . ARG A 1 68  ? 1.928   13.031  11.666  1.00 11.50 ? 68  ARG A CB  1 
ATOM   491  C  CG  . ARG A 1 68  ? 1.663   12.090  12.814  1.00 11.97 ? 68  ARG A CG  1 
ATOM   492  C  CD  . ARG A 1 68  ? 1.574   12.826  14.147  1.00 12.59 ? 68  ARG A CD  1 
ATOM   493  N  NE  . ARG A 1 68  ? 1.290   11.950  15.250  1.00 13.10 ? 68  ARG A NE  1 
ATOM   494  C  CZ  . ARG A 1 68  ? 0.087   11.576  15.683  1.00 12.99 ? 68  ARG A CZ  1 
ATOM   495  N  NH1 . ARG A 1 68  ? -0.993  12.095  15.119  1.00 13.22 ? 68  ARG A NH1 1 
ATOM   496  N  NH2 . ARG A 1 68  ? -0.044  10.741  16.701  1.00 14.55 ? 68  ARG A NH2 1 
ATOM   497  N  N   . ARG A 1 69  ? 0.547   14.928  9.074   1.00 11.72 ? 69  ARG A N   1 
ATOM   498  C  CA  . ARG A 1 69  ? 1.028   15.773  7.960   1.00 12.79 ? 69  ARG A CA  1 
ATOM   499  C  C   . ARG A 1 69  ? 2.537   15.670  7.854   1.00 14.53 ? 69  ARG A C   1 
ATOM   500  O  O   . ARG A 1 69  ? 3.190   16.701  7.662   1.00 15.66 ? 69  ARG A O   1 
ATOM   501  C  CB  . ARG A 1 69  ? 0.558   17.215  8.156   1.00 13.32 ? 69  ARG A CB  1 
ATOM   502  C  CG  . ARG A 1 69  ? -0.937  17.373  7.991   1.00 14.55 ? 69  ARG A CG  1 
ATOM   503  C  CD  . ARG A 1 69  ? -1.319  18.837  8.040   1.00 16.18 ? 69  ARG A CD  1 
ATOM   504  N  NE  . ARG A 1 69  ? -2.773  19.096  8.017   1.00 18.05 ? 69  ARG A NE  1 
ATOM   505  C  CZ  . ARG A 1 69  ? -3.462  19.698  8.994   1.00 17.38 ? 69  ARG A CZ  1 
ATOM   506  N  NH1 . ARG A 1 69  ? -2.885  20.018  10.149  1.00 18.04 ? 69  ARG A NH1 1 
ATOM   507  N  NH2 . ARG A 1 69  ? -4.757  19.901  8.829   1.00 18.34 ? 69  ARG A NH2 1 
ATOM   508  N  N   . LYS A 1 70  ? 3.102   14.455  7.895   1.00 13.55 ? 70  LYS A N   1 
ATOM   509  C  CA  . LYS A 1 70  ? 4.574   14.312  7.925   1.00 14.37 ? 70  LYS A CA  1 
ATOM   510  C  C   . LYS A 1 70  ? 4.992   13.058  7.176   1.00 12.75 ? 70  LYS A C   1 
ATOM   511  O  O   . LYS A 1 70  ? 4.224   12.077  7.201   1.00 13.46 ? 70  LYS A O   1 
ATOM   512  C  CB  . LYS A 1 70  ? 5.106   14.242  9.351   1.00 16.38 ? 70  LYS A CB  1 
ATOM   513  C  CG  . LYS A 1 70  ? 5.180   15.576  10.072  1.00 22.80 ? 70  LYS A CG  1 
ATOM   514  C  CD  . LYS A 1 70  ? 6.124   15.560  11.250  1.00 28.36 ? 70  LYS A CD  1 
ATOM   515  C  CE  . LYS A 1 70  ? 6.200   16.899  11.962  1.00 33.91 ? 70  LYS A CE  1 
ATOM   516  N  NZ  . LYS A 1 70  ? 4.849   17.425  12.279  1.00 42.85 ? 70  LYS A NZ  1 
ATOM   517  N  N   . HIS A 1 71  ? 6.135   13.140  6.556   1.00 12.06 ? 71  HIS A N   1 
ATOM   518  C  CA  . HIS A 1 71  ? 6.857   11.979  6.013   1.00 12.56 ? 71  HIS A CA  1 
ATOM   519  C  C   . HIS A 1 71  ? 7.864   11.532  7.034   1.00 13.31 ? 71  HIS A C   1 
ATOM   520  O  O   . HIS A 1 71  ? 8.608   12.395  7.588   1.00 16.92 ? 71  HIS A O   1 
ATOM   521  C  CB  . HIS A 1 71  ? 7.515   12.314  4.699   1.00 12.79 ? 71  HIS A CB  1 
ATOM   522  C  CG  . HIS A 1 71  ? 6.593   12.607  3.581   1.00 13.08 ? 71  HIS A CG  1 
ATOM   523  N  ND1 . HIS A 1 71  ? 6.229   11.748  2.533   1.00 15.63 ? 71  HIS A ND1 1 
ATOM   524  C  CD2 . HIS A 1 71  ? 5.922   13.751  3.372   1.00 15.25 ? 71  HIS A CD2 1 
ATOM   525  C  CE1 . HIS A 1 71  ? 5.406   12.389  1.722   1.00 12.91 ? 71  HIS A CE1 1 
ATOM   526  N  NE2 . HIS A 1 71  ? 5.236   13.632  2.190   1.00 18.21 ? 71  HIS A NE2 1 
ATOM   527  N  N   . TYR A 1 72  ? 7.970   10.242  7.307   1.00 11.14 ? 72  TYR A N   1 
ATOM   528  C  CA  . TYR A 1 72  ? 8.902   9.668   8.288   1.00 11.41 ? 72  TYR A CA  1 
ATOM   529  C  C   . TYR A 1 72  ? 9.819   8.662   7.614   1.00 11.29 ? 72  TYR A C   1 
ATOM   530  O  O   . TYR A 1 72  ? 9.343   7.754   6.932   1.00 11.20 ? 72  TYR A O   1 
ATOM   531  C  CB  . TYR A 1 72  ? 8.137   8.936   9.390   1.00 12.26 ? 72  TYR A CB  1 
ATOM   532  C  CG  . TYR A 1 72  ? 7.300   9.805   10.279  1.00 12.55 ? 72  TYR A CG  1 
ATOM   533  C  CD1 . TYR A 1 72  ? 7.904   10.558  11.291  1.00 14.88 ? 72  TYR A CD1 1 
ATOM   534  C  CD2 . TYR A 1 72  ? 5.937   9.903   10.120  1.00 13.50 ? 72  TYR A CD2 1 
ATOM   535  C  CE1 . TYR A 1 72  ? 7.134   11.398  12.097  1.00 15.67 ? 72  TYR A CE1 1 
ATOM   536  C  CE2 . TYR A 1 72  ? 5.150   10.691  10.946  1.00 13.76 ? 72  TYR A CE2 1 
ATOM   537  C  CZ  . TYR A 1 72  ? 5.769   11.433  11.929  1.00 13.72 ? 72  TYR A CZ  1 
ATOM   538  O  OH  . TYR A 1 72  ? 4.984   12.210  12.768  1.00 15.30 ? 72  TYR A OH  1 
ATOM   539  N  N   . PRO A 1 73  ? 11.120  8.701   7.918   1.00 11.32 ? 73  PRO A N   1 
ATOM   540  C  CA  . PRO A 1 73  ? 12.002  7.621   7.487   1.00 10.92 ? 73  PRO A CA  1 
ATOM   541  C  C   . PRO A 1 73  ? 11.802  6.421   8.397   1.00 11.75 ? 73  PRO A C   1 
ATOM   542  O  O   . PRO A 1 73  ? 11.784  6.540   9.645   1.00 14.21 ? 73  PRO A O   1 
ATOM   543  C  CB  . PRO A 1 73  ? 13.415  8.211   7.655   1.00 12.45 ? 73  PRO A CB  1 
ATOM   544  C  CG  . PRO A 1 73  ? 13.283  9.335   8.628   1.00 15.55 ? 73  PRO A CG  1 
ATOM   545  C  CD  . PRO A 1 73  ? 11.848  9.830   8.571   1.00 13.04 ? 73  PRO A CD  1 
ATOM   546  N  N   . VAL A 1 74  ? 11.712  5.234   7.816   1.00 10.55 ? 74  VAL A N   1 
ATOM   547  C  CA  . VAL A 1 74  ? 11.500  3.986   8.576   1.00 11.37 ? 74  VAL A CA  1 
ATOM   548  C  C   . VAL A 1 74  ? 12.324  2.844   8.021   1.00 10.81 ? 74  VAL A C   1 
ATOM   549  O  O   . VAL A 1 74  ? 12.638  2.790   6.808   1.00 11.43 ? 74  VAL A O   1 
ATOM   550  C  CB  . VAL A 1 74  ? 10.025  3.573   8.555   1.00 12.07 ? 74  VAL A CB  1 
ATOM   551  C  CG1 . VAL A 1 74  ? 9.182   4.489   9.414   1.00 13.83 ? 74  VAL A CG1 1 
ATOM   552  C  CG2 . VAL A 1 74  ? 9.445   3.464   7.163   1.00 13.88 ? 74  VAL A CG2 1 
ATOM   553  N  N   . SER A 1 75  ? 12.602  1.898   8.896   1.00 10.51 ? 75  SER A N   1 
ATOM   554  C  CA  . SER A 1 75  ? 13.051  0.547   8.515   1.00 11.16 ? 75  SER A CA  1 
ATOM   555  C  C   . SER A 1 75  ? 11.820  -0.339  8.577   1.00 10.79 ? 75  SER A C   1 
ATOM   556  O  O   . SER A 1 75  ? 10.956  -0.151  9.443   1.00 11.29 ? 75  SER A O   1 
ATOM   557  C  CB  . SER A 1 75  ? 14.076  0.062   9.480   1.00 14.70 ? 75  SER A CB  1 
ATOM   558  O  OG  . SER A 1 75  ? 15.239  0.854   9.500   1.00 20.76 ? 75  SER A OG  1 
ATOM   559  N  N   . PHE A 1 76  ? 11.701  -1.289  7.677   1.00 10.04 ? 76  PHE A N   1 
ATOM   560  C  CA  . PHE A 1 76  ? 10.517  -2.145  7.619   1.00 10.49 ? 76  PHE A CA  1 
ATOM   561  C  C   . PHE A 1 76  ? 10.898  -3.565  7.307   1.00 10.13 ? 76  PHE A C   1 
ATOM   562  O  O   . PHE A 1 76  ? 11.944  -3.843  6.660   1.00 11.34 ? 76  PHE A O   1 
ATOM   563  C  CB  . PHE A 1 76  ? 9.496   -1.622  6.598   1.00 10.29 ? 76  PHE A CB  1 
ATOM   564  C  CG  . PHE A 1 76  ? 9.974   -1.331  5.200   1.00 10.27 ? 76  PHE A CG  1 
ATOM   565  C  CD1 . PHE A 1 76  ? 10.521  -0.109  4.889   1.00 10.31 ? 76  PHE A CD1 1 
ATOM   566  C  CD2 . PHE A 1 76  ? 9.968   -2.321  4.205   1.00 10.72 ? 76  PHE A CD2 1 
ATOM   567  C  CE1 . PHE A 1 76  ? 11.016  0.171   3.621   1.00 11.60 ? 76  PHE A CE1 1 
ATOM   568  C  CE2 . PHE A 1 76  ? 10.451  -2.012  2.935   1.00 10.63 ? 76  PHE A CE2 1 
ATOM   569  C  CZ  . PHE A 1 76  ? 10.964  -0.780  2.652   1.00 11.07 ? 76  PHE A CZ  1 
ATOM   570  N  N   . SER A 1 77  ? 10.093  -4.493  7.827   0.26 10.33 ? 77  SER A N   1 
ATOM   571  C  CA  . SER A 1 77  ? 10.262  -5.962  7.596   0.26 11.30 ? 77  SER A CA  1 
ATOM   572  C  C   . SER A 1 77  ? 9.889   -6.305  6.146   0.26 11.18 ? 77  SER A C   1 
ATOM   573  O  O   . SER A 1 77  ? 9.157   -5.611  5.490   0.26 11.93 ? 77  SER A O   1 
ATOM   574  C  CB  . SER A 1 77  ? 9.400   -6.690  8.598   0.26 11.78 ? 77  SER A CB  1 
ATOM   575  O  OG  . SER A 1 77  ? 8.015   -6.485  8.377   0.26 13.27 ? 77  SER A OG  1 
ATOM   576  N  N   . LYS A 1 78  ? 10.519  -7.364  5.630   0.26 11.73 ? 78  LYS A N   1 
ATOM   577  C  CA  . LYS A 1 78  ? 10.196  -7.880  4.269   0.26 12.31 ? 78  LYS A CA  1 
ATOM   578  C  C   . LYS A 1 78  ? 8.747   -8.370  4.227   0.26 12.17 ? 78  LYS A C   1 
ATOM   579  O  O   . LYS A 1 78  ? 8.272   -8.871  5.209   0.26 13.48 ? 78  LYS A O   1 
ATOM   580  C  CB  . LYS A 1 78  ? 11.180  -8.965  3.882   0.26 13.40 ? 78  LYS A CB  1 
ATOM   581  C  CG  . LYS A 1 78  ? 12.597  -8.463  3.712   0.26 14.39 ? 78  LYS A CG  1 
ATOM   582  C  CD  . LYS A 1 78  ? 13.459  -9.606  3.173   0.26 16.86 ? 78  LYS A CD  1 
ATOM   583  C  CE  . LYS A 1 78  ? 14.876  -9.129  2.866   0.26 21.00 ? 78  LYS A CE  1 
ATOM   584  N  NZ  . LYS A 1 78  ? 15.766  -10.179 2.327   0.26 24.32 ? 78  LYS A NZ  1 
ATOM   585  N  N   . PRO A 1 79  ? 8.040   -8.271  3.083   0.26 12.40 ? 79  PRO A N   1 
ATOM   586  C  CA  . PRO A 1 79  ? 6.644   -8.667  3.024   0.26 13.09 ? 79  PRO A CA  1 
ATOM   587  C  C   . PRO A 1 79  ? 6.476   -10.124 3.488   0.26 13.33 ? 79  PRO A C   1 
ATOM   588  O  O   . PRO A 1 79  ? 7.221   -10.973 3.135   0.26 15.69 ? 79  PRO A O   1 
ATOM   589  C  CB  . PRO A 1 79  ? 6.282   -8.586  1.536   0.26 13.72 ? 79  PRO A CB  1 
ATOM   590  C  CG  . PRO A 1 79  ? 7.294   -7.621  0.946   0.26 14.13 ? 79  PRO A CG  1 
ATOM   591  C  CD  . PRO A 1 79  ? 8.547   -7.763  1.797   0.26 12.54 ? 79  PRO A CD  1 
ATOM   592  N  N   . SER A 1 80  ? 5.454   -10.341 4.292   0.26 14.63 ? 80  SER A N   1 
ATOM   593  C  CA  . SER A 1 80  ? 5.141   -11.681 4.812   0.26 16.27 ? 80  SER A CA  1 
ATOM   594  C  C   . SER A 1 80  ? 3.649   -11.784 5.138   0.26 16.44 ? 80  SER A C   1 
ATOM   595  O  O   . SER A 1 80  ? 2.930   -10.828 4.975   0.26 14.87 ? 80  SER A O   1 
ATOM   596  C  CB  . SER A 1 80  ? 6.032   -12.005 5.990   0.26 19.36 ? 80  SER A CB  1 
ATOM   597  O  OG  . SER A 1 80  ? 6.079   -13.356 6.268   0.26 27.66 ? 80  SER A OG  1 
ATOM   598  N  N   . LEU A 1 81  ? 3.290   -12.900 5.770   0.26 15.22 ? 81  LEU A N   1 
ATOM   599  C  CA  . LEU A 1 81  ? 1.903   -13.273 6.194   0.26 15.82 ? 81  LEU A CA  1 
ATOM   600  C  C   . LEU A 1 81  ? 1.885   -12.954 7.674   0.26 16.25 ? 81  LEU A C   1 
ATOM   601  O  O   . LEU A 1 81  ? 2.619   -13.607 8.378   0.26 19.16 ? 81  LEU A O   1 
ATOM   602  C  CB  . LEU A 1 81  ? 1.730   -14.771 5.947   0.26 17.70 ? 81  LEU A CB  1 
ATOM   603  C  CG  . LEU A 1 81  ? 0.305   -15.301 6.179   0.26 19.92 ? 81  LEU A CG  1 
ATOM   604  C  CD1 . LEU A 1 81  ? -0.693  -14.456 5.384   0.26 19.90 ? 81  LEU A CD1 1 
ATOM   605  C  CD2 . LEU A 1 81  ? 0.244   -16.703 5.599   0.26 21.11 ? 81  LEU A CD2 1 
ATOM   606  N  N   . ILE A 1 82  ? 1.044   -12.005 8.066   0.26 13.97 ? 82  ILE A N   1 
ATOM   607  C  CA  . ILE A 1 82  ? 1.065   -11.368 9.419   0.26 15.57 ? 82  ILE A CA  1 
ATOM   608  C  C   . ILE A 1 82  ? -0.329  -11.282 9.973   0.26 14.55 ? 82  ILE A C   1 
ATOM   609  O  O   . ILE A 1 82  ? -1.134  -10.786 9.294   0.26 14.43 ? 82  ILE A O   1 
ATOM   610  C  CB  . ILE A 1 82  ? 1.606   -9.922  9.325   0.26 17.88 ? 82  ILE A CB  1 
ATOM   611  C  CG1 . ILE A 1 82  ? 2.989   -9.938  8.680   0.26 18.48 ? 82  ILE A CG1 1 
ATOM   612  C  CG2 . ILE A 1 82  ? 1.538   -9.158  10.647  0.26 21.07 ? 82  ILE A CG2 1 
ATOM   613  C  CD1 . ILE A 1 82  ? 3.943   -10.869 9.384   0.26 23.96 ? 82  ILE A CD1 1 
ATOM   614  N  N   . PHE A 1 83  ? -0.457  -11.619 11.244  0.26 13.67 ? 83  PHE A N   1 
ATOM   615  C  CA  . PHE A 1 83  ? -1.759  -11.465 11.917  0.26 14.21 ? 83  PHE A CA  1 
ATOM   616  C  C   . PHE A 1 83  ? -1.935  -9.976  12.222  0.26 14.71 ? 83  PHE A C   1 
ATOM   617  O  O   . PHE A 1 83  ? -1.005  -9.305  12.736  0.26 14.99 ? 83  PHE A O   1 
ATOM   618  C  CB  . PHE A 1 83  ? -1.779  -12.252 13.212  0.26 14.40 ? 83  PHE A CB  1 
ATOM   619  C  CG  . PHE A 1 83  ? -3.168  -12.267 13.734  0.26 15.59 ? 83  PHE A CG  1 
ATOM   620  C  CD1 . PHE A 1 83  ? -4.223  -12.838 13.029  0.26 17.14 ? 83  PHE A CD1 1 
ATOM   621  C  CD2 . PHE A 1 83  ? -3.401  -11.651 14.914  0.26 18.40 ? 83  PHE A CD2 1 
ATOM   622  C  CE1 . PHE A 1 83  ? -5.525  -12.830 13.534  0.26 18.58 ? 83  PHE A CE1 1 
ATOM   623  C  CE2 . PHE A 1 83  ? -4.644  -11.777 15.384  0.26 20.61 ? 83  PHE A CE2 1 
ATOM   624  C  CZ  . PHE A 1 83  ? -5.736  -12.179 14.694  0.26 19.17 ? 83  PHE A CZ  1 
ATOM   625  N  N   . VAL A 1 84  ? -3.095  -9.452  11.902  1.00 14.69 ? 84  VAL A N   1 
ATOM   626  C  CA  . VAL A 1 84  ? -3.403  -8.030  12.112  1.00 13.77 ? 84  VAL A CA  1 
ATOM   627  C  C   . VAL A 1 84  ? -4.607  -7.992  13.046  1.00 13.34 ? 84  VAL A C   1 
ATOM   628  O  O   . VAL A 1 84  ? -5.651  -8.590  12.718  1.00 15.02 ? 84  VAL A O   1 
ATOM   629  C  CB  . VAL A 1 84  ? -3.663  -7.309  10.774  1.00 14.12 ? 84  VAL A CB  1 
ATOM   630  C  CG1 . VAL A 1 84  ? -3.973  -5.856  11.001  1.00 13.46 ? 84  VAL A CG1 1 
ATOM   631  C  CG2 . VAL A 1 84  ? -2.481  -7.518  9.846   1.00 14.01 ? 84  VAL A CG2 1 
ATOM   632  N  N   . GLU A 1 85  ? -4.556  -7.237  14.120  1.00 13.60 ? 85  GLU A N   1 
ATOM   633  C  CA  . GLU A 1 85  ? -5.695  -7.092  15.024  1.00 14.38 ? 85  GLU A CA  1 
ATOM   634  C  C   . GLU A 1 85  ? -6.809  -6.319  14.318  1.00 14.76 ? 85  GLU A C   1 
ATOM   635  O  O   . GLU A 1 85  ? -6.588  -5.647  13.277  1.00 15.40 ? 85  GLU A O   1 
ATOM   636  C  CB  . GLU A 1 85  ? -5.277  -6.355  16.278  1.00 15.26 ? 85  GLU A CB  1 
ATOM   637  C  CG  . GLU A 1 85  ? -4.266  -7.121  17.111  1.00 16.87 ? 85  GLU A CG  1 
ATOM   638  C  CD  . GLU A 1 85  ? -4.720  -8.457  17.681  1.00 19.38 ? 85  GLU A CD  1 
ATOM   639  O  OE1 . GLU A 1 85  ? -5.941  -8.742  17.753  1.00 20.56 ? 85  GLU A OE1 1 
ATOM   640  O  OE2 . GLU A 1 85  ? -3.848  -9.271  18.001  1.00 19.62 ? 85  GLU A OE2 1 
ATOM   641  N  N   . ALA A 1 86  ? -8.000  -6.368  14.862  1.00 16.67 ? 86  ALA A N   1 
ATOM   642  C  CA  . ALA A 1 86  ? -9.174  -5.711  14.266  1.00 16.77 ? 86  ALA A CA  1 
ATOM   643  C  C   . ALA A 1 86  ? -8.900  -4.225  14.155  1.00 16.29 ? 86  ALA A C   1 
ATOM   644  O  O   . ALA A 1 86  ? -8.351  -3.632  15.083  1.00 17.45 ? 86  ALA A O   1 
ATOM   645  C  CB  . ALA A 1 86  ? -10.394 -5.979  15.125  1.00 17.76 ? 86  ALA A CB  1 
ATOM   646  N  N   . SER A 1 87  ? -9.404  -3.626  13.073  1.00 16.73 ? 87  SER A N   1 
ATOM   647  C  CA  . SER A 1 87  ? -9.360  -2.177  12.807  1.00 17.69 ? 87  SER A CA  1 
ATOM   648  C  C   . SER A 1 87  ? -10.793 -1.731  12.532  1.00 18.53 ? 87  SER A C   1 
ATOM   649  O  O   . SER A 1 87  ? -11.722 -2.578  12.502  1.00 19.17 ? 87  SER A O   1 
ATOM   650  C  CB  . SER A 1 87  ? -8.465  -1.851  11.647  1.00 16.43 ? 87  SER A CB  1 
ATOM   651  O  OG  . SER A 1 87  ? -9.058  -2.338  10.448  1.00 16.26 ? 87  SER A OG  1 
ATOM   652  N  N   . GLU A 1 88  ? -10.983 -0.449  12.275  1.00 19.10 ? 88  GLU A N   1 
ATOM   653  C  CA  . GLU A 1 88  ? -12.339 0.046   11.952  1.00 19.95 ? 88  GLU A CA  1 
ATOM   654  C  C   . GLU A 1 88  ? -12.803 -0.538  10.617  1.00 21.51 ? 88  GLU A C   1 
ATOM   655  O  O   . GLU A 1 88  ? -14.015 -0.504  10.376  1.00 21.25 ? 88  GLU A O   1 
ATOM   656  C  CB  . GLU A 1 88  ? -12.364 1.577   12.015  1.00 22.88 ? 88  GLU A CB  1 
ATOM   657  C  CG  . GLU A 1 88  ? -11.838 2.283   10.804  1.00 29.30 ? 88  GLU A CG  1 
ATOM   658  C  CD  . GLU A 1 88  ? -12.103 3.782   10.854  1.00 32.34 ? 88  GLU A CD  1 
ATOM   659  O  OE1 . GLU A 1 88  ? -12.096 4.338   11.976  1.00 35.30 ? 88  GLU A OE1 1 
ATOM   660  O  OE2 . GLU A 1 88  ? -12.307 4.370   9.763   1.00 36.99 ? 88  GLU A OE2 1 
ATOM   661  N  N   . TYR A 1 89  ? -11.919 -1.071  9.768   1.00 17.27 ? 89  TYR A N   1 
ATOM   662  C  CA  . TYR A 1 89  ? -12.294 -1.443  8.380   1.00 16.75 ? 89  TYR A CA  1 
ATOM   663  C  C   . TYR A 1 89  ? -12.067 -2.926  8.109   1.00 17.48 ? 89  TYR A C   1 
ATOM   664  O  O   . TYR A 1 89  ? -12.553 -3.423  7.066   1.00 17.50 ? 89  TYR A O   1 
ATOM   665  C  CB  . TYR A 1 89  ? -11.544 -0.572  7.364   1.00 15.75 ? 89  TYR A CB  1 
ATOM   666  C  CG  . TYR A 1 89  ? -10.050 -0.491  7.580   1.00 15.24 ? 89  TYR A CG  1 
ATOM   667  C  CD1 . TYR A 1 89  ? -9.527  0.499   8.383   1.00 15.65 ? 89  TYR A CD1 1 
ATOM   668  C  CD2 . TYR A 1 89  ? -9.176  -1.390  7.003   1.00 15.48 ? 89  TYR A CD2 1 
ATOM   669  C  CE1 . TYR A 1 89  ? -8.160  0.594   8.633   1.00 15.06 ? 89  TYR A CE1 1 
ATOM   670  C  CE2 . TYR A 1 89  ? -7.807  -1.305  7.225   1.00 14.78 ? 89  TYR A CE2 1 
ATOM   671  C  CZ  . TYR A 1 89  ? -7.293  -0.276  7.997   1.00 14.50 ? 89  TYR A CZ  1 
ATOM   672  O  OH  . TYR A 1 89  ? -5.960  -0.121  8.288   1.00 14.98 ? 89  TYR A OH  1 
ATOM   673  N  N   . TYR A 1 90  ? -11.377 -3.655  8.989   1.00 16.39 ? 90  TYR A N   1 
ATOM   674  C  CA  . TYR A 1 90  ? -11.282 -5.127  8.859   1.00 15.48 ? 90  TYR A CA  1 
ATOM   675  C  C   . TYR A 1 90  ? -11.339 -5.791  10.218  1.00 15.55 ? 90  TYR A C   1 
ATOM   676  O  O   . TYR A 1 90  ? -10.912 -5.228  11.204  1.00 15.77 ? 90  TYR A O   1 
ATOM   677  C  CB  . TYR A 1 90  ? -9.951  -5.566  8.261   1.00 16.38 ? 90  TYR A CB  1 
ATOM   678  C  CG  . TYR A 1 90  ? -9.835  -5.377  6.771   1.00 16.02 ? 90  TYR A CG  1 
ATOM   679  C  CD1 . TYR A 1 90  ? -10.718 -5.945  5.861   1.00 17.54 ? 90  TYR A CD1 1 
ATOM   680  C  CD2 . TYR A 1 90  ? -8.731  -4.740  6.242   1.00 16.08 ? 90  TYR A CD2 1 
ATOM   681  C  CE1 . TYR A 1 90  ? -10.513 -5.820  4.495   1.00 18.35 ? 90  TYR A CE1 1 
ATOM   682  C  CE2 . TYR A 1 90  ? -8.538  -4.566  4.881   1.00 16.53 ? 90  TYR A CE2 1 
ATOM   683  C  CZ  . TYR A 1 90  ? -9.422  -5.123  3.987   1.00 16.47 ? 90  TYR A CZ  1 
ATOM   684  O  OH  . TYR A 1 90  ? -9.235  -4.992  2.617   1.00 16.55 ? 90  TYR A OH  1 
ATOM   685  N  N   . PRO A 1 91  ? -11.842 -7.040  10.273  1.00 15.50 ? 91  PRO A N   1 
ATOM   686  C  CA  . PRO A 1 91  ? -11.740 -7.847  11.482  1.00 15.98 ? 91  PRO A CA  1 
ATOM   687  C  C   . PRO A 1 91  ? -10.266 -8.213  11.707  1.00 16.71 ? 91  PRO A C   1 
ATOM   688  O  O   . PRO A 1 91  ? -9.407  -8.050  10.847  1.00 15.48 ? 91  PRO A O   1 
ATOM   689  C  CB  . PRO A 1 91  ? -12.584 -9.066  11.124  1.00 17.14 ? 91  PRO A CB  1 
ATOM   690  C  CG  . PRO A 1 91  ? -12.341 -9.222  9.658   1.00 18.16 ? 91  PRO A CG  1 
ATOM   691  C  CD  . PRO A 1 91  ? -12.390 -7.790  9.139   1.00 16.47 ? 91  PRO A CD  1 
ATOM   692  N  N   . ALA A 1 92  ? -9.992  -8.822  12.847  1.00 17.25 ? 92  ALA A N   1 
ATOM   693  C  CA  . ALA A 1 92  ? -8.695  -9.439  13.119  1.00 18.46 ? 92  ALA A CA  1 
ATOM   694  C  C   . ALA A 1 92  ? -8.513  -10.550 12.094  1.00 16.82 ? 92  ALA A C   1 
ATOM   695  O  O   . ALA A 1 92  ? -9.452  -11.397 11.957  1.00 21.13 ? 92  ALA A O   1 
ATOM   696  C  CB  . ALA A 1 92  ? -8.701  -9.990  14.529  1.00 19.27 ? 92  ALA A CB  1 
ATOM   697  N  N   . ARG A 1 93  ? -7.414  -10.603 11.368  1.00 16.72 ? 93  ARG A N   1 
ATOM   698  C  CA  . ARG A 1 93  ? -7.204  -11.595 10.310  1.00 18.36 ? 93  ARG A CA  1 
ATOM   699  C  C   . ARG A 1 93  ? -5.732  -11.630 9.889   1.00 17.75 ? 93  ARG A C   1 
ATOM   700  O  O   . ARG A 1 93  ? -4.926  -10.731 10.317  1.00 15.86 ? 93  ARG A O   1 
ATOM   701  C  CB  . ARG A 1 93  ? -8.155  -11.204 9.169   1.00 18.20 ? 93  ARG A CB  1 
ATOM   702  C  CG  . ARG A 1 93  ? -7.653  -9.982  8.431   1.00 17.17 ? 93  ARG A CG  1 
ATOM   703  C  CD  . ARG A 1 93  ? -8.536  -9.455  7.307   1.00 18.40 ? 93  ARG A CD  1 
ATOM   704  N  NE  . ARG A 1 93  ? -7.732  -8.545  6.487   1.00 16.96 ? 93  ARG A NE  1 
ATOM   705  C  CZ  . ARG A 1 93  ? -7.687  -8.485  5.164   1.00 17.92 ? 93  ARG A CZ  1 
ATOM   706  N  NH1 . ARG A 1 93  ? -8.459  -9.258  4.399   1.00 17.79 ? 93  ARG A NH1 1 
ATOM   707  N  NH2 . ARG A 1 93  ? -6.801  -7.687  4.616   1.00 19.00 ? 93  ARG A NH2 1 
ATOM   708  N  N   . TYR A 1 94  ? -5.367  -12.622 9.129   1.00 16.63 ? 94  TYR A N   1 
ATOM   709  C  CA  . TYR A 1 94  ? -4.068  -12.691 8.445   1.00 16.39 ? 94  TYR A CA  1 
ATOM   710  C  C   . TYR A 1 94  ? -4.136  -11.837 7.202   1.00 16.19 ? 94  TYR A C   1 
ATOM   711  O  O   . TYR A 1 94  ? -5.144  -11.851 6.455   1.00 20.08 ? 94  TYR A O   1 
ATOM   712  C  CB  . TYR A 1 94  ? -3.677  -14.124 8.143   1.00 17.16 ? 94  TYR A CB  1 
ATOM   713  C  CG  . TYR A 1 94  ? -3.131  -14.785 9.387   1.00 18.29 ? 94  TYR A CG  1 
ATOM   714  C  CD1 . TYR A 1 94  ? -1.815  -14.581 9.738   1.00 19.67 ? 94  TYR A CD1 1 
ATOM   715  C  CD2 . TYR A 1 94  ? -3.919  -15.554 10.232  1.00 21.11 ? 94  TYR A CD2 1 
ATOM   716  C  CE1 . TYR A 1 94  ? -1.261  -15.132 10.875  1.00 21.29 ? 94  TYR A CE1 1 
ATOM   717  C  CE2 . TYR A 1 94  ? -3.376  -16.117 11.397  1.00 21.71 ? 94  TYR A CE2 1 
ATOM   718  C  CZ  . TYR A 1 94  ? -2.038  -15.908 11.704  1.00 21.30 ? 94  TYR A CZ  1 
ATOM   719  O  OH  . TYR A 1 94  ? -1.387  -16.410 12.800  1.00 25.73 ? 94  TYR A OH  1 
ATOM   720  N  N   . GLN A 1 95  ? -3.125  -10.993 7.033   1.00 13.70 ? 95  GLN A N   1 
ATOM   721  C  CA  . GLN A 1 95  ? -2.930  -10.209 5.793   1.00 13.34 ? 95  GLN A CA  1 
ATOM   722  C  C   . GLN A 1 95  ? -1.607  -10.629 5.173   1.00 13.48 ? 95  GLN A C   1 
ATOM   723  O  O   . GLN A 1 95  ? -0.593  -10.754 5.927   1.00 15.34 ? 95  GLN A O   1 
ATOM   724  C  CB  . GLN A 1 95  ? -2.969  -8.726  6.106   1.00 13.34 ? 95  GLN A CB  1 
ATOM   725  C  CG  . GLN A 1 95  ? -2.800  -7.834  4.909   1.00 15.24 ? 95  GLN A CG  1 
ATOM   726  C  CD  . GLN A 1 95  ? -3.337  -6.431  5.100   1.00 13.93 ? 95  GLN A CD  1 
ATOM   727  O  OE1 . GLN A 1 95  ? -4.310  -6.217  5.777   1.00 16.04 ? 95  GLN A OE1 1 
ATOM   728  N  NE2 . GLN A 1 95  ? -2.656  -5.526  4.440   1.00 14.55 ? 95  GLN A NE2 1 
ATOM   729  N  N   . SER A 1 96  ? -1.549  -10.859 3.874   1.00 12.70 ? 96  SER A N   1 
ATOM   730  C  CA  . SER A 1 96  ? -0.361  -11.279 3.147   1.00 13.14 ? 96  SER A CA  1 
ATOM   731  C  C   . SER A 1 96  ? 0.388   -10.079 2.557   1.00 13.03 ? 96  SER A C   1 
ATOM   732  O  O   . SER A 1 96  ? -0.221  -9.007  2.365   1.00 12.50 ? 96  SER A O   1 
ATOM   733  C  CB  . SER A 1 96  ? -0.681  -12.291 2.083   1.00 14.12 ? 96  SER A CB  1 
ATOM   734  O  OG  . SER A 1 96  ? -1.522  -11.684 1.099   1.00 16.88 ? 96  SER A OG  1 
ATOM   735  N  N   . HIS A 1 97  ? 1.618   -10.332 2.158   1.00 12.54 ? 97  HIS A N   1 
ATOM   736  C  CA  . HIS A 1 97  ? 2.480   -9.320  1.495   1.00 11.94 ? 97  HIS A CA  1 
ATOM   737  C  C   . HIS A 1 97  ? 2.532   -8.008  2.302   1.00 11.57 ? 97  HIS A C   1 
ATOM   738  O  O   . HIS A 1 97  ? 2.568   -6.941  1.692   1.00 11.98 ? 97  HIS A O   1 
ATOM   739  C  CB  . HIS A 1 97  ? 1.956   -9.129  0.077   1.00 12.69 ? 97  HIS A CB  1 
ATOM   740  C  CG  . HIS A 1 97  ? 2.053   -10.363 -0.733  1.00 13.27 ? 97  HIS A CG  1 
ATOM   741  N  ND1 . HIS A 1 97  ? 3.104   -10.653 -1.546  1.00 13.86 ? 97  HIS A ND1 1 
ATOM   742  C  CD2 . HIS A 1 97  ? 1.185   -11.385 -0.834  1.00 14.09 ? 97  HIS A CD2 1 
ATOM   743  C  CE1 . HIS A 1 97  ? 2.854   -11.811 -2.183  1.00 15.26 ? 97  HIS A CE1 1 
ATOM   744  N  NE2 . HIS A 1 97  ? 1.757   -12.298 -1.700  1.00 16.12 ? 97  HIS A NE2 1 
ATOM   745  N  N   . LEU A 1 98  ? 2.557   -8.145  3.606   1.00 11.65 ? 98  LEU A N   1 
ATOM   746  C  CA  . LEU A 1 98  ? 2.522   -7.009  4.536   1.00 11.39 ? 98  LEU A CA  1 
ATOM   747  C  C   . LEU A 1 98  ? 3.913   -6.764  5.133   1.00 11.12 ? 98  LEU A C   1 
ATOM   748  O  O   . LEU A 1 98  ? 4.557   -7.717  5.580   1.00 11.83 ? 98  LEU A O   1 
ATOM   749  C  CB  . LEU A 1 98  ? 1.522   -7.277  5.647   1.00 11.55 ? 98  LEU A CB  1 
ATOM   750  C  CG  . LEU A 1 98  ? 1.334   -6.127  6.620   1.00 12.88 ? 98  LEU A CG  1 
ATOM   751  C  CD1 . LEU A 1 98  ? 0.635   -4.985  5.942   1.00 13.00 ? 98  LEU A CD1 1 
ATOM   752  C  CD2 . LEU A 1 98  ? 0.540   -6.543  7.842   1.00 14.08 ? 98  LEU A CD2 1 
ATOM   753  N  N   . MET A 1 99  ? 4.341   -5.516  5.172   1.00 10.43 ? 99  MET A N   1 
ATOM   754  C  CA  . MET A 1 99  ? 5.612   -5.047  5.779   1.00 10.71 ? 99  MET A CA  1 
ATOM   755  C  C   . MET A 1 99  ? 5.271   -4.227  6.998   1.00 10.71 ? 99  MET A C   1 
ATOM   756  O  O   . MET A 1 99  ? 4.344   -3.450  6.927   1.00 11.68 ? 99  MET A O   1 
ATOM   757  C  CB  . MET A 1 99  ? 6.377   -4.204  4.752   1.00 10.28 ? 99  MET A CB  1 
ATOM   758  C  CG  . MET A 1 99  ? 6.740   -4.980  3.502   1.00 11.32 ? 99  MET A CG  1 
ATOM   759  S  SD  . MET A 1 99  ? 7.349   -3.967  2.150   1.00 12.48 ? 99  MET A SD  1 
ATOM   760  C  CE  . MET A 1 99  ? 5.889   -3.010  1.715   1.00 12.60 ? 99  MET A CE  1 
ATOM   761  N  N   . LEU A 1 100 ? 6.053   -4.351  8.068   1.00 10.08 ? 100 LEU A N   1 
ATOM   762  C  CA  . LEU A 1 100 ? 5.776   -3.571  9.292   1.00 10.15 ? 100 LEU A CA  1 
ATOM   763  C  C   . LEU A 1 100 ? 6.967   -2.673  9.577   1.00 9.98  ? 100 LEU A C   1 
ATOM   764  O  O   . LEU A 1 100 ? 8.122   -3.075  9.398   1.00 11.09 ? 100 LEU A O   1 
ATOM   765  C  CB  . LEU A 1 100 ? 5.585   -4.509  10.482  1.00 12.52 ? 100 LEU A CB  1 
ATOM   766  C  CG  . LEU A 1 100 ? 4.330   -5.348  10.448  1.00 12.89 ? 100 LEU A CG  1 
ATOM   767  C  CD1 . LEU A 1 100 ? 4.320   -6.358  11.588  1.00 14.97 ? 100 LEU A CD1 1 
ATOM   768  C  CD2 . LEU A 1 100 ? 3.093   -4.452  10.511  1.00 14.72 ? 100 LEU A CD2 1 
ATOM   769  N  N   . ALA A 1 101 ? 6.659   -1.512  10.107  1.00 9.74  ? 101 ALA A N   1 
ATOM   770  C  CA  . ALA A 1 101 ? 7.625   -0.561  10.676  1.00 9.87  ? 101 ALA A CA  1 
ATOM   771  C  C   . ALA A 1 101 ? 7.089   -0.007  11.982  1.00 10.20 ? 101 ALA A C   1 
ATOM   772  O  O   . ALA A 1 101 ? 5.875   -0.045  12.236  1.00 10.89 ? 101 ALA A O   1 
ATOM   773  C  CB  . ALA A 1 101 ? 7.900   0.560   9.707   1.00 10.27 ? 101 ALA A CB  1 
ATOM   774  N  N   . VAL A 1 102 ? 7.999   0.481   12.791  1.00 10.26 ? 102 VAL A N   1 
ATOM   775  C  CA  . VAL A 1 102 ? 7.614   1.237   14.010  1.00 10.57 ? 102 VAL A CA  1 
ATOM   776  C  C   . VAL A 1 102 ? 7.264   2.672   13.598  1.00 10.46 ? 102 VAL A C   1 
ATOM   777  O  O   . VAL A 1 102 ? 8.097   3.393   13.013  1.00 11.63 ? 102 VAL A O   1 
ATOM   778  C  CB  . VAL A 1 102 ? 8.737   1.191   15.055  1.00 10.50 ? 102 VAL A CB  1 
ATOM   779  C  CG1 . VAL A 1 102 ? 8.356   2.032   16.279  1.00 10.60 ? 102 VAL A CG1 1 
ATOM   780  C  CG2 . VAL A 1 102 ? 9.040   -0.235  15.431  1.00 10.51 ? 102 VAL A CG2 1 
ATOM   781  N  N   . GLY A 1 103 ? 6.028   3.051   13.851  1.00 11.74 ? 103 GLY A N   1 
ATOM   782  C  CA  . GLY A 1 103 ? 5.570   4.381   13.454  1.00 12.72 ? 103 GLY A CA  1 
ATOM   783  C  C   . GLY A 1 103 ? 4.086   4.513   13.694  1.00 12.32 ? 103 GLY A C   1 
ATOM   784  O  O   . GLY A 1 103 ? 3.420   3.588   14.106  1.00 13.14 ? 103 GLY A O   1 
ATOM   785  N  N   . HIS A 1 104 ? 3.587   5.692   13.385  1.00 11.71 ? 104 HIS A N   1 
ATOM   786  C  CA  . HIS A 1 104 ? 2.173   6.045   13.608  1.00 12.17 ? 104 HIS A CA  1 
ATOM   787  C  C   . HIS A 1 104 ? 1.315   5.762   12.389  1.00 11.23 ? 104 HIS A C   1 
ATOM   788  O  O   . HIS A 1 104 ? 1.657   6.236   11.288  1.00 11.10 ? 104 HIS A O   1 
ATOM   789  C  CB  . HIS A 1 104 ? 2.112   7.509   14.057  1.00 11.87 ? 104 HIS A CB  1 
ATOM   790  C  CG  . HIS A 1 104 ? 0.740   7.898   14.432  1.00 13.02 ? 104 HIS A CG  1 
ATOM   791  N  ND1 . HIS A 1 104 ? 0.143   7.352   15.557  1.00 14.44 ? 104 HIS A ND1 1 
ATOM   792  C  CD2 . HIS A 1 104 ? -0.195  8.598   13.778  1.00 13.93 ? 104 HIS A CD2 1 
ATOM   793  C  CE1 . HIS A 1 104 ? -1.119  7.801   15.592  1.00 14.34 ? 104 HIS A CE1 1 
ATOM   794  N  NE2 . HIS A 1 104 ? -1.314  8.545   14.554  1.00 14.86 ? 104 HIS A NE2 1 
ATOM   795  N  N   . SER A 1 105 ? 0.168   5.102   12.623  1.00 11.37 ? 105 SER A N   1 
ATOM   796  C  CA  . SER A 1 105 ? -0.799  4.825   11.565  1.00 12.11 ? 105 SER A CA  1 
ATOM   797  C  C   . SER A 1 105 ? -2.179  4.689   12.188  1.00 12.57 ? 105 SER A C   1 
ATOM   798  O  O   . SER A 1 105 ? -2.375  3.817   13.029  1.00 15.08 ? 105 SER A O   1 
ATOM   799  C  CB  . SER A 1 105 ? -0.340  3.590   10.796  1.00 11.68 ? 105 SER A CB  1 
ATOM   800  O  OG  . SER A 1 105 ? -1.353  3.219   9.872   1.00 12.91 ? 105 SER A OG  1 
ATOM   801  N  N   . GLU A 1 106 ? -3.061  5.498   11.712  1.00 12.15 ? 106 GLU A N   1 
ATOM   802  C  CA  . GLU A 1 106 ? -4.527  5.448   11.984  1.00 13.11 ? 106 GLU A CA  1 
ATOM   803  C  C   . GLU A 1 106 ? -5.237  5.011   10.725  1.00 14.49 ? 106 GLU A C   1 
ATOM   804  O  O   . GLU A 1 106 ? -4.667  5.081   9.623   1.00 13.82 ? 106 GLU A O   1 
ATOM   805  C  CB  . GLU A 1 106 ? -5.047  6.837   12.383  1.00 15.38 ? 106 GLU A CB  1 
ATOM   806  C  CG  . GLU A 1 106 ? -4.395  7.338   13.636  1.00 18.98 ? 106 GLU A CG  1 
ATOM   807  C  CD  . GLU A 1 106 ? -4.747  8.765   14.043  1.00 19.34 ? 106 GLU A CD  1 
ATOM   808  O  OE1 . GLU A 1 106 ? -5.818  9.262   13.645  1.00 25.39 ? 106 GLU A OE1 1 
ATOM   809  O  OE2 . GLU A 1 106 ? -3.939  9.382   14.649  1.00 17.98 ? 106 GLU A OE2 1 
ATOM   810  N  N   . PRO A 1 107 ? -6.537  4.638   10.779  1.00 14.82 ? 107 PRO A N   1 
ATOM   811  C  CA  . PRO A 1 107 ? -7.216  4.131   9.593   1.00 14.64 ? 107 PRO A CA  1 
ATOM   812  C  C   . PRO A 1 107 ? -7.113  5.069   8.395   1.00 14.94 ? 107 PRO A C   1 
ATOM   813  O  O   . PRO A 1 107 ? -6.857  4.615   7.249   1.00 16.06 ? 107 PRO A O   1 
ATOM   814  C  CB  . PRO A 1 107 ? -8.644  3.969   10.119  1.00 15.96 ? 107 PRO A CB  1 
ATOM   815  C  CG  . PRO A 1 107 ? -8.416  3.509   11.518  1.00 15.90 ? 107 PRO A CG  1 
ATOM   816  C  CD  . PRO A 1 107 ? -7.349  4.476   12.000  1.00 16.24 ? 107 PRO A CD  1 
ATOM   817  N  N   . GLY A 1 108 ? -7.309  6.360   8.609   1.00 15.43 ? 108 GLY A N   1 
ATOM   818  C  CA  . GLY A 1 108 ? -7.316  7.301   7.501   1.00 14.16 ? 108 GLY A CA  1 
ATOM   819  C  C   . GLY A 1 108 ? -5.936  7.522   6.866   1.00 12.54 ? 108 GLY A C   1 
ATOM   820  O  O   . GLY A 1 108 ? -5.840  8.180   5.816   1.00 13.51 ? 108 GLY A O   1 
ATOM   821  N  N   . ASP A 1 109 ? -4.889  6.988   7.519   1.00 11.98 ? 109 ASP A N   1 
ATOM   822  C  CA  . ASP A 1 109 ? -3.542  7.020   6.903   1.00 11.96 ? 109 ASP A CA  1 
ATOM   823  C  C   . ASP A 1 109 ? -3.375  5.993   5.789   1.00 10.36 ? 109 ASP A C   1 
ATOM   824  O  O   . ASP A 1 109 ? -2.410  6.101   5.023   1.00 10.99 ? 109 ASP A O   1 
ATOM   825  C  CB  . ASP A 1 109 ? -2.476  6.788   7.967   1.00 11.43 ? 109 ASP A CB  1 
ATOM   826  C  CG  . ASP A 1 109 ? -2.400  7.938   8.964   1.00 10.73 ? 109 ASP A CG  1 
ATOM   827  O  OD1 . ASP A 1 109 ? -2.492  9.062   8.461   1.00 13.05 ? 109 ASP A OD1 1 
ATOM   828  O  OD2 . ASP A 1 109 ? -2.194  7.677   10.152  1.00 11.33 ? 109 ASP A OD2 1 
ATOM   829  N  N   . CYS A 1 110 ? -4.315  5.079   5.627   1.00 11.33 ? 110 CYS A N   1 
ATOM   830  C  CA  . CYS A 1 110 ? -4.212  4.098   4.550   1.00 10.45 ? 110 CYS A CA  1 
ATOM   831  C  C   . CYS A 1 110 ? -4.102  4.828   3.230   1.00 11.14 ? 110 CYS A C   1 
ATOM   832  O  O   . CYS A 1 110 ? -4.843  5.794   2.965   1.00 11.91 ? 110 CYS A O   1 
ATOM   833  C  CB  . CYS A 1 110 ? -5.430  3.183   4.551   1.00 10.92 ? 110 CYS A CB  1 
ATOM   834  S  SG  . CYS A 1 110 ? -5.381  1.924   5.833   1.00 12.52 ? 110 CYS A SG  1 
ATOM   835  N  N   . GLY A 1 111 ? -3.240  4.324   2.360   1.00 10.27 ? 111 GLY A N   1 
ATOM   836  C  CA  . GLY A 1 111 ? -3.003  4.874   1.030   1.00 10.41 ? 111 GLY A CA  1 
ATOM   837  C  C   . GLY A 1 111 ? -1.767  5.763   0.966   1.00 10.93 ? 111 GLY A C   1 
ATOM   838  O  O   . GLY A 1 111 ? -1.339  6.111   -0.136  1.00 11.32 ? 111 GLY A O   1 
ATOM   839  N  N   . GLY A 1 112 ? -1.214  6.187   2.092   1.00 11.02 ? 112 GLY A N   1 
ATOM   840  C  CA  . GLY A 1 112 ? 0.050   6.941   2.074   1.00 10.09 ? 112 GLY A CA  1 
ATOM   841  C  C   . GLY A 1 112 ? 1.127   6.092   1.450   1.00 10.15 ? 112 GLY A C   1 
ATOM   842  O  O   . GLY A 1 112 ? 1.220   4.898   1.743   1.00 10.33 ? 112 GLY A O   1 
ATOM   843  N  N   . ILE A 1 113 ? 1.989   6.702   0.665   1.00 10.04 ? 113 ILE A N   1 
ATOM   844  C  CA  . ILE A 1 113 ? 3.073   5.960   -0.024  1.00 9.65  ? 113 ILE A CA  1 
ATOM   845  C  C   . ILE A 1 113 ? 4.237   5.741   0.919   1.00 9.99  ? 113 ILE A C   1 
ATOM   846  O  O   . ILE A 1 113 ? 4.694   6.668   1.595   1.00 10.16 ? 113 ILE A O   1 
ATOM   847  C  CB  . ILE A 1 113 ? 3.476   6.743   -1.280  1.00 11.10 ? 113 ILE A CB  1 
ATOM   848  C  CG1 . ILE A 1 113 ? 2.412   6.458   -2.360  1.00 13.92 ? 113 ILE A CG1 1 
ATOM   849  C  CG2 . ILE A 1 113 ? 4.862   6.370   -1.807  1.00 11.79 ? 113 ILE A CG2 1 
ATOM   850  C  CD1 . ILE A 1 113 ? 2.548   7.296   -3.595  1.00 17.15 ? 113 ILE A CD1 1 
ATOM   851  N  N   . LEU A 1 114 ? 4.805   4.555   0.806   1.00 9.57  ? 114 LEU A N   1 
ATOM   852  C  CA  . LEU A 1 114 ? 6.169   4.195   1.279   1.00 9.99  ? 114 LEU A CA  1 
ATOM   853  C  C   . LEU A 1 114 ? 7.058   4.158   0.039   1.00 9.78  ? 114 LEU A C   1 
ATOM   854  O  O   . LEU A 1 114 ? 6.687   3.467   -0.953  1.00 10.07 ? 114 LEU A O   1 
ATOM   855  C  CB  . LEU A 1 114 ? 6.128   2.835   1.966   1.00 10.08 ? 114 LEU A CB  1 
ATOM   856  C  CG  . LEU A 1 114 ? 7.490   2.241   2.323   1.00 9.89  ? 114 LEU A CG  1 
ATOM   857  C  CD1 . LEU A 1 114 ? 8.185   3.044   3.415   1.00 11.05 ? 114 LEU A CD1 1 
ATOM   858  C  CD2 . LEU A 1 114 ? 7.302   0.784   2.772   1.00 10.38 ? 114 LEU A CD2 1 
ATOM   859  N  N   . ARG A 1 115 ? 8.166   4.841   0.077   1.00 9.91  ? 115 ARG A N   1 
ATOM   860  C  CA  . ARG A 1 115 ? 9.098   4.928   -1.061  1.00 9.92  ? 115 ARG A CA  1 
ATOM   861  C  C   . ARG A 1 115 ? 10.515  4.698   -0.603  1.00 11.07 ? 115 ARG A C   1 
ATOM   862  O  O   . ARG A 1 115 ? 10.893  5.026   0.526   1.00 10.96 ? 115 ARG A O   1 
ATOM   863  C  CB  . ARG A 1 115 ? 8.987   6.237   -1.814  1.00 11.50 ? 115 ARG A CB  1 
ATOM   864  C  CG  . ARG A 1 115 ? 9.416   7.432   -0.992  1.00 12.54 ? 115 ARG A CG  1 
ATOM   865  C  CD  . ARG A 1 115 ? 9.202   8.758   -1.693  1.00 15.19 ? 115 ARG A CD  1 
ATOM   866  N  NE  . ARG A 1 115 ? 7.786   9.123   -1.726  1.00 17.84 ? 115 ARG A NE  1 
ATOM   867  C  CZ  . ARG A 1 115 ? 7.026   9.344   -2.825  1.00 19.09 ? 115 ARG A CZ  1 
ATOM   868  N  NH1 . ARG A 1 115 ? 7.496   9.133   -4.042  1.00 23.30 ? 115 ARG A NH1 1 
ATOM   869  N  NH2 . ARG A 1 115 ? 5.780   9.755   -2.690  1.00 22.49 ? 115 ARG A NH2 1 
ATOM   870  N  N   . CYS A 1 116 ? 11.288  4.076   -1.487  1.00 10.18 ? 116 CYS A N   1 
ATOM   871  C  CA  . CYS A 1 116 ? 12.750  3.905   -1.307  1.00 11.38 ? 116 CYS A CA  1 
ATOM   872  C  C   . CYS A 1 116 ? 13.455  4.628   -2.445  1.00 10.69 ? 116 CYS A C   1 
ATOM   873  O  O   . CYS A 1 116 ? 12.829  5.242   -3.286  1.00 12.11 ? 116 CYS A O   1 
ATOM   874  C  CB  . CYS A 1 116 ? 13.109  2.413   -1.248  1.00 10.21 ? 116 CYS A CB  1 
ATOM   875  S  SG  . CYS A 1 116 ? 12.800  1.601   -2.848  1.00 11.27 ? 116 CYS A SG  1 
ATOM   876  N  N   . GLN A 1 117 ? 14.764  4.424   -2.508  1.00 13.51 ? 117 GLN A N   1 
ATOM   877  C  CA  . GLN A 1 117 ? 15.570  4.993   -3.599  1.00 14.98 ? 117 GLN A CA  1 
ATOM   878  C  C   . GLN A 1 117 ? 15.132  4.493   -4.978  1.00 14.25 ? 117 GLN A C   1 
ATOM   879  O  O   . GLN A 1 117 ? 15.393  5.174   -5.946  1.00 16.95 ? 117 GLN A O   1 
ATOM   880  C  CB  . GLN A 1 117 ? 17.045  4.701   -3.352  1.00 16.09 ? 117 GLN A CB  1 
ATOM   881  C  CG  . GLN A 1 117 ? 17.418  3.243   -3.516  1.00 17.78 ? 117 GLN A CG  1 
ATOM   882  C  CD  . GLN A 1 117 ? 18.869  2.914   -3.314  1.00 22.92 ? 117 GLN A CD  1 
ATOM   883  O  OE1 . GLN A 1 117 ? 19.277  2.522   -2.223  1.00 27.10 ? 117 GLN A OE1 1 
ATOM   884  N  NE2 . GLN A 1 117 ? 19.612  3.084   -4.391  1.00 23.47 ? 117 GLN A NE2 1 
ATOM   885  N  N   . HIS A 1 118 ? 14.430  3.384   -5.092  1.00 13.81 ? 118 HIS A N   1 
ATOM   886  C  CA  . HIS A 1 118 ? 14.005  2.836   -6.400  1.00 13.24 ? 118 HIS A CA  1 
ATOM   887  C  C   . HIS A 1 118 ? 12.587  3.266   -6.815  1.00 14.06 ? 118 HIS A C   1 
ATOM   888  O  O   . HIS A 1 118 ? 12.174  2.937   -7.955  1.00 16.31 ? 118 HIS A O   1 
ATOM   889  C  CB  . HIS A 1 118 ? 14.093  1.307   -6.356  1.00 13.21 ? 118 HIS A CB  1 
ATOM   890  C  CG  . HIS A 1 118 ? 15.426  0.799   -5.934  1.00 12.55 ? 118 HIS A CG  1 
ATOM   891  N  ND1 . HIS A 1 118 ? 15.713  0.339   -4.662  1.00 12.08 ? 118 HIS A ND1 1 
ATOM   892  C  CD2 . HIS A 1 118 ? 16.573  0.695   -6.670  1.00 13.43 ? 118 HIS A CD2 1 
ATOM   893  C  CE1 . HIS A 1 118 ? 17.016  -0.003  -4.641  1.00 13.88 ? 118 HIS A CE1 1 
ATOM   894  N  NE2 . HIS A 1 118 ? 17.536  0.216   -5.853  1.00 15.26 ? 118 HIS A NE2 1 
ATOM   895  N  N   . GLY A 1 119 ? 11.819  3.895   -5.923  1.00 11.69 ? 119 GLY A N   1 
ATOM   896  C  CA  . GLY A 1 119 ? 10.450  4.316   -6.214  1.00 12.00 ? 119 GLY A CA  1 
ATOM   897  C  C   . GLY A 1 119 ? 9.480   3.856   -5.156  1.00 10.88 ? 119 GLY A C   1 
ATOM   898  O  O   . GLY A 1 119 ? 9.859   3.688   -4.012  1.00 10.95 ? 119 GLY A O   1 
ATOM   899  N  N   . VAL A 1 120 ? 8.251   3.641   -5.573  1.00 10.99 ? 120 VAL A N   1 
ATOM   900  C  CA  . VAL A 1 120 ? 7.150   3.329   -4.638  1.00 11.19 ? 120 VAL A CA  1 
ATOM   901  C  C   . VAL A 1 120 ? 7.241   1.868   -4.218  1.00 11.03 ? 120 VAL A C   1 
ATOM   902  O  O   . VAL A 1 120 ? 7.276   0.947   -5.091  1.00 10.96 ? 120 VAL A O   1 
ATOM   903  C  CB  . VAL A 1 120 ? 5.798   3.666   -5.271  1.00 11.02 ? 120 VAL A CB  1 
ATOM   904  C  CG1 . VAL A 1 120 ? 4.689   3.153   -4.361  1.00 10.91 ? 120 VAL A CG1 1 
ATOM   905  C  CG2 . VAL A 1 120 ? 5.679   5.155   -5.580  1.00 11.89 ? 120 VAL A CG2 1 
ATOM   906  N  N   . VAL A 1 121 ? 7.298   1.598   -2.937  1.00 10.01 ? 121 VAL A N   1 
ATOM   907  C  CA  . VAL A 1 121 ? 7.363   0.237   -2.340  1.00 10.01 ? 121 VAL A CA  1 
ATOM   908  C  C   . VAL A 1 121 ? 5.976   -0.303  -2.079  1.00 10.21 ? 121 VAL A C   1 
ATOM   909  O  O   . VAL A 1 121 ? 5.733   -1.492  -2.237  1.00 11.05 ? 121 VAL A O   1 
ATOM   910  C  CB  . VAL A 1 121 ? 8.205   0.338   -1.071  1.00 10.25 ? 121 VAL A CB  1 
ATOM   911  C  CG1 . VAL A 1 121 ? 8.215   -0.980  -0.337  1.00 10.35 ? 121 VAL A CG1 1 
ATOM   912  C  CG2 . VAL A 1 121 ? 9.613   0.826   -1.364  1.00 11.93 ? 121 VAL A CG2 1 
ATOM   913  N  N   . GLY A 1 122 ? 5.094   0.532   -1.563  1.00 10.58 ? 122 GLY A N   1 
ATOM   914  C  CA  . GLY A 1 122 ? 3.765   0.092   -1.135  1.00 11.25 ? 122 GLY A CA  1 
ATOM   915  C  C   . GLY A 1 122 ? 2.955   1.232   -0.570  1.00 9.89  ? 122 GLY A C   1 
ATOM   916  O  O   . GLY A 1 122 ? 3.389   2.401   -0.662  1.00 10.49 ? 122 GLY A O   1 
ATOM   917  N  N   . ILE A 1 123 ? 1.808   0.898   -0.003  1.00 9.91  ? 123 ILE A N   1 
ATOM   918  C  CA  . ILE A 1 123 ? 0.917   1.911   0.605   1.00 9.74  ? 123 ILE A CA  1 
ATOM   919  C  C   . ILE A 1 123 ? 0.567   1.464   2.026   1.00 9.36  ? 123 ILE A C   1 
ATOM   920  O  O   . ILE A 1 123 ? 0.442   0.253   2.308   1.00 9.72  ? 123 ILE A O   1 
ATOM   921  C  CB  . ILE A 1 123 ? -0.354  2.156   -0.232  1.00 10.38 ? 123 ILE A CB  1 
ATOM   922  C  CG1 . ILE A 1 123 ? -1.119  0.861   -0.591  1.00 11.48 ? 123 ILE A CG1 1 
ATOM   923  C  CG2 . ILE A 1 123 ? -0.023  3.007   -1.450  1.00 10.88 ? 123 ILE A CG2 1 
ATOM   924  C  CD1 . ILE A 1 123 ? -2.466  1.103   -1.263  1.00 12.36 ? 123 ILE A CD1 1 
ATOM   925  N  N   . VAL A 1 124 ? 0.308   2.453   2.873   1.00 9.25  ? 124 VAL A N   1 
ATOM   926  C  CA  . VAL A 1 124 ? -0.142  2.151   4.240   1.00 9.05  ? 124 VAL A CA  1 
ATOM   927  C  C   . VAL A 1 124 ? -1.421  1.337   4.178   1.00 10.14 ? 124 VAL A C   1 
ATOM   928  O  O   . VAL A 1 124 ? -2.350  1.683   3.404   1.00 9.70  ? 124 VAL A O   1 
ATOM   929  C  CB  . VAL A 1 124 ? -0.354  3.430   5.044   1.00 9.30  ? 124 VAL A CB  1 
ATOM   930  C  CG1 . VAL A 1 124 ? -0.972  3.139   6.404   1.00 9.58  ? 124 VAL A CG1 1 
ATOM   931  C  CG2 . VAL A 1 124 ? 0.915   4.251   5.191   1.00 9.60  ? 124 VAL A CG2 1 
ATOM   932  N  N   . SER A 1 125 ? -1.479  0.272   4.953   1.00 9.83  ? 125 SER A N   1 
ATOM   933  C  CA  . SER A 1 125 ? -2.641  -0.620  5.026   1.00 10.02 ? 125 SER A CA  1 
ATOM   934  C  C   . SER A 1 125 ? -3.044  -0.977  6.452   1.00 10.84 ? 125 SER A C   1 
ATOM   935  O  O   . SER A 1 125 ? -4.235  -1.329  6.638   1.00 12.14 ? 125 SER A O   1 
ATOM   936  C  CB  . SER A 1 125 ? -2.334  -1.861  4.233   1.00 10.98 ? 125 SER A CB  1 
ATOM   937  O  OG  . SER A 1 125 ? -3.421  -2.803  4.282   1.00 12.61 ? 125 SER A OG  1 
ATOM   938  N  N   . THR A 1 126 ? -2.124  -0.947  7.420   1.00 11.03 ? 126 THR A N   1 
ATOM   939  C  CA  . THR A 1 126 ? -2.481  -1.302  8.808   1.00 11.61 ? 126 THR A CA  1 
ATOM   940  C  C   . THR A 1 126 ? -1.860  -0.314  9.789   1.00 10.53 ? 126 THR A C   1 
ATOM   941  O  O   . THR A 1 126 ? -0.979  0.448   9.423   1.00 10.38 ? 126 THR A O   1 
ATOM   942  C  CB  . THR A 1 126 ? -2.063  -2.739  9.215   1.00 12.45 ? 126 THR A CB  1 
ATOM   943  O  OG1 . THR A 1 126 ? -0.647  -2.772  9.448   1.00 12.54 ? 126 THR A OG1 1 
ATOM   944  C  CG2 . THR A 1 126 ? -2.414  -3.787  8.171   1.00 12.58 ? 126 THR A CG2 1 
ATOM   945  N  N   . GLY A 1 127 ? -2.383  -0.314  11.011  1.00 11.54 ? 127 GLY A N   1 
ATOM   946  C  CA  . GLY A 1 127 ? -1.823  0.497   12.081  1.00 12.54 ? 127 GLY A CA  1 
ATOM   947  C  C   . GLY A 1 127 ? -2.205  -0.057  13.430  1.00 13.76 ? 127 GLY A C   1 
ATOM   948  O  O   . GLY A 1 127 ? -2.641  -1.215  13.542  1.00 16.70 ? 127 GLY A O   1 
ATOM   949  N  N   . GLY A 1 128 ? -2.026  0.766   14.449  1.00 15.11 ? 128 GLY A N   1 
ATOM   950  C  CA  . GLY A 1 128 ? -2.243  0.415   15.864  1.00 16.14 ? 128 GLY A CA  1 
ATOM   951  C  C   . GLY A 1 128 ? -1.005  -0.138  16.531  1.00 15.95 ? 128 GLY A C   1 
ATOM   952  O  O   . GLY A 1 128 ? -0.068  -0.671  15.898  1.00 15.70 ? 128 GLY A O   1 
ATOM   953  N  N   . ASN A 1 129 ? -1.010  -0.081  17.852  1.00 17.43 ? 129 ASN A N   1 
ATOM   954  C  CA  . ASN A 1 129 ? 0.071   -0.622  18.722  1.00 18.95 ? 129 ASN A CA  1 
ATOM   955  C  C   . ASN A 1 129 ? 1.443   -0.152  18.266  1.00 16.39 ? 129 ASN A C   1 
ATOM   956  O  O   . ASN A 1 129 ? 2.417   -0.926  18.395  1.00 15.93 ? 129 ASN A O   1 
ATOM   957  C  CB  . ASN A 1 129 ? 0.105   -2.148  18.812  1.00 22.25 ? 129 ASN A CB  1 
ATOM   958  C  CG  . ASN A 1 129 ? -0.950  -2.711  19.734  1.00 27.29 ? 129 ASN A CG  1 
ATOM   959  O  OD1 . ASN A 1 129 ? -1.299  -2.082  20.735  1.00 27.82 ? 129 ASN A OD1 1 
ATOM   960  N  ND2 . ASN A 1 129 ? -1.464  -3.881  19.385  1.00 29.26 ? 129 ASN A ND2 1 
ATOM   961  N  N   . GLY A 1 130 ? 1.537   1.094   17.827  1.00 14.64 ? 130 GLY A N   1 
ATOM   962  C  CA  . GLY A 1 130 ? 2.834   1.687   17.519  1.00 12.35 ? 130 GLY A CA  1 
ATOM   963  C  C   . GLY A 1 130 ? 3.507   1.181   16.251  1.00 11.34 ? 130 GLY A C   1 
ATOM   964  O  O   . GLY A 1 130 ? 4.636   1.523   16.084  1.00 11.25 ? 130 GLY A O   1 
ATOM   965  N  N   . LEU A 1 131 ? 2.795   0.419   15.419  1.00 12.39 ? 131 LEU A N   1 
ATOM   966  C  CA  . LEU A 1 131 ? 3.335   -0.026  14.132  1.00 11.01 ? 131 LEU A CA  1 
ATOM   967  C  C   . LEU A 1 131 ? 2.530   0.599   12.992  1.00 11.55 ? 131 LEU A C   1 
ATOM   968  O  O   . LEU A 1 131 ? 1.315   0.913   13.151  1.00 13.12 ? 131 LEU A O   1 
ATOM   969  C  CB  . LEU A 1 131 ? 3.303   -1.533  13.976  1.00 12.72 ? 131 LEU A CB  1 
ATOM   970  C  CG  . LEU A 1 131 ? 3.976   -2.355  15.074  1.00 13.34 ? 131 LEU A CG  1 
ATOM   971  C  CD1 . LEU A 1 131 ? 3.992   -3.836  14.667  1.00 15.26 ? 131 LEU A CD1 1 
ATOM   972  C  CD2 . LEU A 1 131 ? 5.361   -1.825  15.370  1.00 14.12 ? 131 LEU A CD2 1 
ATOM   973  N  N   . VAL A 1 132 ? 3.182   0.663   11.838  1.00 11.01 ? 132 VAL A N   1 
ATOM   974  C  CA  . VAL A 1 132 ? 2.496   0.969   10.567  1.00 10.40 ? 132 VAL A CA  1 
ATOM   975  C  C   . VAL A 1 132 ? 2.790   -0.196  9.650   1.00 10.65 ? 132 VAL A C   1 
ATOM   976  O  O   . VAL A 1 132 ? 3.946   -0.657  9.553   1.00 11.21 ? 132 VAL A O   1 
ATOM   977  C  CB  . VAL A 1 132 ? 2.995   2.304   10.016  1.00 11.20 ? 132 VAL A CB  1 
ATOM   978  C  CG1 . VAL A 1 132 ? 4.499   2.447   9.938   1.00 13.03 ? 132 VAL A CG1 1 
ATOM   979  C  CG2 . VAL A 1 132 ? 2.285   2.596   8.679   1.00 11.56 ? 132 VAL A CG2 1 
ATOM   980  N  N   . GLY A 1 133 ? 1.758   -0.723  8.999   1.00 9.53  ? 133 GLY A N   1 
ATOM   981  C  CA  . GLY A 1 133 ? 1.882   -1.807  8.044   1.00 9.25  ? 133 GLY A CA  1 
ATOM   982  C  C   . GLY A 1 133 ? 1.640   -1.299  6.646   1.00 9.40  ? 133 GLY A C   1 
ATOM   983  O  O   . GLY A 1 133 ? 0.744   -0.504  6.438   1.00 10.95 ? 133 GLY A O   1 
ATOM   984  N  N   . PHE A 1 134 ? 2.404   -1.818  5.703   1.00 9.49  ? 134 PHE A N   1 
ATOM   985  C  CA  . PHE A 1 134 ? 2.370   -1.410  4.294   1.00 9.48  ? 134 PHE A CA  1 
ATOM   986  C  C   . PHE A 1 134 ? 2.132   -2.609  3.409   1.00 9.62  ? 134 PHE A C   1 
ATOM   987  O  O   . PHE A 1 134 ? 2.770   -3.671  3.572   1.00 10.44 ? 134 PHE A O   1 
ATOM   988  C  CB  . PHE A 1 134 ? 3.688   -0.790  3.845   1.00 9.89  ? 134 PHE A CB  1 
ATOM   989  C  CG  . PHE A 1 134 ? 4.217   0.293   4.739   1.00 9.66  ? 134 PHE A CG  1 
ATOM   990  C  CD1 . PHE A 1 134 ? 3.774   1.599   4.584   1.00 9.77  ? 134 PHE A CD1 1 
ATOM   991  C  CD2 . PHE A 1 134 ? 5.123   0.003   5.760   1.00 9.76  ? 134 PHE A CD2 1 
ATOM   992  C  CE1 . PHE A 1 134 ? 4.260   2.597   5.401   1.00 9.83  ? 134 PHE A CE1 1 
ATOM   993  C  CE2 . PHE A 1 134 ? 5.624   1.050   6.540   1.00 9.99  ? 134 PHE A CE2 1 
ATOM   994  C  CZ  . PHE A 1 134 ? 5.180   2.340   6.355   1.00 9.89  ? 134 PHE A CZ  1 
ATOM   995  N  N   . ALA A 1 135 ? 1.179   -2.452  2.497   1.00 9.24  ? 135 ALA A N   1 
ATOM   996  C  CA  . ALA A 1 135 ? 0.915   -3.471  1.464   1.00 9.53  ? 135 ALA A CA  1 
ATOM   997  C  C   . ALA A 1 135 ? 1.979   -3.293  0.395   1.00 9.36  ? 135 ALA A C   1 
ATOM   998  O  O   . ALA A 1 135 ? 2.006   -2.276  -0.290  1.00 9.78  ? 135 ALA A O   1 
ATOM   999  C  CB  . ALA A 1 135 ? -0.469  -3.301  0.928   1.00 10.18 ? 135 ALA A CB  1 
ATOM   1000 N  N   . ASP A 1 136 ? 2.803   -4.331  0.179   1.00 9.61  ? 136 ASP A N   1 
ATOM   1001 C  CA  . ASP A 1 136 ? 3.850   -4.292  -0.840  1.00 9.81  ? 136 ASP A CA  1 
ATOM   1002 C  C   . ASP A 1 136 ? 3.214   -4.312  -2.228  1.00 9.42  ? 136 ASP A C   1 
ATOM   1003 O  O   . ASP A 1 136 ? 2.214   -5.010  -2.442  1.00 10.79 ? 136 ASP A O   1 
ATOM   1004 C  CB  . ASP A 1 136 ? 4.769   -5.502  -0.690  1.00 10.94 ? 136 ASP A CB  1 
ATOM   1005 C  CG  . ASP A 1 136 ? 5.934   -5.504  -1.622  1.00 10.81 ? 136 ASP A CG  1 
ATOM   1006 O  OD1 . ASP A 1 136 ? 6.661   -4.514  -1.691  1.00 11.65 ? 136 ASP A OD1 1 
ATOM   1007 O  OD2 . ASP A 1 136 ? 6.073   -6.517  -2.363  1.00 13.66 ? 136 ASP A OD2 1 
ATOM   1008 N  N   . VAL A 1 137 ? 3.851   -3.650  -3.164  1.00 9.67  ? 137 VAL A N   1 
ATOM   1009 C  CA  . VAL A 1 137 ? 3.491   -3.767  -4.607  1.00 10.81 ? 137 VAL A CA  1 
ATOM   1010 C  C   . VAL A 1 137 ? 4.715   -4.137  -5.461  1.00 11.28 ? 137 VAL A C   1 
ATOM   1011 O  O   . VAL A 1 137 ? 4.561   -4.221  -6.662  1.00 11.75 ? 137 VAL A O   1 
ATOM   1012 C  CB  . VAL A 1 137 ? 2.859   -2.453  -5.119  1.00 11.38 ? 137 VAL A CB  1 
ATOM   1013 C  CG1 . VAL A 1 137 ? 1.550   -2.169  -4.376  1.00 11.38 ? 137 VAL A CG1 1 
ATOM   1014 C  CG2 . VAL A 1 137 ? 3.798   -1.280  -5.063  1.00 11.48 ? 137 VAL A CG2 1 
ATOM   1015 N  N   . ARG A 1 138 ? 5.899   -4.288  -4.874  1.00 11.26 ? 138 ARG A N   1 
ATOM   1016 C  CA  . ARG A 1 138 ? 7.115   -4.491  -5.706  1.00 11.24 ? 138 ARG A CA  1 
ATOM   1017 C  C   . ARG A 1 138 ? 7.123   -5.850  -6.391  1.00 11.23 ? 138 ARG A C   1 
ATOM   1018 O  O   . ARG A 1 138 ? 7.879   -5.967  -7.358  1.00 12.64 ? 138 ARG A O   1 
ATOM   1019 C  CB  . ARG A 1 138 ? 8.342   -4.390  -4.802  1.00 10.69 ? 138 ARG A CB  1 
ATOM   1020 C  CG  . ARG A 1 138 ? 8.537   -3.017  -4.170  1.00 10.39 ? 138 ARG A CG  1 
ATOM   1021 C  CD  . ARG A 1 138 ? 9.726   -3.081  -3.247  1.00 10.32 ? 138 ARG A CD  1 
ATOM   1022 N  NE  . ARG A 1 138 ? 9.436   -3.861  -2.087  1.00 10.31 ? 138 ARG A NE  1 
ATOM   1023 C  CZ  . ARG A 1 138 ? 10.226  -4.009  -1.053  1.00 9.74  ? 138 ARG A CZ  1 
ATOM   1024 N  NH1 . ARG A 1 138 ? 11.474  -3.577  -1.117  1.00 10.20 ? 138 ARG A NH1 1 
ATOM   1025 N  NH2 . ARG A 1 138 ? 9.748   -4.610  0.022   1.00 10.71 ? 138 ARG A NH2 1 
ATOM   1026 N  N   . ASP A 1 139 ? 6.323   -6.791  -5.949  1.00 10.60 ? 139 ASP A N   1 
ATOM   1027 C  CA  . ASP A 1 139 ? 6.222   -8.081  -6.677  1.00 11.81 ? 139 ASP A CA  1 
ATOM   1028 C  C   . ASP A 1 139 ? 5.237   -8.003  -7.837  1.00 13.47 ? 139 ASP A C   1 
ATOM   1029 O  O   . ASP A 1 139 ? 5.203   -8.996  -8.593  1.00 15.67 ? 139 ASP A O   1 
ATOM   1030 C  CB  . ASP A 1 139 ? 5.811   -9.193  -5.733  1.00 13.45 ? 139 ASP A CB  1 
ATOM   1031 C  CG  . ASP A 1 139 ? 4.418   -9.024  -5.170  1.00 14.36 ? 139 ASP A CG  1 
ATOM   1032 O  OD1 . ASP A 1 139 ? 4.036   -7.867  -4.854  1.00 13.64 ? 139 ASP A OD1 1 
ATOM   1033 O  OD2 . ASP A 1 139 ? 3.699   -10.032 -5.003  1.00 16.75 ? 139 ASP A OD2 1 
ATOM   1034 N  N   . LEU A 1 140 ? 4.496   -6.920  -8.013  1.00 12.21 ? 140 LEU A N   1 
ATOM   1035 C  CA  . LEU A 1 140 ? 3.454   -6.863  -9.056  1.00 12.63 ? 140 LEU A CA  1 
ATOM   1036 C  C   . LEU A 1 140 ? 4.123   -6.291  -10.290 1.00 12.19 ? 140 LEU A C   1 
ATOM   1037 O  O   . LEU A 1 140 ? 3.960   -5.137  -10.682 1.00 13.39 ? 140 LEU A O   1 
ATOM   1038 C  CB  . LEU A 1 140 ? 2.288   -6.014  -8.534  1.00 12.41 ? 140 LEU A CB  1 
ATOM   1039 C  CG  . LEU A 1 140 ? 1.624   -6.509  -7.252  1.00 14.13 ? 140 LEU A CG  1 
ATOM   1040 C  CD1 . LEU A 1 140 ? 0.537   -5.527  -6.822  1.00 13.89 ? 140 LEU A CD1 1 
ATOM   1041 C  CD2 . LEU A 1 140 ? 1.069   -7.916  -7.401  1.00 14.34 ? 140 LEU A CD2 1 
ATOM   1042 N  N   . LEU A 1 141 ? 4.896   -7.160  -10.984 1.00 12.48 ? 141 LEU A N   1 
ATOM   1043 C  CA  . LEU A 1 141 ? 5.733   -6.681  -12.099 1.00 13.93 ? 141 LEU A CA  1 
ATOM   1044 C  C   . LEU A 1 141 ? 4.909   -6.197  -13.286 1.00 14.45 ? 141 LEU A C   1 
ATOM   1045 O  O   . LEU A 1 141 ? 5.357   -5.342  -14.010 1.00 16.81 ? 141 LEU A O   1 
ATOM   1046 C  CB  . LEU A 1 141 ? 6.688   -7.777  -12.582 1.00 14.69 ? 141 LEU A CB  1 
ATOM   1047 C  CG  . LEU A 1 141 ? 7.548   -8.416  -11.509 1.00 16.80 ? 141 LEU A CG  1 
ATOM   1048 C  CD1 . LEU A 1 141 ? 8.598   -9.275  -12.185 1.00 19.03 ? 141 LEU A CD1 1 
ATOM   1049 C  CD2 . LEU A 1 141 ? 8.273   -7.455  -10.589 1.00 16.32 ? 141 LEU A CD2 1 
ATOM   1050 N  N   . TRP A 1 142 ? 3.693   -6.745  -13.429 1.00 14.61 ? 142 TRP A N   1 
ATOM   1051 C  CA  . TRP A 1 142 ? 2.778   -6.388  -14.534 1.00 16.35 ? 142 TRP A CA  1 
ATOM   1052 C  C   . TRP A 1 142 ? 2.357   -4.918  -14.435 1.00 16.08 ? 142 TRP A C   1 
ATOM   1053 O  O   . TRP A 1 142 ? 1.847   -4.367  -15.435 1.00 17.93 ? 142 TRP A O   1 
ATOM   1054 C  CB  . TRP A 1 142 ? 1.613   -7.376  -14.529 1.00 14.62 ? 142 TRP A CB  1 
ATOM   1055 C  CG  . TRP A 1 142 ? 0.842   -7.471  -13.236 1.00 14.33 ? 142 TRP A CG  1 
ATOM   1056 C  CD1 . TRP A 1 142 ? 0.960   -8.437  -12.277 1.00 15.86 ? 142 TRP A CD1 1 
ATOM   1057 C  CD2 . TRP A 1 142 ? -0.162  -6.544  -12.778 1.00 15.56 ? 142 TRP A CD2 1 
ATOM   1058 N  NE1 . TRP A 1 142 ? 0.079   -8.196  -11.257 1.00 16.39 ? 142 TRP A NE1 1 
ATOM   1059 C  CE2 . TRP A 1 142 ? -0.640  -7.079  -11.564 1.00 15.31 ? 142 TRP A CE2 1 
ATOM   1060 C  CE3 . TRP A 1 142 ? -0.825  -5.457  -13.366 1.00 16.05 ? 142 TRP A CE3 1 
ATOM   1061 C  CZ2 . TRP A 1 142 ? -1.673  -6.457  -10.863 1.00 15.42 ? 142 TRP A CZ2 1 
ATOM   1062 C  CZ3 . TRP A 1 142 ? -1.811  -4.802  -12.636 1.00 17.03 ? 142 TRP A CZ3 1 
ATOM   1063 C  CH2 . TRP A 1 142 ? -2.227  -5.325  -11.416 1.00 15.85 ? 142 TRP A CH2 1 
ATOM   1064 N  N   . LEU A 1 143 ? 2.517   -4.232  -13.295 1.00 15.81 ? 143 LEU A N   1 
ATOM   1065 C  CA  . LEU A 1 143 ? 2.113   -2.806  -13.176 1.00 16.02 ? 143 LEU A CA  1 
ATOM   1066 C  C   . LEU A 1 143 ? 2.966   -1.952  -14.133 1.00 19.75 ? 143 LEU A C   1 
ATOM   1067 O  O   . LEU A 1 143 ? 2.547   -0.817  -14.446 1.00 20.84 ? 143 LEU A O   1 
ATOM   1068 C  CB  . LEU A 1 143 ? 2.354   -2.321  -11.748 1.00 15.19 ? 143 LEU A CB  1 
ATOM   1069 C  CG  . LEU A 1 143 ? 1.344   -2.748  -10.689 1.00 13.60 ? 143 LEU A CG  1 
ATOM   1070 C  CD1 . LEU A 1 143 ? 1.792   -2.308  -9.325  1.00 15.11 ? 143 LEU A CD1 1 
ATOM   1071 C  CD2 . LEU A 1 143 ? -0.041  -2.170  -10.959 1.00 15.53 ? 143 LEU A CD2 1 
ATOM   1072 N  N   . ASP A 1 144 ? 4.140   -2.461  -14.546 1.00 20.17 ? 144 ASP A N   1 
ATOM   1073 C  CA  . ASP A 1 144 ? 5.148   -1.656  -15.292 1.00 23.85 ? 144 ASP A CA  1 
ATOM   1074 C  C   . ASP A 1 144 ? 4.908   -1.695  -16.790 1.00 27.64 ? 144 ASP A C   1 
ATOM   1075 O  O   . ASP A 1 144 ? 5.616   -0.915  -17.481 1.00 29.65 ? 144 ASP A O   1 
ATOM   1076 C  CB  . ASP A 1 144 ? 6.584   -2.141  -15.082 1.00 24.54 ? 144 ASP A CB  1 
ATOM   1077 C  CG  . ASP A 1 144 ? 7.139   -1.929  -13.692 1.00 21.62 ? 144 ASP A CG  1 
ATOM   1078 O  OD1 . ASP A 1 144 ? 6.484   -1.227  -12.880 1.00 25.51 ? 144 ASP A OD1 1 
ATOM   1079 O  OD2 . ASP A 1 144 ? 8.139   -2.621  -13.356 1.00 27.27 ? 144 ASP A OD2 1 
ATOM   1080 N  N   . GLU A 1 145 ? 3.954   -2.496  -17.257 1.00 31.91 ? 145 GLU A N   1 
ATOM   1081 C  CA  . GLU A 1 145 ? 3.609   -2.587  -18.703 1.00 39.82 ? 145 GLU A CA  1 
ATOM   1082 C  C   . GLU A 1 145 ? 2.090   -2.597  -18.944 1.00 41.43 ? 145 GLU A C   1 
ATOM   1083 O  O   . GLU A 1 145 ? 1.317   -2.776  -17.978 1.00 35.14 ? 145 GLU A O   1 
ATOM   1084 C  CB  . GLU A 1 145 ? 4.196   -3.878  -19.254 1.00 42.16 ? 145 GLU A CB  1 
ATOM   1085 C  CG  . GLU A 1 145 ? 3.491   -5.114  -18.711 1.00 47.09 ? 145 GLU A CG  1 
ATOM   1086 C  CD  . GLU A 1 145 ? 4.405   -6.210  -18.194 1.00 54.10 ? 145 GLU A CD  1 
ATOM   1087 O  OE1 . GLU A 1 145 ? 3.882   -7.276  -17.780 1.00 58.95 ? 145 GLU A OE1 1 
ATOM   1088 O  OE2 . GLU A 1 145 ? 5.629   -5.995  -18.194 1.00 62.74 ? 145 GLU A OE2 1 
ATOM   1089 N  N   . GLU A 1 146 ? 1.697   -2.429  -20.209 1.00 49.51 ? 146 GLU A N   1 
ATOM   1090 C  CA  . GLU A 1 146 ? 0.385   -2.874  -20.760 1.00 57.40 ? 146 GLU A CA  1 
ATOM   1091 C  C   . GLU A 1 146 ? -0.751  -2.130  -20.046 1.00 64.33 ? 146 GLU A C   1 
ATOM   1092 O  O   . GLU A 1 146 ? -1.889  -2.040  -20.521 1.00 69.32 ? 146 GLU A O   1 
ATOM   1093 C  CB  . GLU A 1 146 ? 0.310   -4.400  -20.638 1.00 54.83 ? 146 GLU A CB  1 
ATOM   1094 C  CG  . GLU A 1 146 ? -1.017  -4.944  -20.137 1.00 59.85 ? 146 GLU A CG  1 
ATOM   1095 C  CD  . GLU A 1 146 ? -2.080  -5.213  -21.189 1.00 65.77 ? 146 GLU A CD  1 
ATOM   1096 O  OE1 . GLU A 1 146 ? -3.202  -5.604  -20.796 1.00 62.28 ? 146 GLU A OE1 1 
ATOM   1097 O  OE2 . GLU A 1 146 ? -1.790  -5.044  -22.396 1.00 66.00 ? 146 GLU A OE2 1 
HETATM 1098 N  N1  . LJ6 B 2 .   ? 3.209   -12.707 1.949   0.50 20.00 ? 201 LJ6 A N1  1 
HETATM 1099 C  C4  . LJ6 B 2 .   ? 4.102   -14.110 0.630   0.50 20.00 ? 201 LJ6 A C4  1 
HETATM 1100 C  C5  . LJ6 B 2 .   ? 3.129   -13.923 1.538   0.50 20.00 ? 201 LJ6 A C5  1 
HETATM 1101 C  C6  . LJ6 B 2 .   ? 2.035   -14.861 1.935   0.50 20.00 ? 201 LJ6 A C6  1 
HETATM 1102 C  C7  . LJ6 B 2 .   ? 4.807   -12.952 0.590   0.50 20.00 ? 201 LJ6 A C7  1 
HETATM 1103 C  C8  . LJ6 B 2 .   ? 6.041   -12.497 -0.079  0.50 20.00 ? 201 LJ6 A C8  1 
HETATM 1104 C  C10 . LJ6 B 2 .   ? 6.717   -15.353 2.789   0.50 20.00 ? 201 LJ6 A C10 1 
HETATM 1105 C  C1  . LJ6 B 2 .   ? 6.367   -15.060 -1.282  0.50 20.00 ? 201 LJ6 A C1  1 
HETATM 1106 C  C2  . LJ6 B 2 .   ? 5.323   -15.875 -0.508  0.50 20.00 ? 201 LJ6 A C2  1 
HETATM 1107 C  C3  . LJ6 B 2 .   ? 4.039   -15.160 -0.411  0.50 20.00 ? 201 LJ6 A C3  1 
HETATM 1108 O  O1  . LJ6 B 2 .   ? 4.263   -12.123 1.289   0.50 20.00 ? 201 LJ6 A O1  1 
HETATM 1109 C  C9  . LJ6 B 2 .   ? 5.714   -16.244 0.889   0.50 20.00 ? 201 LJ6 A C9  1 
HETATM 1110 O  O2  . LJ6 B 2 .   ? 5.001   -16.909 1.542   0.50 20.00 ? 201 LJ6 A O2  1 
HETATM 1111 N  N2  . LJ6 B 2 .   ? 6.822   -15.778 1.402   0.50 20.00 ? 201 LJ6 A N2  1 
HETATM 1112 C  C11 . LJ6 B 2 .   ? 8.118   -15.828 0.791   0.50 20.00 ? 201 LJ6 A C11 1 
HETATM 1113 ZN ZN  . ZN  C 3 .   ? 14.423  0.017   -3.131  1.00 11.32 ? 202 ZN  A ZN  1 
HETATM 1114 S  S   . DMS D 4 .   ? 11.562  7.084   -8.663  1.00 30.90 ? 203 DMS A S   1 
HETATM 1115 O  O   . DMS D 4 .   ? 11.751  8.280   -9.625  1.00 40.44 ? 203 DMS A O   1 
HETATM 1116 C  C1  . DMS D 4 .   ? 12.972  7.168   -7.555  1.00 26.46 ? 203 DMS A C1  1 
HETATM 1117 C  C2  . DMS D 4 .   ? 10.336  7.665   -7.576  1.00 26.23 ? 203 DMS A C2  1 
HETATM 1118 S  S   . DMS E 4 .   ? -7.511  -13.158 -2.132  1.00 31.16 ? 204 DMS A S   1 
HETATM 1119 O  O   . DMS E 4 .   ? -7.794  -12.714 -0.723  1.00 24.43 ? 204 DMS A O   1 
HETATM 1120 C  C1  . DMS E 4 .   ? -6.188  -14.357 -1.983  1.00 30.10 ? 204 DMS A C1  1 
HETATM 1121 C  C2  . DMS E 4 .   ? -8.828  -14.301 -2.571  1.00 28.79 ? 204 DMS A C2  1 
HETATM 1122 S  S   . DMS F 4 .   ? 0.404   14.264  0.252   1.00 74.50 ? 205 DMS A S   1 
HETATM 1123 O  O   . DMS F 4 .   ? 0.348   15.638  0.870   1.00 64.81 ? 205 DMS A O   1 
HETATM 1124 C  C1  . DMS F 4 .   ? 0.708   14.510  -1.491  1.00 74.42 ? 205 DMS A C1  1 
HETATM 1125 C  C2  . DMS F 4 .   ? 1.993   13.622  0.678   1.00 69.13 ? 205 DMS A C2  1 
HETATM 1126 S  S   . DMS G 4 .   ? 8.767   5.900   16.021  1.00 41.05 ? 206 DMS A S   1 
HETATM 1127 O  O   . DMS G 4 .   ? 7.319   5.692   16.358  1.00 39.42 ? 206 DMS A O   1 
HETATM 1128 C  C1  . DMS G 4 .   ? 8.905   7.569   15.432  1.00 41.15 ? 206 DMS A C1  1 
HETATM 1129 C  C2  . DMS G 4 .   ? 9.624   6.113   17.567  1.00 41.26 ? 206 DMS A C2  1 
HETATM 1130 S  S   . DMS H 4 .   ? -15.095 -3.929  9.241   1.00 28.14 ? 207 DMS A S   1 
HETATM 1131 O  O   . DMS H 4 .   ? -15.759 -4.682  8.094   1.00 36.45 ? 207 DMS A O   1 
HETATM 1132 C  C1  . DMS H 4 .   ? -16.484 -3.617  10.308  1.00 31.25 ? 207 DMS A C1  1 
HETATM 1133 C  C2  . DMS H 4 .   ? -14.385 -5.200  10.183  1.00 27.11 ? 207 DMS A C2  1 
HETATM 1134 S  S   . SO4 I 5 .   ? -4.888  -16.476 15.620  1.00 52.56 ? 208 SO4 A S   1 
HETATM 1135 O  O1  . SO4 I 5 .   ? -4.314  -17.417 14.697  1.00 50.58 ? 208 SO4 A O1  1 
HETATM 1136 O  O2  . SO4 I 5 .   ? -4.031  -15.328 15.734  1.00 49.69 ? 208 SO4 A O2  1 
HETATM 1137 O  O3  . SO4 I 5 .   ? -5.032  -17.101 16.907  1.00 52.92 ? 208 SO4 A O3  1 
HETATM 1138 O  O4  . SO4 I 5 .   ? -6.181  -16.062 15.146  1.00 53.60 ? 208 SO4 A O4  1 
HETATM 1139 O  O   . HOH J 6 .   ? -7.002  9.538   11.976  1.00 28.81 ? 301 HOH A O   1 
HETATM 1140 O  O   . HOH J 6 .   ? -1.321  -18.508 13.659  1.00 43.14 ? 302 HOH A O   1 
HETATM 1141 O  O   . HOH J 6 .   ? -6.262  6.406   -21.680 1.00 51.87 ? 303 HOH A O   1 
HETATM 1142 O  O   . HOH J 6 .   ? 0.385   16.954  4.640   1.00 38.83 ? 304 HOH A O   1 
HETATM 1143 O  O   . HOH J 6 .   ? -2.417  -3.518  14.186  1.00 14.61 ? 305 HOH A O   1 
HETATM 1144 O  O   . HOH J 6 .   ? 3.618   5.589   -18.084 1.00 34.30 ? 306 HOH A O   1 
HETATM 1145 O  O   . HOH J 6 .   ? -2.688  -5.546  -16.680 1.00 44.28 ? 307 HOH A O   1 
HETATM 1146 O  O   . HOH J 6 .   ? 3.139   9.323   -20.613 1.00 37.85 ? 308 HOH A O   1 
HETATM 1147 O  O   . HOH J 6 .   ? -2.404  -0.287  -18.798 1.00 37.03 ? 309 HOH A O   1 
HETATM 1148 O  O   . HOH J 6 .   ? -2.669  14.721  4.120   1.00 21.48 ? 310 HOH A O   1 
HETATM 1149 O  O   . HOH J 6 .   ? -12.238 -8.183  2.198   1.00 28.75 ? 311 HOH A O   1 
HETATM 1150 O  O   . HOH J 6 .   ? 1.794   10.324  -10.197 1.00 18.59 ? 312 HOH A O   1 
HETATM 1151 O  O   . HOH J 6 .   ? 3.453   7.964   -16.931 1.00 34.82 ? 313 HOH A O   1 
HETATM 1152 O  O   . HOH J 6 .   ? -5.647  9.962   -5.568  1.00 32.71 ? 314 HOH A O   1 
HETATM 1153 O  O   . HOH J 6 .   ? -10.412 5.459   -2.807  1.00 31.26 ? 315 HOH A O   1 
HETATM 1154 O  O   . HOH J 6 .   ? -15.872 -0.437  12.209  1.00 44.03 ? 316 HOH A O   1 
HETATM 1155 O  O   . HOH J 6 .   ? -10.868 -10.947 -8.607  1.00 23.43 ? 317 HOH A O   1 
HETATM 1156 O  O   . HOH J 6 .   ? -7.220  -13.389 6.024   1.00 39.69 ? 318 HOH A O   1 
HETATM 1157 O  O   . HOH J 6 .   ? -12.091 5.977   -1.412  1.00 30.40 ? 319 HOH A O   1 
HETATM 1158 O  O   . HOH J 6 .   ? 0.336   8.776   -6.204  1.00 22.41 ? 320 HOH A O   1 
HETATM 1159 O  O   . HOH J 6 .   ? -11.466 5.146   -10.139 1.00 26.55 ? 321 HOH A O   1 
HETATM 1160 O  O   . HOH J 6 .   ? -14.587 0.512   -0.576  1.00 31.35 ? 322 HOH A O   1 
HETATM 1161 O  O   . HOH J 6 .   ? 11.967  -7.739  0.192   1.00 18.89 ? 323 HOH A O   1 
HETATM 1162 O  O   . HOH J 6 .   ? 17.639  -5.319  1.788   1.00 43.99 ? 324 HOH A O   1 
HETATM 1163 O  O   . HOH J 6 .   ? 6.015   13.805  14.601  1.00 23.35 ? 325 HOH A O   1 
HETATM 1164 O  O   . HOH J 6 .   ? 4.041   5.999   -14.145 1.00 20.61 ? 326 HOH A O   1 
HETATM 1165 O  O   . HOH J 6 .   ? 13.613  3.205   -10.162 1.00 27.89 ? 327 HOH A O   1 
HETATM 1166 O  O   . HOH J 6 .   ? 3.390   19.029  8.911   1.00 36.86 ? 328 HOH A O   1 
HETATM 1167 O  O   . HOH J 6 .   ? 6.562   -8.489  7.404   1.00 15.49 ? 329 HOH A O   1 
HETATM 1168 O  O   . HOH J 6 .   ? -6.231  3.716   -0.776  1.00 13.39 ? 330 HOH A O   1 
HETATM 1169 O  O   . HOH J 6 .   ? -9.377  4.041   -12.106 1.00 30.16 ? 331 HOH A O   1 
HETATM 1170 O  O   . HOH J 6 .   ? -16.752 0.642   -3.356  1.00 21.61 ? 332 HOH A O   1 
HETATM 1171 O  O   . HOH J 6 .   ? 10.506  7.271   11.883  1.00 25.37 ? 333 HOH A O   1 
HETATM 1172 O  O   . HOH J 6 .   ? -0.246  1.048   -17.854 1.00 34.91 ? 334 HOH A O   1 
HETATM 1173 O  O   . HOH J 6 .   ? -8.392  -7.728  17.350  1.00 19.22 ? 335 HOH A O   1 
HETATM 1174 O  O   . HOH J 6 .   ? -10.066 -11.053 -3.102  1.00 20.63 ? 336 HOH A O   1 
HETATM 1175 O  O   . HOH J 6 .   ? -8.884  3.292   5.866   1.00 17.38 ? 337 HOH A O   1 
HETATM 1176 O  O   . HOH J 6 .   ? 10.632  4.222   13.413  1.00 20.66 ? 338 HOH A O   1 
HETATM 1177 O  O   . HOH J 6 .   ? 5.284   -9.037  -1.797  1.00 17.34 ? 339 HOH A O   1 
HETATM 1178 O  O   . HOH J 6 .   ? 10.402  -2.242  -14.785 1.00 26.82 ? 340 HOH A O   1 
HETATM 1179 O  O   . HOH J 6 .   ? -3.734  15.119  6.666   1.00 24.71 ? 341 HOH A O   1 
HETATM 1180 O  O   . HOH J 6 .   ? -13.509 -4.586  12.819  1.00 32.61 ? 342 HOH A O   1 
HETATM 1181 O  O   . HOH J 6 .   ? 8.135   8.424   -11.156 1.00 20.78 ? 343 HOH A O   1 
HETATM 1182 O  O   . HOH J 6 .   ? 2.711   -9.691  -17.344 1.00 44.12 ? 344 HOH A O   1 
HETATM 1183 O  O   . HOH J 6 .   ? 0.046   -9.154  15.242  1.00 19.37 ? 345 HOH A O   1 
HETATM 1184 O  O   . HOH J 6 .   ? -12.756 6.511   -8.152  1.00 26.85 ? 346 HOH A O   1 
HETATM 1185 O  O   . HOH J 6 .   ? -19.707 -1.227  -7.295  1.00 19.04 ? 347 HOH A O   1 
HETATM 1186 O  O   . HOH J 6 .   ? -0.975  8.486   5.182   1.00 11.28 ? 348 HOH A O   1 
HETATM 1187 O  O   . HOH J 6 .   ? 5.251   -12.156 -4.276  1.00 27.00 ? 349 HOH A O   1 
HETATM 1188 O  O   . HOH J 6 .   ? -8.149  -4.188  17.750  1.00 37.07 ? 350 HOH A O   1 
HETATM 1189 O  O   . HOH J 6 .   ? 8.519   -7.603  -2.919  1.00 13.42 ? 351 HOH A O   1 
HETATM 1190 O  O   . HOH J 6 .   ? -3.273  8.322   -13.701 1.00 20.74 ? 352 HOH A O   1 
HETATM 1191 O  O   . HOH J 6 .   ? -13.948 -2.507  4.898   1.00 19.55 ? 353 HOH A O   1 
HETATM 1192 O  O   . HOH J 6 .   ? -15.221 -4.226  -13.683 1.00 21.54 ? 354 HOH A O   1 
HETATM 1193 O  O   . HOH J 6 .   ? 10.815  0.423   12.127  1.00 11.44 ? 355 HOH A O   1 
HETATM 1194 O  O   . HOH J 6 .   ? -2.599  -13.339 -1.782  1.00 45.24 ? 356 HOH A O   1 
HETATM 1195 O  O   . HOH J 6 .   ? 16.832  -10.435 -2.926  1.00 28.13 ? 357 HOH A O   1 
HETATM 1196 O  O   . HOH J 6 .   ? -13.546 0.709   4.251   1.00 39.15 ? 358 HOH A O   1 
HETATM 1197 O  O   . HOH J 6 .   ? 11.093  -7.150  -2.329  1.00 14.78 ? 359 HOH A O   1 
HETATM 1198 O  O   . HOH J 6 .   ? -1.162  -8.728  17.742  1.00 17.84 ? 360 HOH A O   1 
HETATM 1199 O  O   . HOH J 6 .   ? 9.635   -11.797 2.094   1.00 29.52 ? 361 HOH A O   1 
HETATM 1200 O  O   . HOH J 6 .   ? 0.483   3.028   14.716  1.00 16.24 ? 362 HOH A O   1 
HETATM 1201 O  O   . HOH J 6 .   ? -2.242  9.583   2.895   1.00 16.43 ? 363 HOH A O   1 
HETATM 1202 O  O   . HOH J 6 .   ? 1.395   5.524   17.208  1.00 29.97 ? 364 HOH A O   1 
HETATM 1203 O  O   . HOH J 6 .   ? 0.083   -3.140  14.661  1.00 17.50 ? 365 HOH A O   1 
HETATM 1204 O  O   . HOH J 6 .   ? -5.058  0.015   -17.625 1.00 31.43 ? 366 HOH A O   1 
HETATM 1205 O  O   . HOH J 6 .   ? -11.361 -12.597 10.344  1.00 25.04 ? 367 HOH A O   1 
HETATM 1206 O  O   . HOH J 6 .   ? -0.729  -6.274  2.162   1.00 15.83 ? 368 HOH A O   1 
HETATM 1207 O  O   . HOH J 6 .   ? 7.071   1.456   -12.498 1.00 18.07 ? 369 HOH A O   1 
HETATM 1208 O  O   . HOH J 6 .   ? 16.129  7.847   -5.826  1.00 24.75 ? 370 HOH A O   1 
HETATM 1209 O  O   . HOH J 6 .   ? -5.531  -3.788  6.662   1.00 15.64 ? 371 HOH A O   1 
HETATM 1210 O  O   . HOH J 6 .   ? 11.529  6.554   -12.551 1.00 36.54 ? 372 HOH A O   1 
HETATM 1211 O  O   . HOH J 6 .   ? 17.058  -3.306  -7.769  1.00 22.39 ? 373 HOH A O   1 
HETATM 1212 O  O   . HOH J 6 .   ? 11.602  -5.571  1.869   1.00 15.14 ? 374 HOH A O   1 
HETATM 1213 O  O   . HOH J 6 .   ? 0.127   -6.760  12.891  1.00 16.30 ? 375 HOH A O   1 
HETATM 1214 O  O   . HOH J 6 .   ? 5.528   3.736   17.541  1.00 16.52 ? 376 HOH A O   1 
HETATM 1215 O  O   . HOH J 6 .   ? 3.326   -3.570  18.310  1.00 18.14 ? 377 HOH A O   1 
HETATM 1216 O  O   . HOH J 6 .   ? -1.542  10.580  -19.949 1.00 24.76 ? 378 HOH A O   1 
HETATM 1217 O  O   . HOH J 6 .   ? 6.210   9.503   -6.786  1.00 30.54 ? 379 HOH A O   1 
HETATM 1218 O  O   . HOH J 6 .   ? -4.786  -3.508  13.440  1.00 18.17 ? 380 HOH A O   1 
HETATM 1219 O  O   . HOH J 6 .   ? -14.132 -2.172  -1.809  1.00 22.89 ? 381 HOH A O   1 
HETATM 1220 O  O   . HOH J 6 .   ? -14.993 -3.496  -16.352 1.00 26.26 ? 382 HOH A O   1 
HETATM 1221 O  O   . HOH J 6 .   ? 2.095   0.071   -17.070 1.00 40.83 ? 383 HOH A O   1 
HETATM 1222 O  O   . HOH J 6 .   ? -7.382  -7.775  -15.674 1.00 33.86 ? 384 HOH A O   1 
HETATM 1223 O  O   . HOH J 6 .   ? 10.639  -6.246  -6.916  1.00 12.38 ? 385 HOH A O   1 
HETATM 1224 O  O   . HOH J 6 .   ? -0.751  8.079   -2.059  1.00 19.64 ? 386 HOH A O   1 
HETATM 1225 O  O   . HOH J 6 .   ? 2.867   -11.470 -7.278  1.00 24.67 ? 387 HOH A O   1 
HETATM 1226 O  O   . HOH J 6 .   ? -9.100  0.972   13.818  1.00 27.02 ? 388 HOH A O   1 
HETATM 1227 O  O   . HOH J 6 .   ? 17.505  -4.619  -3.918  1.00 17.45 ? 389 HOH A O   1 
HETATM 1228 O  O   . HOH J 6 .   ? 14.085  6.042   11.201  1.00 36.73 ? 390 HOH A O   1 
HETATM 1229 O  O   . HOH J 6 .   ? -1.867  6.054   -13.281 1.00 20.87 ? 391 HOH A O   1 
HETATM 1230 O  O   . HOH J 6 .   ? -10.641 -12.058 2.892   1.00 27.94 ? 392 HOH A O   1 
HETATM 1231 O  O   . HOH J 6 .   ? -2.818  3.978   15.817  1.00 32.57 ? 393 HOH A O   1 
HETATM 1232 O  O   . HOH J 6 .   ? 6.423   8.816   0.966   1.00 18.18 ? 394 HOH A O   1 
HETATM 1233 O  O   . HOH J 6 .   ? 13.027  7.901   -2.335  1.00 24.71 ? 395 HOH A O   1 
HETATM 1234 O  O   . HOH J 6 .   ? 0.322   -6.295  -0.765  1.00 11.99 ? 396 HOH A O   1 
HETATM 1235 O  O   . HOH J 6 .   ? -8.387  9.147   -9.053  1.00 35.04 ? 397 HOH A O   1 
HETATM 1236 O  O   . HOH J 6 .   ? -0.623  -10.337 -9.533  1.00 29.26 ? 398 HOH A O   1 
HETATM 1237 O  O   . HOH J 6 .   ? 17.549  -1.766  2.727   1.00 23.77 ? 399 HOH A O   1 
HETATM 1238 O  O   . HOH J 6 .   ? -11.577 -4.917  1.015   1.00 18.00 ? 400 HOH A O   1 
HETATM 1239 O  O   . HOH J 6 .   ? 4.062   10.421  -4.851  1.00 27.48 ? 401 HOH A O   1 
HETATM 1240 O  O   . HOH J 6 .   ? 7.572   15.579  6.315   1.00 22.67 ? 402 HOH A O   1 
HETATM 1241 O  O   . HOH J 6 .   ? -8.685  7.642   10.739  1.00 19.06 ? 403 HOH A O   1 
HETATM 1242 O  O   . HOH J 6 .   ? -2.860  10.598  17.092  1.00 17.19 ? 404 HOH A O   1 
HETATM 1243 O  O   . HOH J 6 .   ? -6.056  11.112  -1.074  1.00 39.89 ? 405 HOH A O   1 
HETATM 1244 O  O   . HOH J 6 .   ? 12.290  -9.081  7.057   1.00 18.41 ? 406 HOH A O   1 
HETATM 1245 O  O   . HOH J 6 .   ? -17.147 0.347   -16.622 1.00 26.49 ? 407 HOH A O   1 
HETATM 1246 O  O   . HOH J 6 .   ? -8.952  7.601   4.179   1.00 22.61 ? 408 HOH A O   1 
HETATM 1247 O  O   . HOH J 6 .   ? -3.291  1.173   19.046  1.00 32.73 ? 409 HOH A O   1 
HETATM 1248 O  O   . HOH J 6 .   ? -7.258  -6.177  10.538  1.00 14.93 ? 410 HOH A O   1 
HETATM 1249 O  O   . HOH J 6 .   ? -17.176 5.740   -8.002  1.00 20.50 ? 411 HOH A O   1 
HETATM 1250 O  O   . HOH J 6 .   ? 10.314  12.976  9.824   1.00 22.74 ? 412 HOH A O   1 
HETATM 1251 O  O   . HOH J 6 .   ? -7.062  9.327   -15.413 1.00 27.73 ? 413 HOH A O   1 
HETATM 1252 O  O   . HOH J 6 .   ? -6.042  -6.904  8.137   1.00 22.95 ? 414 HOH A O   1 
HETATM 1253 O  O   . HOH J 6 .   ? -13.484 -10.378 -4.362  1.00 20.73 ? 415 HOH A O   1 
HETATM 1254 O  O   . HOH J 6 .   ? 7.856   7.236   -8.125  1.00 25.15 ? 416 HOH A O   1 
HETATM 1255 O  O   . HOH J 6 .   ? -5.413  10.609  4.130   1.00 27.21 ? 417 HOH A O   1 
HETATM 1256 O  O   . HOH J 6 .   ? -5.415  11.687  15.575  1.00 16.11 ? 418 HOH A O   1 
HETATM 1257 O  O   . HOH J 6 .   ? -0.573  -4.067  12.030  1.00 18.69 ? 419 HOH A O   1 
HETATM 1258 O  O   . HOH J 6 .   ? 3.723   10.676  16.160  1.00 28.42 ? 420 HOH A O   1 
HETATM 1259 O  O   . HOH J 6 .   ? -6.679  -3.561  9.341   1.00 16.40 ? 421 HOH A O   1 
HETATM 1260 O  O   . HOH J 6 .   ? 10.141  8.206   -4.778  1.00 36.63 ? 422 HOH A O   1 
HETATM 1261 O  O   . HOH J 6 .   ? -0.919  -5.902  17.380  1.00 19.29 ? 423 HOH A O   1 
HETATM 1262 O  O   . HOH J 6 .   ? -7.400  -14.605 8.515   1.00 25.98 ? 424 HOH A O   1 
HETATM 1263 O  O   . HOH J 6 .   ? -0.681  -12.075 -4.700  1.00 27.34 ? 425 HOH A O   1 
HETATM 1264 O  O   . HOH J 6 .   ? 15.304  -9.262  6.725   1.00 34.54 ? 426 HOH A O   1 
HETATM 1265 O  O   . HOH J 6 .   ? 14.111  -0.794  -9.251  1.00 16.91 ? 427 HOH A O   1 
HETATM 1266 O  O   . HOH J 6 .   ? -6.168  -1.703  15.041  1.00 26.87 ? 428 HOH A O   1 
HETATM 1267 O  O   . HOH J 6 .   ? 14.787  5.249   6.154   1.00 29.33 ? 429 HOH A O   1 
HETATM 1268 O  O   . HOH J 6 .   ? 0.570   2.586   -19.815 1.00 44.86 ? 430 HOH A O   1 
HETATM 1269 O  O   . HOH J 6 .   ? -13.210 -5.759  -14.739 1.00 31.88 ? 431 HOH A O   1 
HETATM 1270 O  O   . HOH J 6 .   ? 12.229  2.721   11.689  1.00 16.44 ? 432 HOH A O   1 
HETATM 1271 O  O   . HOH J 6 .   ? -7.623  7.453   -3.470  1.00 23.72 ? 433 HOH A O   1 
HETATM 1272 O  O   . HOH J 6 .   ? -10.101 -13.516 13.890  1.00 36.82 ? 434 HOH A O   1 
HETATM 1273 O  O   . HOH J 6 .   ? -4.055  2.127   9.473   1.00 18.26 ? 435 HOH A O   1 
HETATM 1274 O  O   . HOH J 6 .   ? -10.204 6.436   12.803  1.00 26.00 ? 436 HOH A O   1 
HETATM 1275 O  O   . HOH J 6 .   ? 5.668   7.687   12.786  1.00 14.35 ? 437 HOH A O   1 
HETATM 1276 O  O   . HOH J 6 .   ? 20.124  -1.192  -5.821  1.00 33.94 ? 438 HOH A O   1 
HETATM 1277 O  O   . HOH J 6 .   ? 1.606   9.543   -0.058  1.00 17.93 ? 439 HOH A O   1 
HETATM 1278 O  O   . HOH J 6 .   ? -8.077  -12.502 -5.423  1.00 41.54 ? 440 HOH A O   1 
HETATM 1279 O  O   . HOH J 6 .   ? -0.420  3.215   17.174  1.00 21.56 ? 441 HOH A O   1 
HETATM 1280 O  O   . HOH J 6 .   ? -12.149 -9.404  14.789  1.00 19.30 ? 442 HOH A O   1 
HETATM 1281 O  O   . HOH J 6 .   ? -17.815 4.617   -4.367  1.00 23.28 ? 443 HOH A O   1 
HETATM 1282 O  O   . HOH J 6 .   ? 7.841   0.980   -16.994 1.00 47.09 ? 444 HOH A O   1 
HETATM 1283 O  O   . HOH J 6 .   ? -1.973  -5.858  14.644  1.00 16.89 ? 445 HOH A O   1 
HETATM 1284 O  O   . HOH J 6 .   ? 8.213   -5.515  -14.833 1.00 26.46 ? 446 HOH A O   1 
HETATM 1285 O  O   . HOH J 6 .   ? 19.121  -6.782  -3.719  1.00 28.88 ? 447 HOH A O   1 
HETATM 1286 O  O   . HOH J 6 .   ? 7.954   6.270   12.245  1.00 16.88 ? 448 HOH A O   1 
HETATM 1287 O  O   . HOH J 6 .   ? -2.859  6.940   -21.539 1.00 40.36 ? 449 HOH A O   1 
HETATM 1288 O  O   . HOH J 6 .   ? -8.276  -10.177 -9.411  1.00 20.39 ? 450 HOH A O   1 
HETATM 1289 O  O   . HOH J 6 .   ? -9.270  7.627   -15.028 1.00 33.26 ? 451 HOH A O   1 
HETATM 1290 O  O   . HOH J 6 .   ? 15.593  3.744   8.720   1.00 34.39 ? 452 HOH A O   1 
HETATM 1291 O  O   . HOH J 6 .   ? -7.856  6.031   -1.053  1.00 17.02 ? 453 HOH A O   1 
HETATM 1292 O  O   . HOH J 6 .   ? -14.868 1.383   8.160   1.00 38.06 ? 454 HOH A O   1 
HETATM 1293 O  O   . HOH J 6 .   ? 15.776  3.748   0.278   1.00 23.50 ? 455 HOH A O   1 
HETATM 1294 O  O   . HOH J 6 .   ? 9.556   -11.037 6.916   1.00 31.98 ? 456 HOH A O   1 
HETATM 1295 O  O   . HOH J 6 .   ? 0.038   10.830  -10.915 1.00 25.68 ? 457 HOH A O   1 
HETATM 1296 O  O   . HOH J 6 .   ? -11.384 3.441   6.997   1.00 36.43 ? 458 HOH A O   1 
HETATM 1297 O  O   . HOH J 6 .   ? -5.319  20.298  5.838   1.00 32.69 ? 459 HOH A O   1 
HETATM 1298 O  O   . HOH J 6 .   ? -4.946  -2.014  11.028  1.00 14.37 ? 460 HOH A O   1 
HETATM 1299 O  O   . HOH J 6 .   ? -3.234  9.800   -4.058  1.00 25.43 ? 461 HOH A O   1 
HETATM 1300 O  O   . HOH J 6 .   ? 4.377   -10.297 -11.278 1.00 19.60 ? 462 HOH A O   1 
HETATM 1301 O  O   . HOH J 6 .   ? -7.402  -10.216 -11.918 1.00 39.62 ? 463 HOH A O   1 
HETATM 1302 O  O   . HOH J 6 .   ? -4.375  -4.849  19.907  1.00 38.15 ? 464 HOH A O   1 
HETATM 1303 O  O   . HOH J 6 .   ? 4.130   11.065  -0.376  1.00 20.32 ? 465 HOH A O   1 
HETATM 1304 O  O   . HOH J 6 .   ? -10.810 7.455   -3.823  1.00 33.72 ? 466 HOH A O   1 
HETATM 1305 O  O   . HOH J 6 .   ? 4.138   16.024  14.995  1.00 24.90 ? 467 HOH A O   1 
HETATM 1306 O  O   . HOH J 6 .   ? -10.874 3.851   -16.978 1.00 52.41 ? 468 HOH A O   1 
HETATM 1307 O  O   . HOH J 6 .   ? -20.867 1.414   -13.914 1.00 28.56 ? 469 HOH A O   1 
HETATM 1308 O  O   . HOH J 6 .   ? -10.658 6.569   8.062   1.00 29.49 ? 470 HOH A O   1 
HETATM 1309 O  O   . HOH J 6 .   ? 18.540  4.183   0.473   1.00 38.64 ? 471 HOH A O   1 
HETATM 1310 O  O   . HOH J 6 .   ? -5.565  0.709   11.431  1.00 20.32 ? 472 HOH A O   1 
HETATM 1311 O  O   . HOH J 6 .   ? -2.891  -3.349  16.467  1.00 27.31 ? 473 HOH A O   1 
HETATM 1312 O  O   . HOH J 6 .   ? 5.611   17.300  5.422   1.00 28.01 ? 474 HOH A O   1 
HETATM 1313 O  O   . HOH J 6 .   ? -9.810  -12.114 5.523   1.00 24.05 ? 475 HOH A O   1 
HETATM 1314 O  O   . HOH J 6 .   ? 4.065   5.907   17.281  1.00 26.98 ? 476 HOH A O   1 
HETATM 1315 O  O   . HOH J 6 .   ? -4.332  -14.491 4.220   1.00 51.73 ? 477 HOH A O   1 
HETATM 1316 O  O   . HOH J 6 .   ? 2.261   -10.702 -9.657  1.00 25.45 ? 478 HOH A O   1 
HETATM 1317 O  O   . HOH J 6 .   ? 18.090  -2.716  -1.951  1.00 20.92 ? 479 HOH A O   1 
HETATM 1318 O  O   . HOH J 6 .   ? 5.566   -9.635  -15.678 1.00 31.92 ? 480 HOH A O   1 
HETATM 1319 O  O   . HOH J 6 .   ? -2.988  9.401   -21.798 1.00 38.03 ? 481 HOH A O   1 
HETATM 1320 O  O   . HOH J 6 .   ? -11.674 8.376   -6.141  1.00 37.20 ? 482 HOH A O   1 
HETATM 1321 O  O   . HOH J 6 .   ? -8.157  6.711   14.834  1.00 27.45 ? 483 HOH A O   1 
HETATM 1322 O  O   . HOH J 6 .   ? -1.523  22.686  8.022   1.00 35.07 ? 484 HOH A O   1 
HETATM 1323 O  O   . HOH J 6 .   ? 5.664   9.294   14.956  1.00 25.12 ? 485 HOH A O   1 
HETATM 1324 O  O   . HOH J 6 .   ? 18.848  -3.634  0.505   1.00 33.59 ? 486 HOH A O   1 
HETATM 1325 O  O   . HOH J 6 .   ? -3.511  22.405  6.371   1.00 55.41 ? 487 HOH A O   1 
HETATM 1326 O  O   . HOH J 6 .   ? -15.443 3.277   0.019   1.00 50.13 ? 488 HOH A O   1 
HETATM 1327 O  O   . HOH J 6 .   ? -2.950  -15.264 2.168   1.00 32.18 ? 489 HOH A O   1 
HETATM 1328 O  O   . HOH J 6 .   ? 3.750   -10.498 -13.773 1.00 24.84 ? 490 HOH A O   1 
HETATM 1329 O  O   . HOH J 6 .   ? 1.452   2.527   21.339  1.00 44.36 ? 491 HOH A O   1 
HETATM 1330 O  O   . HOH J 6 .   ? -10.072 5.916   5.604   1.00 37.84 ? 492 HOH A O   1 
HETATM 1331 O  O   . HOH J 6 .   ? -9.756  -14.678 9.947   1.00 31.14 ? 493 HOH A O   1 
HETATM 1332 O  O   . HOH J 6 .   ? 11.698  9.175   -13.424 1.00 31.15 ? 494 HOH A O   1 
HETATM 1333 O  O   . HOH J 6 .   ? -2.356  10.781  -12.341 1.00 28.47 ? 495 HOH A O   1 
HETATM 1334 O  O   . HOH J 6 .   ? -0.581  -7.154  -17.358 1.00 46.47 ? 496 HOH A O   1 
HETATM 1335 O  O   . HOH J 6 .   ? -2.049  -11.610 -11.323 1.00 36.35 ? 497 HOH A O   1 
HETATM 1336 O  O   . HOH J 6 .   ? -0.608  -11.673 -7.281  1.00 43.57 ? 498 HOH A O   1 
HETATM 1337 O  O   . HOH J 6 .   ? -5.920  11.745  -20.615 1.00 50.81 ? 499 HOH A O   1 
HETATM 1338 O  O   . HOH J 6 .   ? -1.970  -20.619 15.421  1.00 43.93 ? 500 HOH A O   1 
HETATM 1339 O  O   . HOH J 6 .   ? 8.151   -9.977  -1.704  1.00 22.87 ? 501 HOH A O   1 
HETATM 1340 O  O   . HOH J 6 .   ? 20.278  -1.390  -2.987  1.00 35.09 ? 502 HOH A O   1 
HETATM 1341 O  O   . HOH J 6 .   ? -5.482  2.527   15.820  1.00 36.85 ? 503 HOH A O   1 
HETATM 1342 O  O   . HOH J 6 .   ? -7.736  7.837   -11.408 1.00 39.60 ? 504 HOH A O   1 
HETATM 1343 O  O   . HOH J 6 .   ? -5.919  8.975   -12.985 1.00 29.71 ? 505 HOH A O   1 
HETATM 1344 O  O   . HOH J 6 .   ? -6.351  0.785   13.915  1.00 26.94 ? 506 HOH A O   1 
HETATM 1345 O  O   . HOH J 6 .   ? -5.279  -1.903  17.444  1.00 38.97 ? 507 HOH A O   1 
HETATM 1346 O  O   . HOH J 6 .   ? -14.722 7.481   8.165   1.00 43.53 ? 508 HOH A O   1 
HETATM 1347 O  O   . HOH J 6 .   ? 1.511   -4.889  16.491  1.00 17.07 ? 509 HOH A O   1 
HETATM 1348 O  O   . HOH J 6 .   ? -13.597 -3.788  2.254   1.00 23.81 ? 510 HOH A O   1 
HETATM 1349 O  O   . HOH J 6 .   ? 2.062   -7.221  14.939  1.00 14.65 ? 511 HOH A O   1 
HETATM 1350 O  O   . HOH J 6 .   ? 10.751  -10.424 0.238   1.00 30.65 ? 512 HOH A O   1 
HETATM 1351 O  O   . HOH J 6 .   ? 7.942   10.853  15.677  1.00 33.40 ? 513 HOH A O   1 
HETATM 1352 O  O   . HOH J 6 .   ? -14.787 6.500   -1.179  1.00 41.72 ? 514 HOH A O   1 
HETATM 1353 O  O   . HOH J 6 .   ? -6.831  -2.254  -17.897 1.00 42.85 ? 515 HOH A O   1 
HETATM 1354 O  O   . HOH J 6 .   ? 1.709   20.789  7.131   1.00 45.27 ? 516 HOH A O   1 
HETATM 1355 O  O   . HOH J 6 .   ? -10.150 6.951   0.090   1.00 24.75 ? 517 HOH A O   1 
HETATM 1356 O  O   . HOH J 6 .   ? -5.312  0.973   18.053  1.00 40.10 ? 518 HOH A O   1 
HETATM 1357 O  O   . HOH J 6 .   ? -9.233  -5.962  19.134  1.00 38.99 ? 519 HOH A O   1 
HETATM 1358 O  O   . HOH J 6 .   ? 11.235  9.515   12.944  1.00 38.94 ? 520 HOH A O   1 
HETATM 1359 O  O   . HOH J 6 .   ? 1.571   20.217  10.668  1.00 30.41 ? 521 HOH A O   1 
HETATM 1360 O  O   . HOH J 6 .   ? -10.827 -9.361  17.287  1.00 31.96 ? 522 HOH A O   1 
HETATM 1361 O  O   . HOH J 6 .   ? -6.280  -3.588  19.201  1.00 39.82 ? 523 HOH A O   1 
HETATM 1362 O  O   . HOH J 6 .   ? 0.297   -10.074 -16.882 1.00 41.87 ? 524 HOH A O   1 
HETATM 1363 O  O   . HOH J 6 .   ? 20.004  5.998   -8.043  1.00 40.84 ? 525 HOH A O   1 
HETATM 1364 O  O   . HOH J 6 .   ? -11.020 7.551   2.748   1.00 34.93 ? 526 HOH A O   1 
HETATM 1365 O  O   . HOH J 6 .   ? -19.548 1.012   -16.208 1.00 34.83 ? 527 HOH A O   1 
HETATM 1366 O  O   . HOH J 6 .   ? 1.495   -11.483 -14.646 1.00 33.23 ? 528 HOH A O   1 
HETATM 1367 O  O   . HOH J 6 .   ? 11.647  11.635  11.869  1.00 37.51 ? 529 HOH A O   1 
HETATM 1368 O  O   . HOH J 6 .   ? -2.217  -18.346 8.294   1.00 47.14 ? 530 HOH A O   1 
HETATM 1369 O  O   . HOH J 6 .   ? 0.800   10.579  -25.410 1.00 49.02 ? 531 HOH A O   1 
HETATM 1370 O  O   . HOH J 6 .   ? 9.986   13.342  12.765  1.00 42.40 ? 532 HOH A O   1 
HETATM 1371 O  O   . HOH J 6 .   ? -3.880  -17.184 6.610   1.00 41.05 ? 533 HOH A O   1 
HETATM 1372 O  O   . HOH J 6 .   ? -12.580 6.263   4.497   1.00 31.84 ? 534 HOH A O   1 
HETATM 1373 O  O   . HOH J 6 .   ? -1.345  -20.183 5.733   1.00 41.72 ? 535 HOH A O   1 
# 
